data_3IC6
# 
_entry.id   3IC6 
# 
_audit_conform.dict_name       mmcif_pdbx.dic 
_audit_conform.dict_version    5.397 
_audit_conform.dict_location   http://mmcif.pdb.org/dictionaries/ascii/mmcif_pdbx.dic 
# 
loop_
_database_2.database_id 
_database_2.database_code 
_database_2.pdbx_database_accession 
_database_2.pdbx_DOI 
PDB   3IC6         pdb_00003ic6 10.2210/pdb3ic6/pdb 
RCSB  RCSB054229   ?            ?                   
WWPDB D_1000054229 ?            ?                   
# 
loop_
_pdbx_audit_revision_history.ordinal 
_pdbx_audit_revision_history.data_content_type 
_pdbx_audit_revision_history.major_revision 
_pdbx_audit_revision_history.minor_revision 
_pdbx_audit_revision_history.revision_date 
1 'Structure model' 1 0 2009-08-04 
2 'Structure model' 1 1 2011-07-13 
3 'Structure model' 1 2 2017-11-01 
4 'Structure model' 1 3 2024-10-30 
# 
_pdbx_audit_revision_details.ordinal             1 
_pdbx_audit_revision_details.revision_ordinal    1 
_pdbx_audit_revision_details.data_content_type   'Structure model' 
_pdbx_audit_revision_details.provider            repository 
_pdbx_audit_revision_details.type                'Initial release' 
_pdbx_audit_revision_details.description         ? 
_pdbx_audit_revision_details.details             ? 
# 
loop_
_pdbx_audit_revision_group.ordinal 
_pdbx_audit_revision_group.revision_ordinal 
_pdbx_audit_revision_group.data_content_type 
_pdbx_audit_revision_group.group 
1 2 'Structure model' Advisory                    
2 2 'Structure model' 'Refinement description'    
3 2 'Structure model' 'Version format compliance' 
4 3 'Structure model' 'Refinement description'    
5 4 'Structure model' 'Data collection'           
6 4 'Structure model' 'Database references'       
7 4 'Structure model' 'Derived calculations'      
8 4 'Structure model' 'Structure summary'         
# 
loop_
_pdbx_audit_revision_category.ordinal 
_pdbx_audit_revision_category.revision_ordinal 
_pdbx_audit_revision_category.data_content_type 
_pdbx_audit_revision_category.category 
1 3 'Structure model' software                  
2 4 'Structure model' chem_comp_atom            
3 4 'Structure model' chem_comp_bond            
4 4 'Structure model' database_2                
5 4 'Structure model' pdbx_entry_details        
6 4 'Structure model' pdbx_modification_feature 
7 4 'Structure model' struct_conn               
# 
loop_
_pdbx_audit_revision_item.ordinal 
_pdbx_audit_revision_item.revision_ordinal 
_pdbx_audit_revision_item.data_content_type 
_pdbx_audit_revision_item.item 
1  4 'Structure model' '_database_2.pdbx_DOI'                
2  4 'Structure model' '_database_2.pdbx_database_accession' 
3  4 'Structure model' '_struct_conn.pdbx_dist_value'        
4  4 'Structure model' '_struct_conn.pdbx_leaving_atom_flag' 
5  4 'Structure model' '_struct_conn.ptnr1_auth_comp_id'     
6  4 'Structure model' '_struct_conn.ptnr1_auth_seq_id'      
7  4 'Structure model' '_struct_conn.ptnr1_label_comp_id'    
8  4 'Structure model' '_struct_conn.ptnr1_label_seq_id'     
9  4 'Structure model' '_struct_conn.ptnr2_auth_comp_id'     
10 4 'Structure model' '_struct_conn.ptnr2_auth_seq_id'      
11 4 'Structure model' '_struct_conn.ptnr2_label_comp_id'    
12 4 'Structure model' '_struct_conn.ptnr2_label_seq_id'     
# 
_pdbx_database_status.status_code                     REL 
_pdbx_database_status.entry_id                        3IC6 
_pdbx_database_status.recvd_initial_deposition_date   2009-07-17 
_pdbx_database_status.deposit_site                    RCSB 
_pdbx_database_status.process_site                    RCSB 
_pdbx_database_status.status_code_sf                  REL 
_pdbx_database_status.status_code_mr                  ? 
_pdbx_database_status.SG_entry                        Y 
_pdbx_database_status.pdb_format_compatible           Y 
_pdbx_database_status.status_code_cs                  ? 
_pdbx_database_status.methods_development_category    ? 
_pdbx_database_status.status_code_nmr_data            ? 
# 
_pdbx_database_related.db_name        TargetDB 
_pdbx_database_related.db_id          APC63422.1 
_pdbx_database_related.details        . 
_pdbx_database_related.content_type   unspecified 
# 
loop_
_audit_author.name 
_audit_author.pdbx_ordinal 
'Chang, C.'                                     1 
'Marshall, N.'                                  2 
'Cobb, G.'                                      3 
'Joachimiak, A.'                                4 
'Midwest Center for Structural Genomics (MCSG)' 5 
# 
_citation.id                        primary 
_citation.title                     'Crystal structure of putative methylase family protein from Neisseria gonorrhoeae' 
_citation.journal_abbrev            'To be Published' 
_citation.journal_volume            ? 
_citation.page_first                ? 
_citation.page_last                 ? 
_citation.year                      ? 
_citation.journal_id_ASTM           ? 
_citation.country                   ? 
_citation.journal_id_ISSN           ? 
_citation.journal_id_CSD            0353 
_citation.book_publisher            ? 
_citation.pdbx_database_id_PubMed   ? 
_citation.pdbx_database_id_DOI      ? 
# 
loop_
_citation_author.citation_id 
_citation_author.name 
_citation_author.ordinal 
_citation_author.identifier_ORCID 
primary 'Chang, C.'      1 ? 
primary 'Marshall, N.'   2 ? 
primary 'Cobb, G.'       3 ? 
primary 'Joachimiak, A.' 4 ? 
# 
loop_
_entity.id 
_entity.type 
_entity.src_method 
_entity.pdbx_description 
_entity.formula_weight 
_entity.pdbx_number_of_molecules 
_entity.pdbx_ec 
_entity.pdbx_mutation 
_entity.pdbx_fragment 
_entity.details 
1 polymer man 'Putative methylase family protein' 24691.674 1  ? ? ? ? 
2 water   nat water                               18.015    53 ? ? ? ? 
# 
_entity_poly.entity_id                      1 
_entity_poly.type                           'polypeptide(L)' 
_entity_poly.nstd_linkage                   no 
_entity_poly.nstd_monomer                   yes 
_entity_poly.pdbx_seq_one_letter_code       
;SNA(MSE)TALKPALPDYLGNIRIILTRTSHPANIGSAARA(MSE)KT(MSE)GLHRLTIVTPNL(MSE)ATP(MSE)TE
NPPVFNPDDVQSFALPEESFILASGAADVLHNAEIVATLDEALADTTIACALTSRRREITAPLQTPRDLVPELLQAANRG
EKVALVFGNETFGLSIEEVRACNRL(MSE)TINGNPDYFSLNLAQAVQVVCYEIFSQTDSP(MSE)THLQQEDHAATHEQ
IKG(MSE)LAH(MSE)ESV
;
_entity_poly.pdbx_seq_one_letter_code_can   
;SNAMTALKPALPDYLGNIRIILTRTSHPANIGSAARAMKTMGLHRLTIVTPNLMATPMTENPPVFNPDDVQSFALPEESF
ILASGAADVLHNAEIVATLDEALADTTIACALTSRRREITAPLQTPRDLVPELLQAANRGEKVALVFGNETFGLSIEEVR
ACNRLMTINGNPDYFSLNLAQAVQVVCYEIFSQTDSPMTHLQQEDHAATHEQIKGMLAHMESV
;
_entity_poly.pdbx_strand_id                 A 
_entity_poly.pdbx_target_identifier         APC63422.1 
# 
_pdbx_entity_nonpoly.entity_id   2 
_pdbx_entity_nonpoly.name        water 
_pdbx_entity_nonpoly.comp_id     HOH 
# 
loop_
_entity_poly_seq.entity_id 
_entity_poly_seq.num 
_entity_poly_seq.mon_id 
_entity_poly_seq.hetero 
1 1   SER n 
1 2   ASN n 
1 3   ALA n 
1 4   MSE n 
1 5   THR n 
1 6   ALA n 
1 7   LEU n 
1 8   LYS n 
1 9   PRO n 
1 10  ALA n 
1 11  LEU n 
1 12  PRO n 
1 13  ASP n 
1 14  TYR n 
1 15  LEU n 
1 16  GLY n 
1 17  ASN n 
1 18  ILE n 
1 19  ARG n 
1 20  ILE n 
1 21  ILE n 
1 22  LEU n 
1 23  THR n 
1 24  ARG n 
1 25  THR n 
1 26  SER n 
1 27  HIS n 
1 28  PRO n 
1 29  ALA n 
1 30  ASN n 
1 31  ILE n 
1 32  GLY n 
1 33  SER n 
1 34  ALA n 
1 35  ALA n 
1 36  ARG n 
1 37  ALA n 
1 38  MSE n 
1 39  LYS n 
1 40  THR n 
1 41  MSE n 
1 42  GLY n 
1 43  LEU n 
1 44  HIS n 
1 45  ARG n 
1 46  LEU n 
1 47  THR n 
1 48  ILE n 
1 49  VAL n 
1 50  THR n 
1 51  PRO n 
1 52  ASN n 
1 53  LEU n 
1 54  MSE n 
1 55  ALA n 
1 56  THR n 
1 57  PRO n 
1 58  MSE n 
1 59  THR n 
1 60  GLU n 
1 61  ASN n 
1 62  PRO n 
1 63  PRO n 
1 64  VAL n 
1 65  PHE n 
1 66  ASN n 
1 67  PRO n 
1 68  ASP n 
1 69  ASP n 
1 70  VAL n 
1 71  GLN n 
1 72  SER n 
1 73  PHE n 
1 74  ALA n 
1 75  LEU n 
1 76  PRO n 
1 77  GLU n 
1 78  GLU n 
1 79  SER n 
1 80  PHE n 
1 81  ILE n 
1 82  LEU n 
1 83  ALA n 
1 84  SER n 
1 85  GLY n 
1 86  ALA n 
1 87  ALA n 
1 88  ASP n 
1 89  VAL n 
1 90  LEU n 
1 91  HIS n 
1 92  ASN n 
1 93  ALA n 
1 94  GLU n 
1 95  ILE n 
1 96  VAL n 
1 97  ALA n 
1 98  THR n 
1 99  LEU n 
1 100 ASP n 
1 101 GLU n 
1 102 ALA n 
1 103 LEU n 
1 104 ALA n 
1 105 ASP n 
1 106 THR n 
1 107 THR n 
1 108 ILE n 
1 109 ALA n 
1 110 CYS n 
1 111 ALA n 
1 112 LEU n 
1 113 THR n 
1 114 SER n 
1 115 ARG n 
1 116 ARG n 
1 117 ARG n 
1 118 GLU n 
1 119 ILE n 
1 120 THR n 
1 121 ALA n 
1 122 PRO n 
1 123 LEU n 
1 124 GLN n 
1 125 THR n 
1 126 PRO n 
1 127 ARG n 
1 128 ASP n 
1 129 LEU n 
1 130 VAL n 
1 131 PRO n 
1 132 GLU n 
1 133 LEU n 
1 134 LEU n 
1 135 GLN n 
1 136 ALA n 
1 137 ALA n 
1 138 ASN n 
1 139 ARG n 
1 140 GLY n 
1 141 GLU n 
1 142 LYS n 
1 143 VAL n 
1 144 ALA n 
1 145 LEU n 
1 146 VAL n 
1 147 PHE n 
1 148 GLY n 
1 149 ASN n 
1 150 GLU n 
1 151 THR n 
1 152 PHE n 
1 153 GLY n 
1 154 LEU n 
1 155 SER n 
1 156 ILE n 
1 157 GLU n 
1 158 GLU n 
1 159 VAL n 
1 160 ARG n 
1 161 ALA n 
1 162 CYS n 
1 163 ASN n 
1 164 ARG n 
1 165 LEU n 
1 166 MSE n 
1 167 THR n 
1 168 ILE n 
1 169 ASN n 
1 170 GLY n 
1 171 ASN n 
1 172 PRO n 
1 173 ASP n 
1 174 TYR n 
1 175 PHE n 
1 176 SER n 
1 177 LEU n 
1 178 ASN n 
1 179 LEU n 
1 180 ALA n 
1 181 GLN n 
1 182 ALA n 
1 183 VAL n 
1 184 GLN n 
1 185 VAL n 
1 186 VAL n 
1 187 CYS n 
1 188 TYR n 
1 189 GLU n 
1 190 ILE n 
1 191 PHE n 
1 192 SER n 
1 193 GLN n 
1 194 THR n 
1 195 ASP n 
1 196 SER n 
1 197 PRO n 
1 198 MSE n 
1 199 THR n 
1 200 HIS n 
1 201 LEU n 
1 202 GLN n 
1 203 GLN n 
1 204 GLU n 
1 205 ASP n 
1 206 HIS n 
1 207 ALA n 
1 208 ALA n 
1 209 THR n 
1 210 HIS n 
1 211 GLU n 
1 212 GLN n 
1 213 ILE n 
1 214 LYS n 
1 215 GLY n 
1 216 MSE n 
1 217 LEU n 
1 218 ALA n 
1 219 HIS n 
1 220 MSE n 
1 221 GLU n 
1 222 SER n 
1 223 VAL n 
# 
_entity_src_gen.entity_id                          1 
_entity_src_gen.pdbx_src_id                        1 
_entity_src_gen.pdbx_alt_source_flag               sample 
_entity_src_gen.pdbx_seq_type                      ? 
_entity_src_gen.pdbx_beg_seq_num                   ? 
_entity_src_gen.pdbx_end_seq_num                   ? 
_entity_src_gen.gene_src_common_name               ? 
_entity_src_gen.gene_src_genus                     ? 
_entity_src_gen.pdbx_gene_src_gene                 NGO0670 
_entity_src_gen.gene_src_species                   ? 
_entity_src_gen.gene_src_strain                    ? 
_entity_src_gen.gene_src_tissue                    ? 
_entity_src_gen.gene_src_tissue_fraction           ? 
_entity_src_gen.gene_src_details                   ? 
_entity_src_gen.pdbx_gene_src_fragment             ? 
_entity_src_gen.pdbx_gene_src_scientific_name      'Neisseria gonorrhoeae FA 1090' 
_entity_src_gen.pdbx_gene_src_ncbi_taxonomy_id     242231 
_entity_src_gen.pdbx_gene_src_variant              ? 
_entity_src_gen.pdbx_gene_src_cell_line            ? 
_entity_src_gen.pdbx_gene_src_atcc                 ? 
_entity_src_gen.pdbx_gene_src_organ                ? 
_entity_src_gen.pdbx_gene_src_organelle            ? 
_entity_src_gen.pdbx_gene_src_cell                 ? 
_entity_src_gen.pdbx_gene_src_cellular_location    ? 
_entity_src_gen.host_org_common_name               ? 
_entity_src_gen.pdbx_host_org_scientific_name      'Escherichia coli BL21(DE3)' 
_entity_src_gen.pdbx_host_org_ncbi_taxonomy_id     469008 
_entity_src_gen.host_org_genus                     ? 
_entity_src_gen.pdbx_host_org_gene                 ? 
_entity_src_gen.pdbx_host_org_organ                ? 
_entity_src_gen.host_org_species                   ? 
_entity_src_gen.pdbx_host_org_tissue               ? 
_entity_src_gen.pdbx_host_org_tissue_fraction      ? 
_entity_src_gen.pdbx_host_org_strain               'BL21(DE3)magic' 
_entity_src_gen.pdbx_host_org_variant              ? 
_entity_src_gen.pdbx_host_org_cell_line            ? 
_entity_src_gen.pdbx_host_org_atcc                 ? 
_entity_src_gen.pdbx_host_org_culture_collection   ? 
_entity_src_gen.pdbx_host_org_cell                 ? 
_entity_src_gen.pdbx_host_org_organelle            ? 
_entity_src_gen.pdbx_host_org_cellular_location    ? 
_entity_src_gen.pdbx_host_org_vector_type          plasmid 
_entity_src_gen.pdbx_host_org_vector               ? 
_entity_src_gen.host_org_details                   ? 
_entity_src_gen.expression_system_id               ? 
_entity_src_gen.plasmid_name                       pMCSG19 
_entity_src_gen.plasmid_details                    ? 
_entity_src_gen.pdbx_description                   ? 
# 
loop_
_chem_comp.id 
_chem_comp.type 
_chem_comp.mon_nstd_flag 
_chem_comp.name 
_chem_comp.pdbx_synonyms 
_chem_comp.formula 
_chem_comp.formula_weight 
ALA 'L-peptide linking' y ALANINE          ? 'C3 H7 N O2'     89.093  
ARG 'L-peptide linking' y ARGININE         ? 'C6 H15 N4 O2 1' 175.209 
ASN 'L-peptide linking' y ASPARAGINE       ? 'C4 H8 N2 O3'    132.118 
ASP 'L-peptide linking' y 'ASPARTIC ACID'  ? 'C4 H7 N O4'     133.103 
CYS 'L-peptide linking' y CYSTEINE         ? 'C3 H7 N O2 S'   121.158 
GLN 'L-peptide linking' y GLUTAMINE        ? 'C5 H10 N2 O3'   146.144 
GLU 'L-peptide linking' y 'GLUTAMIC ACID'  ? 'C5 H9 N O4'     147.129 
GLY 'peptide linking'   y GLYCINE          ? 'C2 H5 N O2'     75.067  
HIS 'L-peptide linking' y HISTIDINE        ? 'C6 H10 N3 O2 1' 156.162 
HOH non-polymer         . WATER            ? 'H2 O'           18.015  
ILE 'L-peptide linking' y ISOLEUCINE       ? 'C6 H13 N O2'    131.173 
LEU 'L-peptide linking' y LEUCINE          ? 'C6 H13 N O2'    131.173 
LYS 'L-peptide linking' y LYSINE           ? 'C6 H15 N2 O2 1' 147.195 
MSE 'L-peptide linking' n SELENOMETHIONINE ? 'C5 H11 N O2 Se' 196.106 
PHE 'L-peptide linking' y PHENYLALANINE    ? 'C9 H11 N O2'    165.189 
PRO 'L-peptide linking' y PROLINE          ? 'C5 H9 N O2'     115.130 
SER 'L-peptide linking' y SERINE           ? 'C3 H7 N O3'     105.093 
THR 'L-peptide linking' y THREONINE        ? 'C4 H9 N O3'     119.119 
TYR 'L-peptide linking' y TYROSINE         ? 'C9 H11 N O3'    181.189 
VAL 'L-peptide linking' y VALINE           ? 'C5 H11 N O2'    117.146 
# 
loop_
_pdbx_poly_seq_scheme.asym_id 
_pdbx_poly_seq_scheme.entity_id 
_pdbx_poly_seq_scheme.seq_id 
_pdbx_poly_seq_scheme.mon_id 
_pdbx_poly_seq_scheme.ndb_seq_num 
_pdbx_poly_seq_scheme.pdb_seq_num 
_pdbx_poly_seq_scheme.auth_seq_num 
_pdbx_poly_seq_scheme.pdb_mon_id 
_pdbx_poly_seq_scheme.auth_mon_id 
_pdbx_poly_seq_scheme.pdb_strand_id 
_pdbx_poly_seq_scheme.pdb_ins_code 
_pdbx_poly_seq_scheme.hetero 
A 1 1   SER 1   -2  ?   ?   ?   A . n 
A 1 2   ASN 2   -1  ?   ?   ?   A . n 
A 1 3   ALA 3   0   ?   ?   ?   A . n 
A 1 4   MSE 4   1   ?   ?   ?   A . n 
A 1 5   THR 5   2   ?   ?   ?   A . n 
A 1 6   ALA 6   3   ?   ?   ?   A . n 
A 1 7   LEU 7   4   4   LEU LEU A . n 
A 1 8   LYS 8   5   5   LYS LYS A . n 
A 1 9   PRO 9   6   6   PRO PRO A . n 
A 1 10  ALA 10  7   7   ALA ALA A . n 
A 1 11  LEU 11  8   8   LEU LEU A . n 
A 1 12  PRO 12  9   9   PRO PRO A . n 
A 1 13  ASP 13  10  10  ASP ASP A . n 
A 1 14  TYR 14  11  11  TYR TYR A . n 
A 1 15  LEU 15  12  12  LEU LEU A . n 
A 1 16  GLY 16  13  13  GLY GLY A . n 
A 1 17  ASN 17  14  14  ASN ASN A . n 
A 1 18  ILE 18  15  15  ILE ILE A . n 
A 1 19  ARG 19  16  16  ARG ARG A . n 
A 1 20  ILE 20  17  17  ILE ILE A . n 
A 1 21  ILE 21  18  18  ILE ILE A . n 
A 1 22  LEU 22  19  19  LEU LEU A . n 
A 1 23  THR 23  20  20  THR THR A . n 
A 1 24  ARG 24  21  21  ARG ARG A . n 
A 1 25  THR 25  22  22  THR THR A . n 
A 1 26  SER 26  23  23  SER SER A . n 
A 1 27  HIS 27  24  24  HIS HIS A . n 
A 1 28  PRO 28  25  25  PRO PRO A . n 
A 1 29  ALA 29  26  26  ALA ALA A . n 
A 1 30  ASN 30  27  27  ASN ASN A . n 
A 1 31  ILE 31  28  28  ILE ILE A . n 
A 1 32  GLY 32  29  29  GLY GLY A . n 
A 1 33  SER 33  30  30  SER SER A . n 
A 1 34  ALA 34  31  31  ALA ALA A . n 
A 1 35  ALA 35  32  32  ALA ALA A . n 
A 1 36  ARG 36  33  33  ARG ARG A . n 
A 1 37  ALA 37  34  34  ALA ALA A . n 
A 1 38  MSE 38  35  35  MSE MSE A . n 
A 1 39  LYS 39  36  36  LYS LYS A . n 
A 1 40  THR 40  37  37  THR THR A . n 
A 1 41  MSE 41  38  38  MSE MSE A . n 
A 1 42  GLY 42  39  39  GLY GLY A . n 
A 1 43  LEU 43  40  40  LEU LEU A . n 
A 1 44  HIS 44  41  41  HIS HIS A . n 
A 1 45  ARG 45  42  42  ARG ARG A . n 
A 1 46  LEU 46  43  43  LEU LEU A . n 
A 1 47  THR 47  44  44  THR THR A . n 
A 1 48  ILE 48  45  45  ILE ILE A . n 
A 1 49  VAL 49  46  46  VAL VAL A . n 
A 1 50  THR 50  47  47  THR THR A . n 
A 1 51  PRO 51  48  48  PRO PRO A . n 
A 1 52  ASN 52  49  49  ASN ASN A . n 
A 1 53  LEU 53  50  50  LEU LEU A . n 
A 1 54  MSE 54  51  51  MSE MSE A . n 
A 1 55  ALA 55  52  52  ALA ALA A . n 
A 1 56  THR 56  53  53  THR THR A . n 
A 1 57  PRO 57  54  54  PRO PRO A . n 
A 1 58  MSE 58  55  55  MSE MSE A . n 
A 1 59  THR 59  56  56  THR THR A . n 
A 1 60  GLU 60  57  57  GLU ALA A . n 
A 1 61  ASN 61  58  58  ASN ASN A . n 
A 1 62  PRO 62  59  59  PRO PRO A . n 
A 1 63  PRO 63  60  60  PRO PRO A . n 
A 1 64  VAL 64  61  61  VAL VAL A . n 
A 1 65  PHE 65  62  62  PHE PHE A . n 
A 1 66  ASN 66  63  63  ASN ASN A . n 
A 1 67  PRO 67  64  64  PRO PRO A . n 
A 1 68  ASP 68  65  65  ASP ASP A . n 
A 1 69  ASP 69  66  66  ASP ASP A . n 
A 1 70  VAL 70  67  67  VAL VAL A . n 
A 1 71  GLN 71  68  68  GLN ALA A . n 
A 1 72  SER 72  69  69  SER SER A . n 
A 1 73  PHE 73  70  70  PHE PHE A . n 
A 1 74  ALA 74  71  71  ALA ALA A . n 
A 1 75  LEU 75  72  72  LEU LEU A . n 
A 1 76  PRO 76  73  73  PRO PRO A . n 
A 1 77  GLU 77  74  74  GLU GLU A . n 
A 1 78  GLU 78  75  75  GLU GLU A . n 
A 1 79  SER 79  76  76  SER SER A . n 
A 1 80  PHE 80  77  77  PHE PHE A . n 
A 1 81  ILE 81  78  78  ILE ILE A . n 
A 1 82  LEU 82  79  79  LEU LEU A . n 
A 1 83  ALA 83  80  80  ALA ALA A . n 
A 1 84  SER 84  81  81  SER SER A . n 
A 1 85  GLY 85  82  82  GLY GLY A . n 
A 1 86  ALA 86  83  83  ALA ALA A . n 
A 1 87  ALA 87  84  84  ALA ALA A . n 
A 1 88  ASP 88  85  85  ASP ASP A . n 
A 1 89  VAL 89  86  86  VAL VAL A . n 
A 1 90  LEU 90  87  87  LEU LEU A . n 
A 1 91  HIS 91  88  88  HIS HIS A . n 
A 1 92  ASN 92  89  89  ASN ASN A . n 
A 1 93  ALA 93  90  90  ALA ALA A . n 
A 1 94  GLU 94  91  91  GLU GLU A . n 
A 1 95  ILE 95  92  92  ILE ILE A . n 
A 1 96  VAL 96  93  93  VAL VAL A . n 
A 1 97  ALA 97  94  94  ALA ALA A . n 
A 1 98  THR 98  95  95  THR THR A . n 
A 1 99  LEU 99  96  96  LEU LEU A . n 
A 1 100 ASP 100 97  97  ASP ASP A . n 
A 1 101 GLU 101 98  98  GLU GLU A . n 
A 1 102 ALA 102 99  99  ALA ALA A . n 
A 1 103 LEU 103 100 100 LEU LEU A . n 
A 1 104 ALA 104 101 101 ALA ALA A . n 
A 1 105 ASP 105 102 102 ASP ASP A . n 
A 1 106 THR 106 103 103 THR THR A . n 
A 1 107 THR 107 104 104 THR THR A . n 
A 1 108 ILE 108 105 105 ILE ILE A . n 
A 1 109 ALA 109 106 106 ALA ALA A . n 
A 1 110 CYS 110 107 107 CYS CYS A . n 
A 1 111 ALA 111 108 108 ALA ALA A . n 
A 1 112 LEU 112 109 109 LEU LEU A . n 
A 1 113 THR 113 110 110 THR THR A . n 
A 1 114 SER 114 111 111 SER SER A . n 
A 1 115 ARG 115 112 112 ARG ALA A . n 
A 1 116 ARG 116 113 113 ARG ALA A . n 
A 1 117 ARG 117 114 114 ARG ARG A . n 
A 1 118 GLU 118 115 ?   ?   ?   A . n 
A 1 119 ILE 119 116 ?   ?   ?   A . n 
A 1 120 THR 120 117 117 THR THR A . n 
A 1 121 ALA 121 118 118 ALA ALA A . n 
A 1 122 PRO 122 119 119 PRO PRO A . n 
A 1 123 LEU 123 120 120 LEU LEU A . n 
A 1 124 GLN 124 121 121 GLN GLN A . n 
A 1 125 THR 125 122 122 THR THR A . n 
A 1 126 PRO 126 123 123 PRO PRO A . n 
A 1 127 ARG 127 124 124 ARG ARG A . n 
A 1 128 ASP 128 125 125 ASP ASP A . n 
A 1 129 LEU 129 126 126 LEU LEU A . n 
A 1 130 VAL 130 127 127 VAL VAL A . n 
A 1 131 PRO 131 128 128 PRO PRO A . n 
A 1 132 GLU 132 129 129 GLU GLU A . n 
A 1 133 LEU 133 130 130 LEU LEU A . n 
A 1 134 LEU 134 131 131 LEU LEU A . n 
A 1 135 GLN 135 132 132 GLN GLN A . n 
A 1 136 ALA 136 133 133 ALA ALA A . n 
A 1 137 ALA 137 134 134 ALA ALA A . n 
A 1 138 ASN 138 135 135 ASN ASN A . n 
A 1 139 ARG 139 136 136 ARG ARG A . n 
A 1 140 GLY 140 137 137 GLY GLY A . n 
A 1 141 GLU 141 138 138 GLU GLU A . n 
A 1 142 LYS 142 139 139 LYS LYS A . n 
A 1 143 VAL 143 140 140 VAL VAL A . n 
A 1 144 ALA 144 141 141 ALA ALA A . n 
A 1 145 LEU 145 142 142 LEU LEU A . n 
A 1 146 VAL 146 143 143 VAL VAL A . n 
A 1 147 PHE 147 144 144 PHE PHE A . n 
A 1 148 GLY 148 145 145 GLY GLY A . n 
A 1 149 ASN 149 146 146 ASN ASN A . n 
A 1 150 GLU 150 147 147 GLU GLU A . n 
A 1 151 THR 151 148 148 THR THR A . n 
A 1 152 PHE 152 149 149 PHE PHE A . n 
A 1 153 GLY 153 150 150 GLY GLY A . n 
A 1 154 LEU 154 151 151 LEU LEU A . n 
A 1 155 SER 155 152 152 SER SER A . n 
A 1 156 ILE 156 153 153 ILE ILE A . n 
A 1 157 GLU 157 154 154 GLU GLU A . n 
A 1 158 GLU 158 155 155 GLU GLU A . n 
A 1 159 VAL 159 156 156 VAL VAL A . n 
A 1 160 ARG 160 157 157 ARG ARG A . n 
A 1 161 ALA 161 158 158 ALA ALA A . n 
A 1 162 CYS 162 159 159 CYS CYS A . n 
A 1 163 ASN 163 160 160 ASN ASN A . n 
A 1 164 ARG 164 161 161 ARG ARG A . n 
A 1 165 LEU 165 162 162 LEU LEU A . n 
A 1 166 MSE 166 163 163 MSE MSE A . n 
A 1 167 THR 167 164 164 THR THR A . n 
A 1 168 ILE 168 165 165 ILE ILE A . n 
A 1 169 ASN 169 166 166 ASN ASN A . n 
A 1 170 GLY 170 167 167 GLY GLY A . n 
A 1 171 ASN 171 168 168 ASN ASN A . n 
A 1 172 PRO 172 169 169 PRO PRO A . n 
A 1 173 ASP 173 170 170 ASP ASP A . n 
A 1 174 TYR 174 171 171 TYR TYR A . n 
A 1 175 PHE 175 172 172 PHE PHE A . n 
A 1 176 SER 176 173 173 SER SER A . n 
A 1 177 LEU 177 174 174 LEU LEU A . n 
A 1 178 ASN 178 175 175 ASN ASN A . n 
A 1 179 LEU 179 176 176 LEU LEU A . n 
A 1 180 ALA 180 177 177 ALA ALA A . n 
A 1 181 GLN 181 178 178 GLN GLN A . n 
A 1 182 ALA 182 179 179 ALA ALA A . n 
A 1 183 VAL 183 180 180 VAL VAL A . n 
A 1 184 GLN 184 181 181 GLN GLN A . n 
A 1 185 VAL 185 182 182 VAL VAL A . n 
A 1 186 VAL 186 183 183 VAL VAL A . n 
A 1 187 CYS 187 184 184 CYS CYS A . n 
A 1 188 TYR 188 185 185 TYR TYR A . n 
A 1 189 GLU 189 186 186 GLU GLU A . n 
A 1 190 ILE 190 187 187 ILE ILE A . n 
A 1 191 PHE 191 188 188 PHE PHE A . n 
A 1 192 SER 192 189 189 SER SER A . n 
A 1 193 GLN 193 190 190 GLN GLN A . n 
A 1 194 THR 194 191 191 THR THR A . n 
A 1 195 ASP 195 192 192 ASP ASP A . n 
A 1 196 SER 196 193 193 SER SER A . n 
A 1 197 PRO 197 194 194 PRO PRO A . n 
A 1 198 MSE 198 195 195 MSE MSE A . n 
A 1 199 THR 199 196 196 THR ALA A . n 
A 1 200 HIS 200 197 197 HIS ALA A . n 
A 1 201 LEU 201 198 198 LEU LEU A . n 
A 1 202 GLN 202 199 199 GLN GLN A . n 
A 1 203 GLN 203 200 200 GLN ALA A . n 
A 1 204 GLU 204 201 ?   ?   ?   A . n 
A 1 205 ASP 205 202 ?   ?   ?   A . n 
A 1 206 HIS 206 203 203 HIS HIS A . n 
A 1 207 ALA 207 204 204 ALA ALA A . n 
A 1 208 ALA 208 205 205 ALA ALA A . n 
A 1 209 THR 209 206 206 THR THR A . n 
A 1 210 HIS 210 207 207 HIS HIS A . n 
A 1 211 GLU 211 208 208 GLU GLU A . n 
A 1 212 GLN 212 209 209 GLN GLN A . n 
A 1 213 ILE 213 210 210 ILE ILE A . n 
A 1 214 LYS 214 211 211 LYS LYS A . n 
A 1 215 GLY 215 212 212 GLY GLY A . n 
A 1 216 MSE 216 213 213 MSE MSE A . n 
A 1 217 LEU 217 214 214 LEU LEU A . n 
A 1 218 ALA 218 215 215 ALA ALA A . n 
A 1 219 HIS 219 216 216 HIS HIS A . n 
A 1 220 MSE 220 217 217 MSE MSE A . n 
A 1 221 GLU 221 218 218 GLU GLU A . n 
A 1 222 SER 222 219 219 SER SER A . n 
A 1 223 VAL 223 220 220 VAL ALA A . n 
# 
loop_
_pdbx_nonpoly_scheme.asym_id 
_pdbx_nonpoly_scheme.entity_id 
_pdbx_nonpoly_scheme.mon_id 
_pdbx_nonpoly_scheme.ndb_seq_num 
_pdbx_nonpoly_scheme.pdb_seq_num 
_pdbx_nonpoly_scheme.auth_seq_num 
_pdbx_nonpoly_scheme.pdb_mon_id 
_pdbx_nonpoly_scheme.auth_mon_id 
_pdbx_nonpoly_scheme.pdb_strand_id 
_pdbx_nonpoly_scheme.pdb_ins_code 
B 2 HOH 1  221 1  HOH HOH A . 
B 2 HOH 2  222 2  HOH HOH A . 
B 2 HOH 3  223 3  HOH HOH A . 
B 2 HOH 4  224 4  HOH HOH A . 
B 2 HOH 5  225 5  HOH HOH A . 
B 2 HOH 6  226 6  HOH HOH A . 
B 2 HOH 7  227 7  HOH HOH A . 
B 2 HOH 8  228 8  HOH HOH A . 
B 2 HOH 9  229 9  HOH HOH A . 
B 2 HOH 10 230 10 HOH HOH A . 
B 2 HOH 11 231 11 HOH HOH A . 
B 2 HOH 12 232 12 HOH HOH A . 
B 2 HOH 13 233 13 HOH HOH A . 
B 2 HOH 14 234 14 HOH HOH A . 
B 2 HOH 15 235 15 HOH HOH A . 
B 2 HOH 16 236 16 HOH HOH A . 
B 2 HOH 17 237 17 HOH HOH A . 
B 2 HOH 18 238 18 HOH HOH A . 
B 2 HOH 19 239 19 HOH HOH A . 
B 2 HOH 20 240 20 HOH HOH A . 
B 2 HOH 21 241 21 HOH HOH A . 
B 2 HOH 22 242 22 HOH HOH A . 
B 2 HOH 23 243 23 HOH HOH A . 
B 2 HOH 24 244 24 HOH HOH A . 
B 2 HOH 25 245 25 HOH HOH A . 
B 2 HOH 26 246 26 HOH HOH A . 
B 2 HOH 27 247 27 HOH HOH A . 
B 2 HOH 28 248 28 HOH HOH A . 
B 2 HOH 29 249 29 HOH HOH A . 
B 2 HOH 30 250 30 HOH HOH A . 
B 2 HOH 31 251 31 HOH HOH A . 
B 2 HOH 32 252 32 HOH HOH A . 
B 2 HOH 33 253 33 HOH HOH A . 
B 2 HOH 34 254 34 HOH HOH A . 
B 2 HOH 35 255 35 HOH HOH A . 
B 2 HOH 36 256 36 HOH HOH A . 
B 2 HOH 37 257 37 HOH HOH A . 
B 2 HOH 38 258 38 HOH HOH A . 
B 2 HOH 39 259 39 HOH HOH A . 
B 2 HOH 40 260 40 HOH HOH A . 
B 2 HOH 41 261 41 HOH HOH A . 
B 2 HOH 42 262 42 HOH HOH A . 
B 2 HOH 43 263 43 HOH HOH A . 
B 2 HOH 44 264 44 HOH HOH A . 
B 2 HOH 45 265 45 HOH HOH A . 
B 2 HOH 46 266 46 HOH HOH A . 
B 2 HOH 47 267 47 HOH HOH A . 
B 2 HOH 48 268 48 HOH HOH A . 
B 2 HOH 49 269 49 HOH HOH A . 
B 2 HOH 50 270 50 HOH HOH A . 
B 2 HOH 51 271 51 HOH HOH A . 
B 2 HOH 52 272 52 HOH HOH A . 
B 2 HOH 53 273 53 HOH HOH A . 
# 
loop_
_pdbx_unobs_or_zero_occ_atoms.id 
_pdbx_unobs_or_zero_occ_atoms.PDB_model_num 
_pdbx_unobs_or_zero_occ_atoms.polymer_flag 
_pdbx_unobs_or_zero_occ_atoms.occupancy_flag 
_pdbx_unobs_or_zero_occ_atoms.auth_asym_id 
_pdbx_unobs_or_zero_occ_atoms.auth_comp_id 
_pdbx_unobs_or_zero_occ_atoms.auth_seq_id 
_pdbx_unobs_or_zero_occ_atoms.PDB_ins_code 
_pdbx_unobs_or_zero_occ_atoms.auth_atom_id 
_pdbx_unobs_or_zero_occ_atoms.label_alt_id 
_pdbx_unobs_or_zero_occ_atoms.label_asym_id 
_pdbx_unobs_or_zero_occ_atoms.label_comp_id 
_pdbx_unobs_or_zero_occ_atoms.label_seq_id 
_pdbx_unobs_or_zero_occ_atoms.label_atom_id 
1  1 Y 1 A GLU 57  ? CG  ? A GLU 60  CG  
2  1 Y 1 A GLU 57  ? CD  ? A GLU 60  CD  
3  1 Y 1 A GLU 57  ? OE1 ? A GLU 60  OE1 
4  1 Y 1 A GLU 57  ? OE2 ? A GLU 60  OE2 
5  1 Y 1 A GLN 68  ? CG  ? A GLN 71  CG  
6  1 Y 1 A GLN 68  ? CD  ? A GLN 71  CD  
7  1 Y 1 A GLN 68  ? OE1 ? A GLN 71  OE1 
8  1 Y 1 A GLN 68  ? NE2 ? A GLN 71  NE2 
9  1 Y 1 A ARG 112 ? CG  ? A ARG 115 CG  
10 1 Y 1 A ARG 112 ? CD  ? A ARG 115 CD  
11 1 Y 1 A ARG 112 ? NE  ? A ARG 115 NE  
12 1 Y 1 A ARG 112 ? CZ  ? A ARG 115 CZ  
13 1 Y 1 A ARG 112 ? NH1 ? A ARG 115 NH1 
14 1 Y 1 A ARG 112 ? NH2 ? A ARG 115 NH2 
15 1 Y 1 A ARG 113 ? CG  ? A ARG 116 CG  
16 1 Y 1 A ARG 113 ? CD  ? A ARG 116 CD  
17 1 Y 1 A ARG 113 ? NE  ? A ARG 116 NE  
18 1 Y 1 A ARG 113 ? CZ  ? A ARG 116 CZ  
19 1 Y 1 A ARG 113 ? NH1 ? A ARG 116 NH1 
20 1 Y 1 A ARG 113 ? NH2 ? A ARG 116 NH2 
21 1 Y 1 A THR 196 ? OG1 ? A THR 199 OG1 
22 1 Y 1 A THR 196 ? CG2 ? A THR 199 CG2 
23 1 Y 1 A HIS 197 ? CG  ? A HIS 200 CG  
24 1 Y 1 A HIS 197 ? ND1 ? A HIS 200 ND1 
25 1 Y 1 A HIS 197 ? CD2 ? A HIS 200 CD2 
26 1 Y 1 A HIS 197 ? CE1 ? A HIS 200 CE1 
27 1 Y 1 A HIS 197 ? NE2 ? A HIS 200 NE2 
28 1 Y 1 A GLN 200 ? CG  ? A GLN 203 CG  
29 1 Y 1 A GLN 200 ? CD  ? A GLN 203 CD  
30 1 Y 1 A GLN 200 ? OE1 ? A GLN 203 OE1 
31 1 Y 1 A GLN 200 ? NE2 ? A GLN 203 NE2 
32 1 Y 1 A VAL 220 ? CG1 ? A VAL 223 CG1 
33 1 Y 1 A VAL 220 ? CG2 ? A VAL 223 CG2 
# 
loop_
_software.name 
_software.classification 
_software.version 
_software.citation_id 
_software.pdbx_ordinal 
SBC-Collect 'data collection' .        ? 1  
HKL-3000    phasing           .        ? 2  
SHELXD      phasing           .        ? 3  
SHELXE      'model building'  .        ? 4  
MLPHARE     phasing           .        ? 5  
DM          'model building'  .        ? 6  
RESOLVE     'model building'  .        ? 7  
Coot        'model building'  .        ? 8  
ARP/wARP    'model building'  .        ? 9  
REFMAC      refinement        5.5.0054 ? 10 
HKL-3000    'data reduction'  .        ? 11 
HKL-3000    'data scaling'    .        ? 12 
DM          phasing           .        ? 13 
RESOLVE     phasing           .        ? 14 
# 
_cell.entry_id           3IC6 
_cell.length_a           73.123 
_cell.length_b           73.123 
_cell.length_c           193.315 
_cell.angle_alpha        90.00 
_cell.angle_beta         90.00 
_cell.angle_gamma        120.00 
_cell.Z_PDB              12 
_cell.pdbx_unique_axis   ? 
_cell.length_a_esd       ? 
_cell.length_b_esd       ? 
_cell.length_c_esd       ? 
_cell.angle_alpha_esd    ? 
_cell.angle_beta_esd     ? 
_cell.angle_gamma_esd    ? 
# 
_symmetry.entry_id                         3IC6 
_symmetry.space_group_name_H-M             'P 65 2 2' 
_symmetry.pdbx_full_space_group_name_H-M   ? 
_symmetry.cell_setting                     ? 
_symmetry.Int_Tables_number                179 
_symmetry.space_group_name_Hall            ? 
# 
_exptl.entry_id          3IC6 
_exptl.method            'X-RAY DIFFRACTION' 
_exptl.crystals_number   1 
# 
_exptl_crystal.id                    1 
_exptl_crystal.density_meas          ? 
_exptl_crystal.density_Matthews      3.02 
_exptl_crystal.density_percent_sol   59.29 
_exptl_crystal.description           ? 
_exptl_crystal.F_000                 ? 
_exptl_crystal.preparation           ? 
# 
_exptl_crystal_grow.crystal_id      1 
_exptl_crystal_grow.method          'VAPOR DIFFUSION, SITTING DROP' 
_exptl_crystal_grow.temp            297 
_exptl_crystal_grow.temp_details    ? 
_exptl_crystal_grow.pH              6.5 
_exptl_crystal_grow.pdbx_details    '8% PEG 4000, pH 6.5, VAPOR DIFFUSION, SITTING DROP, temperature 297K' 
_exptl_crystal_grow.pdbx_pH_range   ? 
# 
_diffrn.id                     1 
_diffrn.ambient_temp           100 
_diffrn.ambient_temp_details   ? 
_diffrn.crystal_id             1 
# 
_diffrn_detector.diffrn_id              1 
_diffrn_detector.detector               CCD 
_diffrn_detector.type                   'ADSC QUANTUM 315r' 
_diffrn_detector.pdbx_collection_date   2009-06-04 
_diffrn_detector.details                ? 
# 
_diffrn_radiation.diffrn_id                        1 
_diffrn_radiation.wavelength_id                    1 
_diffrn_radiation.pdbx_monochromatic_or_laue_m_l   M 
_diffrn_radiation.monochromator                    'Si(111) double crystal' 
_diffrn_radiation.pdbx_diffrn_protocol             'SINGLE WAVELENGTH' 
_diffrn_radiation.pdbx_scattering_type             x-ray 
# 
_diffrn_radiation_wavelength.id           1 
_diffrn_radiation_wavelength.wavelength   0.97940 
_diffrn_radiation_wavelength.wt           1.0 
# 
_diffrn_source.diffrn_id                   1 
_diffrn_source.source                      SYNCHROTRON 
_diffrn_source.type                        'APS BEAMLINE 19-ID' 
_diffrn_source.pdbx_synchrotron_site       APS 
_diffrn_source.pdbx_synchrotron_beamline   19-ID 
_diffrn_source.pdbx_wavelength             ? 
_diffrn_source.pdbx_wavelength_list        0.97940 
# 
_reflns.entry_id                     3IC6 
_reflns.observed_criterion_sigma_I   -3 
_reflns.observed_criterion_sigma_F   ? 
_reflns.d_resolution_low             50 
_reflns.d_resolution_high            2.59 
_reflns.number_obs                   10136 
_reflns.number_all                   10208 
_reflns.percent_possible_obs         99.3 
_reflns.pdbx_Rmerge_I_obs            0.103 
_reflns.pdbx_Rsym_value              ? 
_reflns.pdbx_netI_over_sigmaI        40.1 
_reflns.B_iso_Wilson_estimate        60.3 
_reflns.pdbx_redundancy              9.9 
_reflns.R_free_details               ? 
_reflns.limit_h_max                  ? 
_reflns.limit_h_min                  ? 
_reflns.limit_k_max                  ? 
_reflns.limit_k_min                  ? 
_reflns.limit_l_max                  ? 
_reflns.limit_l_min                  ? 
_reflns.observed_criterion_F_max     ? 
_reflns.observed_criterion_F_min     ? 
_reflns.pdbx_chi_squared             ? 
_reflns.pdbx_scaling_rejects         ? 
_reflns.pdbx_ordinal                 1 
_reflns.pdbx_diffrn_id               1 
# 
_reflns_shell.d_res_high             2.60 
_reflns_shell.d_res_low              2.62 
_reflns_shell.percent_possible_all   99.2 
_reflns_shell.Rmerge_I_obs           0.570 
_reflns_shell.pdbx_Rsym_value        ? 
_reflns_shell.meanI_over_sigI_obs    4.76 
_reflns_shell.pdbx_redundancy        10.2 
_reflns_shell.percent_possible_obs   ? 
_reflns_shell.number_unique_all      261 
_reflns_shell.number_measured_all    ? 
_reflns_shell.number_measured_obs    ? 
_reflns_shell.number_unique_obs      ? 
_reflns_shell.pdbx_chi_squared       ? 
_reflns_shell.pdbx_ordinal           1 
_reflns_shell.pdbx_diffrn_id         1 
# 
_refine.entry_id                                 3IC6 
_refine.ls_number_reflns_obs                     10092 
_refine.ls_number_reflns_all                     10092 
_refine.pdbx_ls_sigma_I                          ? 
_refine.pdbx_ls_sigma_F                          0 
_refine.pdbx_data_cutoff_high_absF               ? 
_refine.pdbx_data_cutoff_low_absF                ? 
_refine.pdbx_data_cutoff_high_rms_absF           ? 
_refine.ls_d_res_low                             50 
_refine.ls_d_res_high                            2.59 
_refine.ls_percent_reflns_obs                    99.41 
_refine.ls_R_factor_obs                          0.21039 
_refine.ls_R_factor_all                          0.21039 
_refine.ls_R_factor_R_work                       0.20867 
_refine.ls_R_factor_R_free                       0.24433 
_refine.ls_R_factor_R_free_error                 ? 
_refine.ls_R_factor_R_free_error_details         ? 
_refine.ls_percent_reflns_R_free                 4.8 
_refine.ls_number_reflns_R_free                  485 
_refine.ls_number_parameters                     ? 
_refine.ls_number_restraints                     ? 
_refine.occupancy_min                            ? 
_refine.occupancy_max                            ? 
_refine.correlation_coeff_Fo_to_Fc               0.943 
_refine.correlation_coeff_Fo_to_Fc_free          0.928 
_refine.B_iso_mean                               39.607 
_refine.aniso_B[1][1]                            2.21 
_refine.aniso_B[2][2]                            2.21 
_refine.aniso_B[3][3]                            -3.31 
_refine.aniso_B[1][2]                            1.10 
_refine.aniso_B[1][3]                            0.00 
_refine.aniso_B[2][3]                            0.00 
_refine.solvent_model_details                    MASK 
_refine.solvent_model_param_ksol                 ? 
_refine.solvent_model_param_bsol                 ? 
_refine.pdbx_solvent_vdw_probe_radii             1.20 
_refine.pdbx_solvent_ion_probe_radii             0.80 
_refine.pdbx_solvent_shrinkage_radii             0.80 
_refine.pdbx_ls_cross_valid_method               THROUGHOUT 
_refine.details                                  'HYDROGENS HAVE BEEN ADDED IN THE RIDING POSITIONS' 
_refine.pdbx_starting_model                      ? 
_refine.pdbx_method_to_determine_struct          SAD 
_refine.pdbx_isotropic_thermal_model             ? 
_refine.pdbx_stereochemistry_target_values       'MAXIMUM LIKELIHOOD WITH PHASES' 
_refine.pdbx_stereochem_target_val_spec_case     ? 
_refine.pdbx_R_Free_selection_details            RANDOM 
_refine.pdbx_overall_ESU_R                       0.410 
_refine.pdbx_overall_ESU_R_Free                  0.268 
_refine.overall_SU_ML                            0.192 
_refine.overall_SU_B                             20.270 
_refine.ls_redundancy_reflns_obs                 ? 
_refine.B_iso_min                                ? 
_refine.B_iso_max                                ? 
_refine.overall_SU_R_Cruickshank_DPI             ? 
_refine.overall_SU_R_free                        ? 
_refine.ls_wR_factor_R_free                      ? 
_refine.ls_wR_factor_R_work                      ? 
_refine.overall_FOM_free_R_set                   ? 
_refine.overall_FOM_work_R_set                   ? 
_refine.pdbx_overall_phase_error                 ? 
_refine.pdbx_refine_id                           'X-RAY DIFFRACTION' 
_refine.pdbx_TLS_residual_ADP_flag               'LIKELY RESIDUAL' 
_refine.pdbx_diffrn_id                           1 
_refine.pdbx_overall_SU_R_free_Cruickshank_DPI   ? 
_refine.pdbx_overall_SU_R_Blow_DPI               ? 
_refine.pdbx_overall_SU_R_free_Blow_DPI          ? 
# 
_refine_hist.pdbx_refine_id                   'X-RAY DIFFRACTION' 
_refine_hist.cycle_id                         LAST 
_refine_hist.pdbx_number_atoms_protein        1590 
_refine_hist.pdbx_number_atoms_nucleic_acid   0 
_refine_hist.pdbx_number_atoms_ligand         0 
_refine_hist.number_atoms_solvent             53 
_refine_hist.number_atoms_total               1643 
_refine_hist.d_res_high                       2.59 
_refine_hist.d_res_low                        50 
# 
loop_
_refine_ls_restr.type 
_refine_ls_restr.dev_ideal 
_refine_ls_restr.dev_ideal_target 
_refine_ls_restr.weight 
_refine_ls_restr.number 
_refine_ls_restr.pdbx_refine_id 
_refine_ls_restr.pdbx_restraint_function 
r_bond_refined_d             0.013  0.022  ? 1629 'X-RAY DIFFRACTION' ? 
r_bond_other_d               ?      ?      ? ?    'X-RAY DIFFRACTION' ? 
r_angle_refined_deg          1.496  1.968  ? 2223 'X-RAY DIFFRACTION' ? 
r_angle_other_deg            ?      ?      ? ?    'X-RAY DIFFRACTION' ? 
r_dihedral_angle_1_deg       5.898  5.000  ? 212  'X-RAY DIFFRACTION' ? 
r_dihedral_angle_2_deg       34.553 24.697 ? 66   'X-RAY DIFFRACTION' ? 
r_dihedral_angle_3_deg       16.697 15.000 ? 258  'X-RAY DIFFRACTION' ? 
r_dihedral_angle_4_deg       16.138 15.000 ? 9    'X-RAY DIFFRACTION' ? 
r_chiral_restr               0.100  0.200  ? 270  'X-RAY DIFFRACTION' ? 
r_gen_planes_refined         0.006  0.021  ? 1224 'X-RAY DIFFRACTION' ? 
r_gen_planes_other           ?      ?      ? ?    'X-RAY DIFFRACTION' ? 
r_nbd_refined                ?      ?      ? ?    'X-RAY DIFFRACTION' ? 
r_nbd_other                  ?      ?      ? ?    'X-RAY DIFFRACTION' ? 
r_nbtor_refined              ?      ?      ? ?    'X-RAY DIFFRACTION' ? 
r_nbtor_other                ?      ?      ? ?    'X-RAY DIFFRACTION' ? 
r_xyhbond_nbd_refined        ?      ?      ? ?    'X-RAY DIFFRACTION' ? 
r_xyhbond_nbd_other          ?      ?      ? ?    'X-RAY DIFFRACTION' ? 
r_metal_ion_refined          ?      ?      ? ?    'X-RAY DIFFRACTION' ? 
r_metal_ion_other            ?      ?      ? ?    'X-RAY DIFFRACTION' ? 
r_symmetry_vdw_refined       ?      ?      ? ?    'X-RAY DIFFRACTION' ? 
r_symmetry_vdw_other         ?      ?      ? ?    'X-RAY DIFFRACTION' ? 
r_symmetry_hbond_refined     ?      ?      ? ?    'X-RAY DIFFRACTION' ? 
r_symmetry_hbond_other       ?      ?      ? ?    'X-RAY DIFFRACTION' ? 
r_symmetry_metal_ion_refined ?      ?      ? ?    'X-RAY DIFFRACTION' ? 
r_symmetry_metal_ion_other   ?      ?      ? ?    'X-RAY DIFFRACTION' ? 
r_mcbond_it                  0.635  1.500  ? 1073 'X-RAY DIFFRACTION' ? 
r_mcbond_other               ?      ?      ? ?    'X-RAY DIFFRACTION' ? 
r_mcangle_it                 1.255  2.000  ? 1728 'X-RAY DIFFRACTION' ? 
r_scbond_it                  2.052  3.000  ? 556  'X-RAY DIFFRACTION' ? 
r_scangle_it                 3.588  4.500  ? 495  'X-RAY DIFFRACTION' ? 
r_rigid_bond_restr           ?      ?      ? ?    'X-RAY DIFFRACTION' ? 
r_sphericity_free            ?      ?      ? ?    'X-RAY DIFFRACTION' ? 
r_sphericity_bonded          ?      ?      ? ?    'X-RAY DIFFRACTION' ? 
# 
_refine_ls_shell.pdbx_total_number_of_bins_used   20 
_refine_ls_shell.d_res_high                       2.594 
_refine_ls_shell.d_res_low                        2.661 
_refine_ls_shell.number_reflns_R_work             684 
_refine_ls_shell.R_factor_R_work                  0.244 
_refine_ls_shell.percent_reflns_obs               99.72 
_refine_ls_shell.R_factor_R_free                  0.438 
_refine_ls_shell.R_factor_R_free_error            ? 
_refine_ls_shell.percent_reflns_R_free            ? 
_refine_ls_shell.number_reflns_R_free             35 
_refine_ls_shell.number_reflns_all                ? 
_refine_ls_shell.R_factor_all                     ? 
_refine_ls_shell.number_reflns_obs                719 
_refine_ls_shell.redundancy_reflns_obs            ? 
_refine_ls_shell.pdbx_refine_id                   'X-RAY DIFFRACTION' 
# 
_struct.entry_id                  3IC6 
_struct.title                     'Crystal structure of putative methylase family protein from Neisseria gonorrhoeae' 
_struct.pdbx_model_details        ? 
_struct.pdbx_CASP_flag            ? 
_struct.pdbx_model_type_details   ? 
# 
_struct_keywords.entry_id        3IC6 
_struct_keywords.pdbx_keywords   'structural genomics, unknown function' 
_struct_keywords.text            
;Neisseria gonorrhoeae FA 1090, putative methylase family protein, Structural Genomics, PSI-2, Protein Structure Initiative, Midwest Center for Structural Genomics, MCSG, Methyltransferase, Transferase, unknown function
;
# 
loop_
_struct_asym.id 
_struct_asym.pdbx_blank_PDB_chainid_flag 
_struct_asym.pdbx_modified 
_struct_asym.entity_id 
_struct_asym.details 
A N N 1 ? 
B N N 2 ? 
# 
_struct_ref.id                         1 
_struct_ref.db_name                    UNP 
_struct_ref.db_code                    Q5F8U0_NEIG1 
_struct_ref.pdbx_db_accession          Q5F8U0 
_struct_ref.entity_id                  1 
_struct_ref.pdbx_seq_one_letter_code   
;MTALKPALPDYLGNIRIILTRTSHPANIGSAARAMKTMGLHRLTIVTPNLMATPMTENPPVFNPDDVQSFALPEESFILA
SGAADVLHNAEIVATLDEALADTTIACALTSRRREITAPLQTPRDLVPELLQAANRGEKVALVFGNETFGLSIEEVRACN
RLMTINGNPDYFSLNLAQAVQVVCYEIFSQTDSPMTHLQQEDHAATHEQIKGMLAHMESV
;
_struct_ref.pdbx_align_begin           1 
_struct_ref.pdbx_db_isoform            ? 
# 
_struct_ref_seq.align_id                      1 
_struct_ref_seq.ref_id                        1 
_struct_ref_seq.pdbx_PDB_id_code              3IC6 
_struct_ref_seq.pdbx_strand_id                A 
_struct_ref_seq.seq_align_beg                 4 
_struct_ref_seq.pdbx_seq_align_beg_ins_code   ? 
_struct_ref_seq.seq_align_end                 223 
_struct_ref_seq.pdbx_seq_align_end_ins_code   ? 
_struct_ref_seq.pdbx_db_accession             Q5F8U0 
_struct_ref_seq.db_align_beg                  1 
_struct_ref_seq.pdbx_db_align_beg_ins_code    ? 
_struct_ref_seq.db_align_end                  220 
_struct_ref_seq.pdbx_db_align_end_ins_code    ? 
_struct_ref_seq.pdbx_auth_seq_align_beg       1 
_struct_ref_seq.pdbx_auth_seq_align_end       220 
# 
loop_
_struct_ref_seq_dif.align_id 
_struct_ref_seq_dif.pdbx_pdb_id_code 
_struct_ref_seq_dif.mon_id 
_struct_ref_seq_dif.pdbx_pdb_strand_id 
_struct_ref_seq_dif.seq_num 
_struct_ref_seq_dif.pdbx_pdb_ins_code 
_struct_ref_seq_dif.pdbx_seq_db_name 
_struct_ref_seq_dif.pdbx_seq_db_accession_code 
_struct_ref_seq_dif.db_mon_id 
_struct_ref_seq_dif.pdbx_seq_db_seq_num 
_struct_ref_seq_dif.details 
_struct_ref_seq_dif.pdbx_auth_seq_num 
_struct_ref_seq_dif.pdbx_ordinal 
1 3IC6 SER A 1 ? UNP Q5F8U0 ? ? 'expression tag' -2 1 
1 3IC6 ASN A 2 ? UNP Q5F8U0 ? ? 'expression tag' -1 2 
1 3IC6 ALA A 3 ? UNP Q5F8U0 ? ? 'expression tag' 0  3 
# 
_pdbx_struct_assembly.id                   1 
_pdbx_struct_assembly.details              author_and_software_defined_assembly 
_pdbx_struct_assembly.method_details       PISA 
_pdbx_struct_assembly.oligomeric_details   dimeric 
_pdbx_struct_assembly.oligomeric_count     2 
# 
loop_
_pdbx_struct_assembly_prop.biol_id 
_pdbx_struct_assembly_prop.type 
_pdbx_struct_assembly_prop.value 
_pdbx_struct_assembly_prop.details 
1 'ABSA (A^2)' 2720  ? 
1 MORE         -10   ? 
1 'SSA (A^2)'  20940 ? 
# 
_pdbx_struct_assembly_gen.assembly_id       1 
_pdbx_struct_assembly_gen.oper_expression   1,2 
_pdbx_struct_assembly_gen.asym_id_list      A,B 
# 
loop_
_pdbx_struct_oper_list.id 
_pdbx_struct_oper_list.type 
_pdbx_struct_oper_list.name 
_pdbx_struct_oper_list.symmetry_operation 
_pdbx_struct_oper_list.matrix[1][1] 
_pdbx_struct_oper_list.matrix[1][2] 
_pdbx_struct_oper_list.matrix[1][3] 
_pdbx_struct_oper_list.vector[1] 
_pdbx_struct_oper_list.matrix[2][1] 
_pdbx_struct_oper_list.matrix[2][2] 
_pdbx_struct_oper_list.matrix[2][3] 
_pdbx_struct_oper_list.vector[2] 
_pdbx_struct_oper_list.matrix[3][1] 
_pdbx_struct_oper_list.matrix[3][2] 
_pdbx_struct_oper_list.matrix[3][3] 
_pdbx_struct_oper_list.vector[3] 
1 'identity operation'         1_555  x,y,z            1.0000000000 0.0000000000 0.0000000000 0.0000000000 0.0000000000 1.0000000000  0.0000000000 0.0000000000  0.0000000000 0.0000000000 1.0000000000  0.0000000000   
2 'crystal symmetry operation' 10_665 -y+1,-x+1,-z+1/6 0.9576816852 0.1044421692 0.2682118997 0.3099703207 0.1044421692 -0.9944280182 0.0143090845 27.7331506366 0.2682118997 0.0143090845 -0.9632536670 -13.0618128198 
# 
_struct_biol.id   1 
# 
loop_
_struct_conf.conf_type_id 
_struct_conf.id 
_struct_conf.pdbx_PDB_helix_id 
_struct_conf.beg_label_comp_id 
_struct_conf.beg_label_asym_id 
_struct_conf.beg_label_seq_id 
_struct_conf.pdbx_beg_PDB_ins_code 
_struct_conf.end_label_comp_id 
_struct_conf.end_label_asym_id 
_struct_conf.end_label_seq_id 
_struct_conf.pdbx_end_PDB_ins_code 
_struct_conf.beg_auth_comp_id 
_struct_conf.beg_auth_asym_id 
_struct_conf.beg_auth_seq_id 
_struct_conf.end_auth_comp_id 
_struct_conf.end_auth_asym_id 
_struct_conf.end_auth_seq_id 
_struct_conf.pdbx_PDB_helix_class 
_struct_conf.details 
_struct_conf.pdbx_PDB_helix_length 
HELX_P HELX_P1  1  PRO A 12  ? GLY A 16  ? PRO A 9   GLY A 13  5 ? 5  
HELX_P HELX_P2  2  HIS A 27  ? MSE A 41  ? HIS A 24  MSE A 38  1 ? 15 
HELX_P HELX_P3  3  ASP A 69  ? PHE A 73  ? ASP A 66  PHE A 70  5 ? 5  
HELX_P HELX_P4  4  PRO A 76  ? SER A 84  ? PRO A 73  SER A 81  1 ? 9  
HELX_P HELX_P5  5  ALA A 86  ? ASN A 92  ? ALA A 83  ASN A 89  1 ? 7  
HELX_P HELX_P6  6  THR A 98  ? ALA A 104 ? THR A 95  ALA A 101 1 ? 7  
HELX_P HELX_P7  7  THR A 125 ? ARG A 139 ? THR A 122 ARG A 136 1 ? 15 
HELX_P HELX_P8  8  SER A 155 ? ALA A 161 ? SER A 152 ALA A 158 1 ? 7  
HELX_P HELX_P9  9  ASN A 178 ? GLN A 193 ? ASN A 175 GLN A 190 1 ? 16 
HELX_P HELX_P10 10 THR A 209 ? ALA A 218 ? THR A 206 ALA A 215 1 ? 10 
# 
_struct_conf_type.id          HELX_P 
_struct_conf_type.criteria    ? 
_struct_conf_type.reference   ? 
# 
loop_
_struct_conn.id 
_struct_conn.conn_type_id 
_struct_conn.pdbx_leaving_atom_flag 
_struct_conn.pdbx_PDB_id 
_struct_conn.ptnr1_label_asym_id 
_struct_conn.ptnr1_label_comp_id 
_struct_conn.ptnr1_label_seq_id 
_struct_conn.ptnr1_label_atom_id 
_struct_conn.pdbx_ptnr1_label_alt_id 
_struct_conn.pdbx_ptnr1_PDB_ins_code 
_struct_conn.pdbx_ptnr1_standard_comp_id 
_struct_conn.ptnr1_symmetry 
_struct_conn.ptnr2_label_asym_id 
_struct_conn.ptnr2_label_comp_id 
_struct_conn.ptnr2_label_seq_id 
_struct_conn.ptnr2_label_atom_id 
_struct_conn.pdbx_ptnr2_label_alt_id 
_struct_conn.pdbx_ptnr2_PDB_ins_code 
_struct_conn.ptnr1_auth_asym_id 
_struct_conn.ptnr1_auth_comp_id 
_struct_conn.ptnr1_auth_seq_id 
_struct_conn.ptnr2_auth_asym_id 
_struct_conn.ptnr2_auth_comp_id 
_struct_conn.ptnr2_auth_seq_id 
_struct_conn.ptnr2_symmetry 
_struct_conn.pdbx_ptnr3_label_atom_id 
_struct_conn.pdbx_ptnr3_label_seq_id 
_struct_conn.pdbx_ptnr3_label_comp_id 
_struct_conn.pdbx_ptnr3_label_asym_id 
_struct_conn.pdbx_ptnr3_label_alt_id 
_struct_conn.pdbx_ptnr3_PDB_ins_code 
_struct_conn.details 
_struct_conn.pdbx_dist_value 
_struct_conn.pdbx_value_order 
_struct_conn.pdbx_role 
covale1  covale both ? A ALA 37  C ? ? ? 1_555 A MSE 38  N ? ? A ALA 34  A MSE 35  1_555 ? ? ? ? ? ? ? 1.330 ? ? 
covale2  covale both ? A MSE 38  C ? ? ? 1_555 A LYS 39  N ? ? A MSE 35  A LYS 36  1_555 ? ? ? ? ? ? ? 1.332 ? ? 
covale3  covale both ? A THR 40  C ? ? ? 1_555 A MSE 41  N ? ? A THR 37  A MSE 38  1_555 ? ? ? ? ? ? ? 1.329 ? ? 
covale4  covale both ? A MSE 41  C ? ? ? 1_555 A GLY 42  N ? ? A MSE 38  A GLY 39  1_555 ? ? ? ? ? ? ? 1.329 ? ? 
covale5  covale both ? A LEU 53  C ? ? ? 1_555 A MSE 54  N ? ? A LEU 50  A MSE 51  1_555 ? ? ? ? ? ? ? 1.331 ? ? 
covale6  covale both ? A MSE 54  C ? ? ? 1_555 A ALA 55  N ? ? A MSE 51  A ALA 52  1_555 ? ? ? ? ? ? ? 1.330 ? ? 
covale7  covale both ? A PRO 57  C ? ? ? 1_555 A MSE 58  N ? ? A PRO 54  A MSE 55  1_555 ? ? ? ? ? ? ? 1.329 ? ? 
covale8  covale both ? A MSE 58  C ? ? ? 1_555 A THR 59  N ? ? A MSE 55  A THR 56  1_555 ? ? ? ? ? ? ? 1.333 ? ? 
covale9  covale both ? A LEU 165 C ? ? ? 1_555 A MSE 166 N ? ? A LEU 162 A MSE 163 1_555 ? ? ? ? ? ? ? 1.325 ? ? 
covale10 covale both ? A MSE 166 C ? ? ? 1_555 A THR 167 N ? ? A MSE 163 A THR 164 1_555 ? ? ? ? ? ? ? 1.324 ? ? 
covale11 covale both ? A PRO 197 C ? ? ? 1_555 A MSE 198 N ? ? A PRO 194 A MSE 195 1_555 ? ? ? ? ? ? ? 1.334 ? ? 
covale12 covale both ? A MSE 198 C ? ? ? 1_555 A THR 199 N ? ? A MSE 195 A THR 196 1_555 ? ? ? ? ? ? ? 1.333 ? ? 
covale13 covale both ? A GLY 215 C ? ? ? 1_555 A MSE 216 N ? ? A GLY 212 A MSE 213 1_555 ? ? ? ? ? ? ? 1.334 ? ? 
covale14 covale both ? A MSE 216 C ? ? ? 1_555 A LEU 217 N ? ? A MSE 213 A LEU 214 1_555 ? ? ? ? ? ? ? 1.336 ? ? 
covale15 covale both ? A HIS 219 C ? ? ? 1_555 A MSE 220 N ? ? A HIS 216 A MSE 217 1_555 ? ? ? ? ? ? ? 1.328 ? ? 
covale16 covale both ? A MSE 220 C ? ? ? 1_555 A GLU 221 N ? ? A MSE 217 A GLU 218 1_555 ? ? ? ? ? ? ? 1.325 ? ? 
# 
_struct_conn_type.id          covale 
_struct_conn_type.criteria    ? 
_struct_conn_type.reference   ? 
# 
loop_
_pdbx_modification_feature.ordinal 
_pdbx_modification_feature.label_comp_id 
_pdbx_modification_feature.label_asym_id 
_pdbx_modification_feature.label_seq_id 
_pdbx_modification_feature.label_alt_id 
_pdbx_modification_feature.modified_residue_label_comp_id 
_pdbx_modification_feature.modified_residue_label_asym_id 
_pdbx_modification_feature.modified_residue_label_seq_id 
_pdbx_modification_feature.modified_residue_label_alt_id 
_pdbx_modification_feature.auth_comp_id 
_pdbx_modification_feature.auth_asym_id 
_pdbx_modification_feature.auth_seq_id 
_pdbx_modification_feature.PDB_ins_code 
_pdbx_modification_feature.symmetry 
_pdbx_modification_feature.modified_residue_auth_comp_id 
_pdbx_modification_feature.modified_residue_auth_asym_id 
_pdbx_modification_feature.modified_residue_auth_seq_id 
_pdbx_modification_feature.modified_residue_PDB_ins_code 
_pdbx_modification_feature.modified_residue_symmetry 
_pdbx_modification_feature.comp_id_linking_atom 
_pdbx_modification_feature.modified_residue_id_linking_atom 
_pdbx_modification_feature.modified_residue_id 
_pdbx_modification_feature.ref_pcm_id 
_pdbx_modification_feature.ref_comp_id 
_pdbx_modification_feature.type 
_pdbx_modification_feature.category 
1 MSE A 38  ? . . . . MSE A 35  ? 1_555 . . . . . . . MET 1 MSE Selenomethionine 'Named protein modification' 
2 MSE A 41  ? . . . . MSE A 38  ? 1_555 . . . . . . . MET 1 MSE Selenomethionine 'Named protein modification' 
3 MSE A 54  ? . . . . MSE A 51  ? 1_555 . . . . . . . MET 1 MSE Selenomethionine 'Named protein modification' 
4 MSE A 58  ? . . . . MSE A 55  ? 1_555 . . . . . . . MET 1 MSE Selenomethionine 'Named protein modification' 
5 MSE A 166 ? . . . . MSE A 163 ? 1_555 . . . . . . . MET 1 MSE Selenomethionine 'Named protein modification' 
6 MSE A 198 ? . . . . MSE A 195 ? 1_555 . . . . . . . MET 1 MSE Selenomethionine 'Named protein modification' 
7 MSE A 216 ? . . . . MSE A 213 ? 1_555 . . . . . . . MET 1 MSE Selenomethionine 'Named protein modification' 
8 MSE A 220 ? . . . . MSE A 217 ? 1_555 . . . . . . . MET 1 MSE Selenomethionine 'Named protein modification' 
# 
_struct_sheet.id               A 
_struct_sheet.type             ? 
_struct_sheet.number_strands   6 
_struct_sheet.details          ? 
# 
loop_
_struct_sheet_order.sheet_id 
_struct_sheet_order.range_id_1 
_struct_sheet_order.range_id_2 
_struct_sheet_order.offset 
_struct_sheet_order.sense 
A 1 2 ? parallel 
A 2 3 ? parallel 
A 3 4 ? parallel 
A 4 5 ? parallel 
A 5 6 ? parallel 
# 
loop_
_struct_sheet_range.sheet_id 
_struct_sheet_range.id 
_struct_sheet_range.beg_label_comp_id 
_struct_sheet_range.beg_label_asym_id 
_struct_sheet_range.beg_label_seq_id 
_struct_sheet_range.pdbx_beg_PDB_ins_code 
_struct_sheet_range.end_label_comp_id 
_struct_sheet_range.end_label_asym_id 
_struct_sheet_range.end_label_seq_id 
_struct_sheet_range.pdbx_end_PDB_ins_code 
_struct_sheet_range.beg_auth_comp_id 
_struct_sheet_range.beg_auth_asym_id 
_struct_sheet_range.beg_auth_seq_id 
_struct_sheet_range.end_auth_comp_id 
_struct_sheet_range.end_auth_asym_id 
_struct_sheet_range.end_auth_seq_id 
A 1 GLU A 94  ? VAL A 96  ? GLU A 91  VAL A 93  
A 2 LEU A 46  ? VAL A 49  ? LEU A 43  VAL A 46  
A 3 ILE A 18  ? THR A 23  ? ILE A 15  THR A 20  
A 4 LYS A 142 ? PHE A 147 ? LYS A 139 PHE A 144 
A 5 THR A 106 ? LEU A 112 ? THR A 103 LEU A 109 
A 6 ARG A 164 ? MSE A 166 ? ARG A 161 MSE A 163 
# 
loop_
_pdbx_struct_sheet_hbond.sheet_id 
_pdbx_struct_sheet_hbond.range_id_1 
_pdbx_struct_sheet_hbond.range_id_2 
_pdbx_struct_sheet_hbond.range_1_label_atom_id 
_pdbx_struct_sheet_hbond.range_1_label_comp_id 
_pdbx_struct_sheet_hbond.range_1_label_asym_id 
_pdbx_struct_sheet_hbond.range_1_label_seq_id 
_pdbx_struct_sheet_hbond.range_1_PDB_ins_code 
_pdbx_struct_sheet_hbond.range_1_auth_atom_id 
_pdbx_struct_sheet_hbond.range_1_auth_comp_id 
_pdbx_struct_sheet_hbond.range_1_auth_asym_id 
_pdbx_struct_sheet_hbond.range_1_auth_seq_id 
_pdbx_struct_sheet_hbond.range_2_label_atom_id 
_pdbx_struct_sheet_hbond.range_2_label_comp_id 
_pdbx_struct_sheet_hbond.range_2_label_asym_id 
_pdbx_struct_sheet_hbond.range_2_label_seq_id 
_pdbx_struct_sheet_hbond.range_2_PDB_ins_code 
_pdbx_struct_sheet_hbond.range_2_auth_atom_id 
_pdbx_struct_sheet_hbond.range_2_auth_comp_id 
_pdbx_struct_sheet_hbond.range_2_auth_asym_id 
_pdbx_struct_sheet_hbond.range_2_auth_seq_id 
A 1 2 O GLU A 94  ? O GLU A 91  N ILE A 48  ? N ILE A 45  
A 2 3 O THR A 47  ? O THR A 44  N LEU A 22  ? N LEU A 19  
A 3 4 N ILE A 21  ? N ILE A 18  O LEU A 145 ? O LEU A 142 
A 4 5 O VAL A 146 ? O VAL A 143 N CYS A 110 ? N CYS A 107 
A 5 6 N ALA A 111 ? N ALA A 108 O MSE A 166 ? O MSE A 163 
# 
_pdbx_entry_details.entry_id                   3IC6 
_pdbx_entry_details.compound_details           ? 
_pdbx_entry_details.source_details             ? 
_pdbx_entry_details.nonpolymer_details         ? 
_pdbx_entry_details.sequence_details           ? 
_pdbx_entry_details.has_ligand_of_interest     ? 
_pdbx_entry_details.has_protein_modification   Y 
# 
loop_
_pdbx_validate_torsion.id 
_pdbx_validate_torsion.PDB_model_num 
_pdbx_validate_torsion.auth_comp_id 
_pdbx_validate_torsion.auth_asym_id 
_pdbx_validate_torsion.auth_seq_id 
_pdbx_validate_torsion.PDB_ins_code 
_pdbx_validate_torsion.label_alt_id 
_pdbx_validate_torsion.phi 
_pdbx_validate_torsion.psi 
1 1 SER A 81  ? ? 57.90   -125.97 
2 1 ALA A 101 ? ? -24.17  -58.50  
3 1 ARG A 112 ? ? -65.56  77.04   
4 1 LEU A 198 ? ? -118.14 -140.29 
# 
_pdbx_SG_project.id                    1 
_pdbx_SG_project.project_name          'PSI, Protein Structure Initiative' 
_pdbx_SG_project.full_name_of_center   'Midwest Center for Structural Genomics' 
_pdbx_SG_project.initial_of_center     MCSG 
# 
loop_
_pdbx_struct_mod_residue.id 
_pdbx_struct_mod_residue.label_asym_id 
_pdbx_struct_mod_residue.label_comp_id 
_pdbx_struct_mod_residue.label_seq_id 
_pdbx_struct_mod_residue.auth_asym_id 
_pdbx_struct_mod_residue.auth_comp_id 
_pdbx_struct_mod_residue.auth_seq_id 
_pdbx_struct_mod_residue.PDB_ins_code 
_pdbx_struct_mod_residue.parent_comp_id 
_pdbx_struct_mod_residue.details 
1 A MSE 38  A MSE 35  ? MET SELENOMETHIONINE 
2 A MSE 41  A MSE 38  ? MET SELENOMETHIONINE 
3 A MSE 54  A MSE 51  ? MET SELENOMETHIONINE 
4 A MSE 58  A MSE 55  ? MET SELENOMETHIONINE 
5 A MSE 166 A MSE 163 ? MET SELENOMETHIONINE 
6 A MSE 198 A MSE 195 ? MET SELENOMETHIONINE 
7 A MSE 216 A MSE 213 ? MET SELENOMETHIONINE 
8 A MSE 220 A MSE 217 ? MET SELENOMETHIONINE 
# 
loop_
_pdbx_refine_tls.pdbx_refine_id 
_pdbx_refine_tls.id 
_pdbx_refine_tls.details 
_pdbx_refine_tls.method 
_pdbx_refine_tls.origin_x 
_pdbx_refine_tls.origin_y 
_pdbx_refine_tls.origin_z 
_pdbx_refine_tls.T[1][1] 
_pdbx_refine_tls.T[2][2] 
_pdbx_refine_tls.T[3][3] 
_pdbx_refine_tls.T[1][2] 
_pdbx_refine_tls.T[1][3] 
_pdbx_refine_tls.T[2][3] 
_pdbx_refine_tls.L[1][1] 
_pdbx_refine_tls.L[2][2] 
_pdbx_refine_tls.L[3][3] 
_pdbx_refine_tls.L[1][2] 
_pdbx_refine_tls.L[1][3] 
_pdbx_refine_tls.L[2][3] 
_pdbx_refine_tls.S[1][1] 
_pdbx_refine_tls.S[2][2] 
_pdbx_refine_tls.S[3][3] 
_pdbx_refine_tls.S[1][2] 
_pdbx_refine_tls.S[1][3] 
_pdbx_refine_tls.S[2][3] 
_pdbx_refine_tls.S[2][1] 
_pdbx_refine_tls.S[3][1] 
_pdbx_refine_tls.S[3][2] 
'X-RAY DIFFRACTION' 1 ? refined -2.1412  0.1874   -6.1437 0.1277 0.0361 0.0463 -0.0020 -0.0288 0.0373 3.4710 1.1667 1.2601 -0.3395 -0.5944 0.6767  -0.0548 0.0812  -0.0264 -0.0523 -0.1084 0.0991  -0.1580 0.2004 0.0306  
'X-RAY DIFFRACTION' 2 ? refined -16.8836 -4.1302  -4.8903 0.1968 0.0865 0.2940 -0.0996 -0.1851 0.0568 3.8018 0.4748 3.2211 -0.8098 -0.5211 -0.0385 0.0827  0.0535  -0.1364 -0.0038 -0.3969 0.3604  -0.2027 0.5739 -0.3653 
'X-RAY DIFFRACTION' 3 ? refined -6.6656  -7.5052  -7.0848 0.0182 0.0064 0.0084 -0.0029 -0.0034 0.0032 0.6699 1.4983 6.5968 -0.7902 -0.6296 -1.1008 -0.0060 -0.0603 0.0663  0.0327  -0.0311 0.0242  -0.0722 0.2576 0.0365  
'X-RAY DIFFRACTION' 4 ? refined 4.9300   4.7924   3.2544  0.0260 0.0786 0.0181 0.0236  -0.0088 0.0209 1.4651 1.9643 1.4137 0.1947  -0.0918 -0.6649 -0.0166 0.0116  0.0051  -0.2025 -0.1109 -0.0979 0.1451  0.0833 0.1734  
'X-RAY DIFFRACTION' 5 ? refined 9.8722   -14.4813 13.0999 0.0210 0.0801 0.0807 0.0286  0.0155  0.0574 1.5277 9.4864 7.2704 -0.8439 -0.1194 -5.6063 -0.0215 -0.1046 0.1260  0.1262  0.0533  0.2506  -0.2575 0.1835 -0.0072  
# 
loop_
_pdbx_refine_tls_group.pdbx_refine_id 
_pdbx_refine_tls_group.id 
_pdbx_refine_tls_group.refine_tls_id 
_pdbx_refine_tls_group.beg_auth_asym_id 
_pdbx_refine_tls_group.beg_auth_seq_id 
_pdbx_refine_tls_group.end_auth_asym_id 
_pdbx_refine_tls_group.end_auth_seq_id 
_pdbx_refine_tls_group.selection_details 
_pdbx_refine_tls_group.beg_label_asym_id 
_pdbx_refine_tls_group.beg_label_seq_id 
_pdbx_refine_tls_group.end_label_asym_id 
_pdbx_refine_tls_group.end_label_seq_id 
_pdbx_refine_tls_group.selection 
'X-RAY DIFFRACTION' 1 1 A 4   A 52  ? . . . . ? 
'X-RAY DIFFRACTION' 2 2 A 53  A 83  ? . . . . ? 
'X-RAY DIFFRACTION' 3 3 A 84  A 94  ? . . . . ? 
'X-RAY DIFFRACTION' 4 4 A 95  A 200 ? . . . . ? 
'X-RAY DIFFRACTION' 5 5 A 203 A 220 ? . . . . ? 
# 
loop_
_pdbx_unobs_or_zero_occ_residues.id 
_pdbx_unobs_or_zero_occ_residues.PDB_model_num 
_pdbx_unobs_or_zero_occ_residues.polymer_flag 
_pdbx_unobs_or_zero_occ_residues.occupancy_flag 
_pdbx_unobs_or_zero_occ_residues.auth_asym_id 
_pdbx_unobs_or_zero_occ_residues.auth_comp_id 
_pdbx_unobs_or_zero_occ_residues.auth_seq_id 
_pdbx_unobs_or_zero_occ_residues.PDB_ins_code 
_pdbx_unobs_or_zero_occ_residues.label_asym_id 
_pdbx_unobs_or_zero_occ_residues.label_comp_id 
_pdbx_unobs_or_zero_occ_residues.label_seq_id 
1  1 Y 1 A SER -2  ? A SER 1   
2  1 Y 1 A ASN -1  ? A ASN 2   
3  1 Y 1 A ALA 0   ? A ALA 3   
4  1 Y 1 A MSE 1   ? A MSE 4   
5  1 Y 1 A THR 2   ? A THR 5   
6  1 Y 1 A ALA 3   ? A ALA 6   
7  1 Y 1 A GLU 115 ? A GLU 118 
8  1 Y 1 A ILE 116 ? A ILE 119 
9  1 Y 1 A GLU 201 ? A GLU 204 
10 1 Y 1 A ASP 202 ? A ASP 205 
# 
loop_
_chem_comp_atom.comp_id 
_chem_comp_atom.atom_id 
_chem_comp_atom.type_symbol 
_chem_comp_atom.pdbx_aromatic_flag 
_chem_comp_atom.pdbx_stereo_config 
_chem_comp_atom.pdbx_ordinal 
ALA N    N  N N 1   
ALA CA   C  N S 2   
ALA C    C  N N 3   
ALA O    O  N N 4   
ALA CB   C  N N 5   
ALA OXT  O  N N 6   
ALA H    H  N N 7   
ALA H2   H  N N 8   
ALA HA   H  N N 9   
ALA HB1  H  N N 10  
ALA HB2  H  N N 11  
ALA HB3  H  N N 12  
ALA HXT  H  N N 13  
ARG N    N  N N 14  
ARG CA   C  N S 15  
ARG C    C  N N 16  
ARG O    O  N N 17  
ARG CB   C  N N 18  
ARG CG   C  N N 19  
ARG CD   C  N N 20  
ARG NE   N  N N 21  
ARG CZ   C  N N 22  
ARG NH1  N  N N 23  
ARG NH2  N  N N 24  
ARG OXT  O  N N 25  
ARG H    H  N N 26  
ARG H2   H  N N 27  
ARG HA   H  N N 28  
ARG HB2  H  N N 29  
ARG HB3  H  N N 30  
ARG HG2  H  N N 31  
ARG HG3  H  N N 32  
ARG HD2  H  N N 33  
ARG HD3  H  N N 34  
ARG HE   H  N N 35  
ARG HH11 H  N N 36  
ARG HH12 H  N N 37  
ARG HH21 H  N N 38  
ARG HH22 H  N N 39  
ARG HXT  H  N N 40  
ASN N    N  N N 41  
ASN CA   C  N S 42  
ASN C    C  N N 43  
ASN O    O  N N 44  
ASN CB   C  N N 45  
ASN CG   C  N N 46  
ASN OD1  O  N N 47  
ASN ND2  N  N N 48  
ASN OXT  O  N N 49  
ASN H    H  N N 50  
ASN H2   H  N N 51  
ASN HA   H  N N 52  
ASN HB2  H  N N 53  
ASN HB3  H  N N 54  
ASN HD21 H  N N 55  
ASN HD22 H  N N 56  
ASN HXT  H  N N 57  
ASP N    N  N N 58  
ASP CA   C  N S 59  
ASP C    C  N N 60  
ASP O    O  N N 61  
ASP CB   C  N N 62  
ASP CG   C  N N 63  
ASP OD1  O  N N 64  
ASP OD2  O  N N 65  
ASP OXT  O  N N 66  
ASP H    H  N N 67  
ASP H2   H  N N 68  
ASP HA   H  N N 69  
ASP HB2  H  N N 70  
ASP HB3  H  N N 71  
ASP HD2  H  N N 72  
ASP HXT  H  N N 73  
CYS N    N  N N 74  
CYS CA   C  N R 75  
CYS C    C  N N 76  
CYS O    O  N N 77  
CYS CB   C  N N 78  
CYS SG   S  N N 79  
CYS OXT  O  N N 80  
CYS H    H  N N 81  
CYS H2   H  N N 82  
CYS HA   H  N N 83  
CYS HB2  H  N N 84  
CYS HB3  H  N N 85  
CYS HG   H  N N 86  
CYS HXT  H  N N 87  
GLN N    N  N N 88  
GLN CA   C  N S 89  
GLN C    C  N N 90  
GLN O    O  N N 91  
GLN CB   C  N N 92  
GLN CG   C  N N 93  
GLN CD   C  N N 94  
GLN OE1  O  N N 95  
GLN NE2  N  N N 96  
GLN OXT  O  N N 97  
GLN H    H  N N 98  
GLN H2   H  N N 99  
GLN HA   H  N N 100 
GLN HB2  H  N N 101 
GLN HB3  H  N N 102 
GLN HG2  H  N N 103 
GLN HG3  H  N N 104 
GLN HE21 H  N N 105 
GLN HE22 H  N N 106 
GLN HXT  H  N N 107 
GLU N    N  N N 108 
GLU CA   C  N S 109 
GLU C    C  N N 110 
GLU O    O  N N 111 
GLU CB   C  N N 112 
GLU CG   C  N N 113 
GLU CD   C  N N 114 
GLU OE1  O  N N 115 
GLU OE2  O  N N 116 
GLU OXT  O  N N 117 
GLU H    H  N N 118 
GLU H2   H  N N 119 
GLU HA   H  N N 120 
GLU HB2  H  N N 121 
GLU HB3  H  N N 122 
GLU HG2  H  N N 123 
GLU HG3  H  N N 124 
GLU HE2  H  N N 125 
GLU HXT  H  N N 126 
GLY N    N  N N 127 
GLY CA   C  N N 128 
GLY C    C  N N 129 
GLY O    O  N N 130 
GLY OXT  O  N N 131 
GLY H    H  N N 132 
GLY H2   H  N N 133 
GLY HA2  H  N N 134 
GLY HA3  H  N N 135 
GLY HXT  H  N N 136 
HIS N    N  N N 137 
HIS CA   C  N S 138 
HIS C    C  N N 139 
HIS O    O  N N 140 
HIS CB   C  N N 141 
HIS CG   C  Y N 142 
HIS ND1  N  Y N 143 
HIS CD2  C  Y N 144 
HIS CE1  C  Y N 145 
HIS NE2  N  Y N 146 
HIS OXT  O  N N 147 
HIS H    H  N N 148 
HIS H2   H  N N 149 
HIS HA   H  N N 150 
HIS HB2  H  N N 151 
HIS HB3  H  N N 152 
HIS HD1  H  N N 153 
HIS HD2  H  N N 154 
HIS HE1  H  N N 155 
HIS HE2  H  N N 156 
HIS HXT  H  N N 157 
HOH O    O  N N 158 
HOH H1   H  N N 159 
HOH H2   H  N N 160 
ILE N    N  N N 161 
ILE CA   C  N S 162 
ILE C    C  N N 163 
ILE O    O  N N 164 
ILE CB   C  N S 165 
ILE CG1  C  N N 166 
ILE CG2  C  N N 167 
ILE CD1  C  N N 168 
ILE OXT  O  N N 169 
ILE H    H  N N 170 
ILE H2   H  N N 171 
ILE HA   H  N N 172 
ILE HB   H  N N 173 
ILE HG12 H  N N 174 
ILE HG13 H  N N 175 
ILE HG21 H  N N 176 
ILE HG22 H  N N 177 
ILE HG23 H  N N 178 
ILE HD11 H  N N 179 
ILE HD12 H  N N 180 
ILE HD13 H  N N 181 
ILE HXT  H  N N 182 
LEU N    N  N N 183 
LEU CA   C  N S 184 
LEU C    C  N N 185 
LEU O    O  N N 186 
LEU CB   C  N N 187 
LEU CG   C  N N 188 
LEU CD1  C  N N 189 
LEU CD2  C  N N 190 
LEU OXT  O  N N 191 
LEU H    H  N N 192 
LEU H2   H  N N 193 
LEU HA   H  N N 194 
LEU HB2  H  N N 195 
LEU HB3  H  N N 196 
LEU HG   H  N N 197 
LEU HD11 H  N N 198 
LEU HD12 H  N N 199 
LEU HD13 H  N N 200 
LEU HD21 H  N N 201 
LEU HD22 H  N N 202 
LEU HD23 H  N N 203 
LEU HXT  H  N N 204 
LYS N    N  N N 205 
LYS CA   C  N S 206 
LYS C    C  N N 207 
LYS O    O  N N 208 
LYS CB   C  N N 209 
LYS CG   C  N N 210 
LYS CD   C  N N 211 
LYS CE   C  N N 212 
LYS NZ   N  N N 213 
LYS OXT  O  N N 214 
LYS H    H  N N 215 
LYS H2   H  N N 216 
LYS HA   H  N N 217 
LYS HB2  H  N N 218 
LYS HB3  H  N N 219 
LYS HG2  H  N N 220 
LYS HG3  H  N N 221 
LYS HD2  H  N N 222 
LYS HD3  H  N N 223 
LYS HE2  H  N N 224 
LYS HE3  H  N N 225 
LYS HZ1  H  N N 226 
LYS HZ2  H  N N 227 
LYS HZ3  H  N N 228 
LYS HXT  H  N N 229 
MSE N    N  N N 230 
MSE CA   C  N S 231 
MSE C    C  N N 232 
MSE O    O  N N 233 
MSE OXT  O  N N 234 
MSE CB   C  N N 235 
MSE CG   C  N N 236 
MSE SE   SE N N 237 
MSE CE   C  N N 238 
MSE H    H  N N 239 
MSE H2   H  N N 240 
MSE HA   H  N N 241 
MSE HXT  H  N N 242 
MSE HB2  H  N N 243 
MSE HB3  H  N N 244 
MSE HG2  H  N N 245 
MSE HG3  H  N N 246 
MSE HE1  H  N N 247 
MSE HE2  H  N N 248 
MSE HE3  H  N N 249 
PHE N    N  N N 250 
PHE CA   C  N S 251 
PHE C    C  N N 252 
PHE O    O  N N 253 
PHE CB   C  N N 254 
PHE CG   C  Y N 255 
PHE CD1  C  Y N 256 
PHE CD2  C  Y N 257 
PHE CE1  C  Y N 258 
PHE CE2  C  Y N 259 
PHE CZ   C  Y N 260 
PHE OXT  O  N N 261 
PHE H    H  N N 262 
PHE H2   H  N N 263 
PHE HA   H  N N 264 
PHE HB2  H  N N 265 
PHE HB3  H  N N 266 
PHE HD1  H  N N 267 
PHE HD2  H  N N 268 
PHE HE1  H  N N 269 
PHE HE2  H  N N 270 
PHE HZ   H  N N 271 
PHE HXT  H  N N 272 
PRO N    N  N N 273 
PRO CA   C  N S 274 
PRO C    C  N N 275 
PRO O    O  N N 276 
PRO CB   C  N N 277 
PRO CG   C  N N 278 
PRO CD   C  N N 279 
PRO OXT  O  N N 280 
PRO H    H  N N 281 
PRO HA   H  N N 282 
PRO HB2  H  N N 283 
PRO HB3  H  N N 284 
PRO HG2  H  N N 285 
PRO HG3  H  N N 286 
PRO HD2  H  N N 287 
PRO HD3  H  N N 288 
PRO HXT  H  N N 289 
SER N    N  N N 290 
SER CA   C  N S 291 
SER C    C  N N 292 
SER O    O  N N 293 
SER CB   C  N N 294 
SER OG   O  N N 295 
SER OXT  O  N N 296 
SER H    H  N N 297 
SER H2   H  N N 298 
SER HA   H  N N 299 
SER HB2  H  N N 300 
SER HB3  H  N N 301 
SER HG   H  N N 302 
SER HXT  H  N N 303 
THR N    N  N N 304 
THR CA   C  N S 305 
THR C    C  N N 306 
THR O    O  N N 307 
THR CB   C  N R 308 
THR OG1  O  N N 309 
THR CG2  C  N N 310 
THR OXT  O  N N 311 
THR H    H  N N 312 
THR H2   H  N N 313 
THR HA   H  N N 314 
THR HB   H  N N 315 
THR HG1  H  N N 316 
THR HG21 H  N N 317 
THR HG22 H  N N 318 
THR HG23 H  N N 319 
THR HXT  H  N N 320 
TYR N    N  N N 321 
TYR CA   C  N S 322 
TYR C    C  N N 323 
TYR O    O  N N 324 
TYR CB   C  N N 325 
TYR CG   C  Y N 326 
TYR CD1  C  Y N 327 
TYR CD2  C  Y N 328 
TYR CE1  C  Y N 329 
TYR CE2  C  Y N 330 
TYR CZ   C  Y N 331 
TYR OH   O  N N 332 
TYR OXT  O  N N 333 
TYR H    H  N N 334 
TYR H2   H  N N 335 
TYR HA   H  N N 336 
TYR HB2  H  N N 337 
TYR HB3  H  N N 338 
TYR HD1  H  N N 339 
TYR HD2  H  N N 340 
TYR HE1  H  N N 341 
TYR HE2  H  N N 342 
TYR HH   H  N N 343 
TYR HXT  H  N N 344 
VAL N    N  N N 345 
VAL CA   C  N S 346 
VAL C    C  N N 347 
VAL O    O  N N 348 
VAL CB   C  N N 349 
VAL CG1  C  N N 350 
VAL CG2  C  N N 351 
VAL OXT  O  N N 352 
VAL H    H  N N 353 
VAL H2   H  N N 354 
VAL HA   H  N N 355 
VAL HB   H  N N 356 
VAL HG11 H  N N 357 
VAL HG12 H  N N 358 
VAL HG13 H  N N 359 
VAL HG21 H  N N 360 
VAL HG22 H  N N 361 
VAL HG23 H  N N 362 
VAL HXT  H  N N 363 
# 
loop_
_chem_comp_bond.comp_id 
_chem_comp_bond.atom_id_1 
_chem_comp_bond.atom_id_2 
_chem_comp_bond.value_order 
_chem_comp_bond.pdbx_aromatic_flag 
_chem_comp_bond.pdbx_stereo_config 
_chem_comp_bond.pdbx_ordinal 
ALA N   CA   sing N N 1   
ALA N   H    sing N N 2   
ALA N   H2   sing N N 3   
ALA CA  C    sing N N 4   
ALA CA  CB   sing N N 5   
ALA CA  HA   sing N N 6   
ALA C   O    doub N N 7   
ALA C   OXT  sing N N 8   
ALA CB  HB1  sing N N 9   
ALA CB  HB2  sing N N 10  
ALA CB  HB3  sing N N 11  
ALA OXT HXT  sing N N 12  
ARG N   CA   sing N N 13  
ARG N   H    sing N N 14  
ARG N   H2   sing N N 15  
ARG CA  C    sing N N 16  
ARG CA  CB   sing N N 17  
ARG CA  HA   sing N N 18  
ARG C   O    doub N N 19  
ARG C   OXT  sing N N 20  
ARG CB  CG   sing N N 21  
ARG CB  HB2  sing N N 22  
ARG CB  HB3  sing N N 23  
ARG CG  CD   sing N N 24  
ARG CG  HG2  sing N N 25  
ARG CG  HG3  sing N N 26  
ARG CD  NE   sing N N 27  
ARG CD  HD2  sing N N 28  
ARG CD  HD3  sing N N 29  
ARG NE  CZ   sing N N 30  
ARG NE  HE   sing N N 31  
ARG CZ  NH1  sing N N 32  
ARG CZ  NH2  doub N N 33  
ARG NH1 HH11 sing N N 34  
ARG NH1 HH12 sing N N 35  
ARG NH2 HH21 sing N N 36  
ARG NH2 HH22 sing N N 37  
ARG OXT HXT  sing N N 38  
ASN N   CA   sing N N 39  
ASN N   H    sing N N 40  
ASN N   H2   sing N N 41  
ASN CA  C    sing N N 42  
ASN CA  CB   sing N N 43  
ASN CA  HA   sing N N 44  
ASN C   O    doub N N 45  
ASN C   OXT  sing N N 46  
ASN CB  CG   sing N N 47  
ASN CB  HB2  sing N N 48  
ASN CB  HB3  sing N N 49  
ASN CG  OD1  doub N N 50  
ASN CG  ND2  sing N N 51  
ASN ND2 HD21 sing N N 52  
ASN ND2 HD22 sing N N 53  
ASN OXT HXT  sing N N 54  
ASP N   CA   sing N N 55  
ASP N   H    sing N N 56  
ASP N   H2   sing N N 57  
ASP CA  C    sing N N 58  
ASP CA  CB   sing N N 59  
ASP CA  HA   sing N N 60  
ASP C   O    doub N N 61  
ASP C   OXT  sing N N 62  
ASP CB  CG   sing N N 63  
ASP CB  HB2  sing N N 64  
ASP CB  HB3  sing N N 65  
ASP CG  OD1  doub N N 66  
ASP CG  OD2  sing N N 67  
ASP OD2 HD2  sing N N 68  
ASP OXT HXT  sing N N 69  
CYS N   CA   sing N N 70  
CYS N   H    sing N N 71  
CYS N   H2   sing N N 72  
CYS CA  C    sing N N 73  
CYS CA  CB   sing N N 74  
CYS CA  HA   sing N N 75  
CYS C   O    doub N N 76  
CYS C   OXT  sing N N 77  
CYS CB  SG   sing N N 78  
CYS CB  HB2  sing N N 79  
CYS CB  HB3  sing N N 80  
CYS SG  HG   sing N N 81  
CYS OXT HXT  sing N N 82  
GLN N   CA   sing N N 83  
GLN N   H    sing N N 84  
GLN N   H2   sing N N 85  
GLN CA  C    sing N N 86  
GLN CA  CB   sing N N 87  
GLN CA  HA   sing N N 88  
GLN C   O    doub N N 89  
GLN C   OXT  sing N N 90  
GLN CB  CG   sing N N 91  
GLN CB  HB2  sing N N 92  
GLN CB  HB3  sing N N 93  
GLN CG  CD   sing N N 94  
GLN CG  HG2  sing N N 95  
GLN CG  HG3  sing N N 96  
GLN CD  OE1  doub N N 97  
GLN CD  NE2  sing N N 98  
GLN NE2 HE21 sing N N 99  
GLN NE2 HE22 sing N N 100 
GLN OXT HXT  sing N N 101 
GLU N   CA   sing N N 102 
GLU N   H    sing N N 103 
GLU N   H2   sing N N 104 
GLU CA  C    sing N N 105 
GLU CA  CB   sing N N 106 
GLU CA  HA   sing N N 107 
GLU C   O    doub N N 108 
GLU C   OXT  sing N N 109 
GLU CB  CG   sing N N 110 
GLU CB  HB2  sing N N 111 
GLU CB  HB3  sing N N 112 
GLU CG  CD   sing N N 113 
GLU CG  HG2  sing N N 114 
GLU CG  HG3  sing N N 115 
GLU CD  OE1  doub N N 116 
GLU CD  OE2  sing N N 117 
GLU OE2 HE2  sing N N 118 
GLU OXT HXT  sing N N 119 
GLY N   CA   sing N N 120 
GLY N   H    sing N N 121 
GLY N   H2   sing N N 122 
GLY CA  C    sing N N 123 
GLY CA  HA2  sing N N 124 
GLY CA  HA3  sing N N 125 
GLY C   O    doub N N 126 
GLY C   OXT  sing N N 127 
GLY OXT HXT  sing N N 128 
HIS N   CA   sing N N 129 
HIS N   H    sing N N 130 
HIS N   H2   sing N N 131 
HIS CA  C    sing N N 132 
HIS CA  CB   sing N N 133 
HIS CA  HA   sing N N 134 
HIS C   O    doub N N 135 
HIS C   OXT  sing N N 136 
HIS CB  CG   sing N N 137 
HIS CB  HB2  sing N N 138 
HIS CB  HB3  sing N N 139 
HIS CG  ND1  sing Y N 140 
HIS CG  CD2  doub Y N 141 
HIS ND1 CE1  doub Y N 142 
HIS ND1 HD1  sing N N 143 
HIS CD2 NE2  sing Y N 144 
HIS CD2 HD2  sing N N 145 
HIS CE1 NE2  sing Y N 146 
HIS CE1 HE1  sing N N 147 
HIS NE2 HE2  sing N N 148 
HIS OXT HXT  sing N N 149 
HOH O   H1   sing N N 150 
HOH O   H2   sing N N 151 
ILE N   CA   sing N N 152 
ILE N   H    sing N N 153 
ILE N   H2   sing N N 154 
ILE CA  C    sing N N 155 
ILE CA  CB   sing N N 156 
ILE CA  HA   sing N N 157 
ILE C   O    doub N N 158 
ILE C   OXT  sing N N 159 
ILE CB  CG1  sing N N 160 
ILE CB  CG2  sing N N 161 
ILE CB  HB   sing N N 162 
ILE CG1 CD1  sing N N 163 
ILE CG1 HG12 sing N N 164 
ILE CG1 HG13 sing N N 165 
ILE CG2 HG21 sing N N 166 
ILE CG2 HG22 sing N N 167 
ILE CG2 HG23 sing N N 168 
ILE CD1 HD11 sing N N 169 
ILE CD1 HD12 sing N N 170 
ILE CD1 HD13 sing N N 171 
ILE OXT HXT  sing N N 172 
LEU N   CA   sing N N 173 
LEU N   H    sing N N 174 
LEU N   H2   sing N N 175 
LEU CA  C    sing N N 176 
LEU CA  CB   sing N N 177 
LEU CA  HA   sing N N 178 
LEU C   O    doub N N 179 
LEU C   OXT  sing N N 180 
LEU CB  CG   sing N N 181 
LEU CB  HB2  sing N N 182 
LEU CB  HB3  sing N N 183 
LEU CG  CD1  sing N N 184 
LEU CG  CD2  sing N N 185 
LEU CG  HG   sing N N 186 
LEU CD1 HD11 sing N N 187 
LEU CD1 HD12 sing N N 188 
LEU CD1 HD13 sing N N 189 
LEU CD2 HD21 sing N N 190 
LEU CD2 HD22 sing N N 191 
LEU CD2 HD23 sing N N 192 
LEU OXT HXT  sing N N 193 
LYS N   CA   sing N N 194 
LYS N   H    sing N N 195 
LYS N   H2   sing N N 196 
LYS CA  C    sing N N 197 
LYS CA  CB   sing N N 198 
LYS CA  HA   sing N N 199 
LYS C   O    doub N N 200 
LYS C   OXT  sing N N 201 
LYS CB  CG   sing N N 202 
LYS CB  HB2  sing N N 203 
LYS CB  HB3  sing N N 204 
LYS CG  CD   sing N N 205 
LYS CG  HG2  sing N N 206 
LYS CG  HG3  sing N N 207 
LYS CD  CE   sing N N 208 
LYS CD  HD2  sing N N 209 
LYS CD  HD3  sing N N 210 
LYS CE  NZ   sing N N 211 
LYS CE  HE2  sing N N 212 
LYS CE  HE3  sing N N 213 
LYS NZ  HZ1  sing N N 214 
LYS NZ  HZ2  sing N N 215 
LYS NZ  HZ3  sing N N 216 
LYS OXT HXT  sing N N 217 
MSE N   CA   sing N N 218 
MSE N   H    sing N N 219 
MSE N   H2   sing N N 220 
MSE CA  C    sing N N 221 
MSE CA  CB   sing N N 222 
MSE CA  HA   sing N N 223 
MSE C   O    doub N N 224 
MSE C   OXT  sing N N 225 
MSE OXT HXT  sing N N 226 
MSE CB  CG   sing N N 227 
MSE CB  HB2  sing N N 228 
MSE CB  HB3  sing N N 229 
MSE CG  SE   sing N N 230 
MSE CG  HG2  sing N N 231 
MSE CG  HG3  sing N N 232 
MSE SE  CE   sing N N 233 
MSE CE  HE1  sing N N 234 
MSE CE  HE2  sing N N 235 
MSE CE  HE3  sing N N 236 
PHE N   CA   sing N N 237 
PHE N   H    sing N N 238 
PHE N   H2   sing N N 239 
PHE CA  C    sing N N 240 
PHE CA  CB   sing N N 241 
PHE CA  HA   sing N N 242 
PHE C   O    doub N N 243 
PHE C   OXT  sing N N 244 
PHE CB  CG   sing N N 245 
PHE CB  HB2  sing N N 246 
PHE CB  HB3  sing N N 247 
PHE CG  CD1  doub Y N 248 
PHE CG  CD2  sing Y N 249 
PHE CD1 CE1  sing Y N 250 
PHE CD1 HD1  sing N N 251 
PHE CD2 CE2  doub Y N 252 
PHE CD2 HD2  sing N N 253 
PHE CE1 CZ   doub Y N 254 
PHE CE1 HE1  sing N N 255 
PHE CE2 CZ   sing Y N 256 
PHE CE2 HE2  sing N N 257 
PHE CZ  HZ   sing N N 258 
PHE OXT HXT  sing N N 259 
PRO N   CA   sing N N 260 
PRO N   CD   sing N N 261 
PRO N   H    sing N N 262 
PRO CA  C    sing N N 263 
PRO CA  CB   sing N N 264 
PRO CA  HA   sing N N 265 
PRO C   O    doub N N 266 
PRO C   OXT  sing N N 267 
PRO CB  CG   sing N N 268 
PRO CB  HB2  sing N N 269 
PRO CB  HB3  sing N N 270 
PRO CG  CD   sing N N 271 
PRO CG  HG2  sing N N 272 
PRO CG  HG3  sing N N 273 
PRO CD  HD2  sing N N 274 
PRO CD  HD3  sing N N 275 
PRO OXT HXT  sing N N 276 
SER N   CA   sing N N 277 
SER N   H    sing N N 278 
SER N   H2   sing N N 279 
SER CA  C    sing N N 280 
SER CA  CB   sing N N 281 
SER CA  HA   sing N N 282 
SER C   O    doub N N 283 
SER C   OXT  sing N N 284 
SER CB  OG   sing N N 285 
SER CB  HB2  sing N N 286 
SER CB  HB3  sing N N 287 
SER OG  HG   sing N N 288 
SER OXT HXT  sing N N 289 
THR N   CA   sing N N 290 
THR N   H    sing N N 291 
THR N   H2   sing N N 292 
THR CA  C    sing N N 293 
THR CA  CB   sing N N 294 
THR CA  HA   sing N N 295 
THR C   O    doub N N 296 
THR C   OXT  sing N N 297 
THR CB  OG1  sing N N 298 
THR CB  CG2  sing N N 299 
THR CB  HB   sing N N 300 
THR OG1 HG1  sing N N 301 
THR CG2 HG21 sing N N 302 
THR CG2 HG22 sing N N 303 
THR CG2 HG23 sing N N 304 
THR OXT HXT  sing N N 305 
TYR N   CA   sing N N 306 
TYR N   H    sing N N 307 
TYR N   H2   sing N N 308 
TYR CA  C    sing N N 309 
TYR CA  CB   sing N N 310 
TYR CA  HA   sing N N 311 
TYR C   O    doub N N 312 
TYR C   OXT  sing N N 313 
TYR CB  CG   sing N N 314 
TYR CB  HB2  sing N N 315 
TYR CB  HB3  sing N N 316 
TYR CG  CD1  doub Y N 317 
TYR CG  CD2  sing Y N 318 
TYR CD1 CE1  sing Y N 319 
TYR CD1 HD1  sing N N 320 
TYR CD2 CE2  doub Y N 321 
TYR CD2 HD2  sing N N 322 
TYR CE1 CZ   doub Y N 323 
TYR CE1 HE1  sing N N 324 
TYR CE2 CZ   sing Y N 325 
TYR CE2 HE2  sing N N 326 
TYR CZ  OH   sing N N 327 
TYR OH  HH   sing N N 328 
TYR OXT HXT  sing N N 329 
VAL N   CA   sing N N 330 
VAL N   H    sing N N 331 
VAL N   H2   sing N N 332 
VAL CA  C    sing N N 333 
VAL CA  CB   sing N N 334 
VAL CA  HA   sing N N 335 
VAL C   O    doub N N 336 
VAL C   OXT  sing N N 337 
VAL CB  CG1  sing N N 338 
VAL CB  CG2  sing N N 339 
VAL CB  HB   sing N N 340 
VAL CG1 HG11 sing N N 341 
VAL CG1 HG12 sing N N 342 
VAL CG1 HG13 sing N N 343 
VAL CG2 HG21 sing N N 344 
VAL CG2 HG22 sing N N 345 
VAL CG2 HG23 sing N N 346 
VAL OXT HXT  sing N N 347 
# 
_atom_sites.entry_id                    3IC6 
_atom_sites.fract_transf_matrix[1][1]   0.00853180 
_atom_sites.fract_transf_matrix[1][2]   -0.01324027 
_atom_sites.fract_transf_matrix[1][3]   0.00113290 
_atom_sites.fract_transf_matrix[2][1]   -0.00709154 
_atom_sites.fract_transf_matrix[2][2]   -0.01407304 
_atom_sites.fract_transf_matrix[2][3]   -0.00100757 
_atom_sites.fract_transf_matrix[3][1]   0.00070146 
_atom_sites.fract_transf_matrix[3][2]   0.00001347 
_atom_sites.fract_transf_matrix[3][3]   -0.00512520 
_atom_sites.fract_transf_vector[1]      0.915615 
_atom_sites.fract_transf_vector[2]      0.463743 
_atom_sites.fract_transf_vector[3]      0.049567 
# 
loop_
_atom_type.symbol 
C  
N  
O  
S  
SE 
# 
loop_
_atom_site.group_PDB 
_atom_site.id 
_atom_site.type_symbol 
_atom_site.label_atom_id 
_atom_site.label_alt_id 
_atom_site.label_comp_id 
_atom_site.label_asym_id 
_atom_site.label_entity_id 
_atom_site.label_seq_id 
_atom_site.pdbx_PDB_ins_code 
_atom_site.Cartn_x 
_atom_site.Cartn_y 
_atom_site.Cartn_z 
_atom_site.occupancy 
_atom_site.B_iso_or_equiv 
_atom_site.pdbx_formal_charge 
_atom_site.auth_seq_id 
_atom_site.auth_comp_id 
_atom_site.auth_asym_id 
_atom_site.auth_atom_id 
_atom_site.pdbx_PDB_model_num 
ATOM   1    N  N   . LEU A 1 7   ? 18.763  8.024   -24.555 1.00 50.01 ? 4   LEU A N   1 
ATOM   2    C  CA  . LEU A 1 7   ? 17.977  6.755   -24.693 1.00 49.93 ? 4   LEU A CA  1 
ATOM   3    C  C   . LEU A 1 7   ? 16.823  6.720   -23.677 1.00 49.96 ? 4   LEU A C   1 
ATOM   4    O  O   . LEU A 1 7   ? 16.700  7.604   -22.833 1.00 50.24 ? 4   LEU A O   1 
ATOM   5    C  CB  . LEU A 1 7   ? 18.882  5.505   -24.569 1.00 49.87 ? 4   LEU A CB  1 
ATOM   6    C  CG  . LEU A 1 7   ? 20.141  5.313   -25.441 1.00 49.05 ? 4   LEU A CG  1 
ATOM   7    C  CD1 . LEU A 1 7   ? 20.923  4.061   -25.023 1.00 48.01 ? 4   LEU A CD1 1 
ATOM   8    C  CD2 . LEU A 1 7   ? 19.822  5.270   -26.928 1.00 47.75 ? 4   LEU A CD2 1 
ATOM   9    N  N   . LYS A 1 8   ? 15.979  5.698   -23.780 1.00 49.96 ? 5   LYS A N   1 
ATOM   10   C  CA  . LYS A 1 8   ? 14.731  5.593   -23.012 1.00 49.87 ? 5   LYS A CA  1 
ATOM   11   C  C   . LYS A 1 8   ? 14.855  4.490   -21.934 1.00 49.23 ? 5   LYS A C   1 
ATOM   12   O  O   . LYS A 1 8   ? 15.257  3.358   -22.256 1.00 49.29 ? 5   LYS A O   1 
ATOM   13   C  CB  . LYS A 1 8   ? 13.588  5.287   -23.995 1.00 49.94 ? 5   LYS A CB  1 
ATOM   14   C  CG  . LYS A 1 8   ? 12.208  5.128   -23.397 1.00 51.42 ? 5   LYS A CG  1 
ATOM   15   C  CD  . LYS A 1 8   ? 11.277  4.453   -24.398 1.00 52.77 ? 5   LYS A CD  1 
ATOM   16   C  CE  . LYS A 1 8   ? 10.013  3.933   -23.702 1.00 52.35 ? 5   LYS A CE  1 
ATOM   17   N  NZ  . LYS A 1 8   ? 9.210   3.071   -24.621 1.00 50.88 ? 5   LYS A NZ  1 
ATOM   18   N  N   . PRO A 1 9   ? 14.514  4.807   -20.656 1.00 48.64 ? 6   PRO A N   1 
ATOM   19   C  CA  . PRO A 1 9   ? 14.704  3.803   -19.577 1.00 47.86 ? 6   PRO A CA  1 
ATOM   20   C  C   . PRO A 1 9   ? 13.503  2.869   -19.457 1.00 46.91 ? 6   PRO A C   1 
ATOM   21   O  O   . PRO A 1 9   ? 12.360  3.336   -19.502 1.00 46.83 ? 6   PRO A O   1 
ATOM   22   C  CB  . PRO A 1 9   ? 14.828  4.662   -18.318 1.00 47.70 ? 6   PRO A CB  1 
ATOM   23   C  CG  . PRO A 1 9   ? 13.983  5.917   -18.637 1.00 48.52 ? 6   PRO A CG  1 
ATOM   24   C  CD  . PRO A 1 9   ? 13.780  5.993   -20.164 1.00 48.53 ? 6   PRO A CD  1 
ATOM   25   N  N   . ALA A 1 10  ? 13.757  1.564   -19.345 1.00 46.02 ? 7   ALA A N   1 
ATOM   26   C  CA  . ALA A 1 10  ? 12.693  0.588   -19.083 1.00 45.34 ? 7   ALA A CA  1 
ATOM   27   C  C   . ALA A 1 10  ? 12.296  0.724   -17.616 1.00 44.90 ? 7   ALA A C   1 
ATOM   28   O  O   . ALA A 1 10  ? 13.067  1.262   -16.821 1.00 45.06 ? 7   ALA A O   1 
ATOM   29   C  CB  . ALA A 1 10  ? 13.178  -0.820  -19.369 1.00 45.10 ? 7   ALA A CB  1 
ATOM   30   N  N   . LEU A 1 11  ? 11.098  0.273   -17.251 1.00 44.11 ? 8   LEU A N   1 
ATOM   31   C  CA  . LEU A 1 11  ? 10.745  0.169   -15.832 1.00 43.54 ? 8   LEU A CA  1 
ATOM   32   C  C   . LEU A 1 11  ? 11.679  -0.825  -15.136 1.00 42.50 ? 8   LEU A C   1 
ATOM   33   O  O   . LEU A 1 11  ? 11.828  -1.962  -15.606 1.00 42.41 ? 8   LEU A O   1 
ATOM   34   C  CB  . LEU A 1 11  ? 9.330   -0.370  -15.682 1.00 43.85 ? 8   LEU A CB  1 
ATOM   35   C  CG  . LEU A 1 11  ? 8.194   0.494   -16.182 1.00 44.88 ? 8   LEU A CG  1 
ATOM   36   C  CD1 . LEU A 1 11  ? 7.088   -0.394  -16.758 1.00 46.39 ? 8   LEU A CD1 1 
ATOM   37   C  CD2 . LEU A 1 11  ? 7.705   1.340   -15.031 1.00 45.12 ? 8   LEU A CD2 1 
ATOM   38   N  N   . PRO A 1 12  ? 12.308  -0.409  -14.020 1.00 41.39 ? 9   PRO A N   1 
ATOM   39   C  CA  . PRO A 1 12  ? 13.083  -1.372  -13.222 1.00 40.66 ? 9   PRO A CA  1 
ATOM   40   C  C   . PRO A 1 12  ? 12.219  -2.554  -12.783 1.00 39.95 ? 9   PRO A C   1 
ATOM   41   O  O   . PRO A 1 12  ? 11.055  -2.373  -12.421 1.00 39.75 ? 9   PRO A O   1 
ATOM   42   C  CB  . PRO A 1 12  ? 13.526  -0.551  -12.004 1.00 40.76 ? 9   PRO A CB  1 
ATOM   43   C  CG  . PRO A 1 12  ? 13.507  0.872   -12.470 1.00 40.83 ? 9   PRO A CG  1 
ATOM   44   C  CD  . PRO A 1 12  ? 12.389  0.963   -13.480 1.00 41.10 ? 9   PRO A CD  1 
ATOM   45   N  N   . ASP A 1 13  ? 12.765  -3.761  -12.838 1.00 39.65 ? 10  ASP A N   1 
ATOM   46   C  CA  . ASP A 1 13  ? 12.021  -4.939  -12.372 1.00 39.18 ? 10  ASP A CA  1 
ATOM   47   C  C   . ASP A 1 13  ? 11.669  -4.821  -10.892 1.00 37.59 ? 10  ASP A C   1 
ATOM   48   O  O   . ASP A 1 13  ? 10.595  -5.261  -10.482 1.00 37.46 ? 10  ASP A O   1 
ATOM   49   C  CB  . ASP A 1 13  ? 12.807  -6.233  -12.596 1.00 40.22 ? 10  ASP A CB  1 
ATOM   50   C  CG  . ASP A 1 13  ? 13.116  -6.495  -14.058 1.00 43.47 ? 10  ASP A CG  1 
ATOM   51   O  OD1 . ASP A 1 13  ? 13.146  -5.525  -14.852 1.00 47.82 ? 10  ASP A OD1 1 
ATOM   52   O  OD2 . ASP A 1 13  ? 13.343  -7.681  -14.412 1.00 46.45 ? 10  ASP A OD2 1 
ATOM   53   N  N   . TYR A 1 14  ? 12.551  -4.212  -10.097 1.00 35.78 ? 11  TYR A N   1 
ATOM   54   C  CA  . TYR A 1 14  ? 12.313  -4.109  -8.666  1.00 34.59 ? 11  TYR A CA  1 
ATOM   55   C  C   . TYR A 1 14  ? 10.938  -3.506  -8.281  1.00 33.98 ? 11  TYR A C   1 
ATOM   56   O  O   . TYR A 1 14  ? 10.441  -3.742  -7.165  1.00 34.32 ? 11  TYR A O   1 
ATOM   57   C  CB  . TYR A 1 14  ? 13.488  -3.466  -7.918  1.00 34.57 ? 11  TYR A CB  1 
ATOM   58   C  CG  . TYR A 1 14  ? 13.778  -2.010  -8.236  1.00 35.19 ? 11  TYR A CG  1 
ATOM   59   C  CD1 . TYR A 1 14  ? 12.788  -1.028  -8.101  1.00 34.30 ? 11  TYR A CD1 1 
ATOM   60   C  CD2 . TYR A 1 14  ? 15.060  -1.606  -8.616  1.00 34.80 ? 11  TYR A CD2 1 
ATOM   61   C  CE1 . TYR A 1 14  ? 13.044  0.300   -8.376  1.00 34.31 ? 11  TYR A CE1 1 
ATOM   62   C  CE2 . TYR A 1 14  ? 15.335  -0.273  -8.896  1.00 35.72 ? 11  TYR A CE2 1 
ATOM   63   C  CZ  . TYR A 1 14  ? 14.315  0.672   -8.780  1.00 36.56 ? 11  TYR A CZ  1 
ATOM   64   O  OH  . TYR A 1 14  ? 14.563  1.997   -9.060  1.00 36.45 ? 11  TYR A OH  1 
ATOM   65   N  N   . LEU A 1 15  ? 10.332  -2.747  -9.196  1.00 32.72 ? 12  LEU A N   1 
ATOM   66   C  CA  . LEU A 1 15  ? 9.000   -2.191  -8.975  1.00 31.86 ? 12  LEU A CA  1 
ATOM   67   C  C   . LEU A 1 15  ? 7.962   -3.263  -8.718  1.00 31.61 ? 12  LEU A C   1 
ATOM   68   O  O   . LEU A 1 15  ? 6.995   -3.016  -8.001  1.00 30.94 ? 12  LEU A O   1 
ATOM   69   C  CB  . LEU A 1 15  ? 8.545   -1.310  -10.132 1.00 30.97 ? 12  LEU A CB  1 
ATOM   70   C  CG  . LEU A 1 15  ? 9.257   0.033   -10.220 1.00 29.79 ? 12  LEU A CG  1 
ATOM   71   C  CD1 . LEU A 1 15  ? 8.737   0.772   -11.422 1.00 30.40 ? 12  LEU A CD1 1 
ATOM   72   C  CD2 . LEU A 1 15  ? 9.096   0.879   -8.983  1.00 27.85 ? 12  LEU A CD2 1 
ATOM   73   N  N   . GLY A 1 16  ? 8.184   -4.448  -9.294  1.00 31.27 ? 13  GLY A N   1 
ATOM   74   C  CA  . GLY A 1 16  ? 7.317   -5.610  -9.082  1.00 30.76 ? 13  GLY A CA  1 
ATOM   75   C  C   . GLY A 1 16  ? 7.265   -6.084  -7.643  1.00 30.47 ? 13  GLY A C   1 
ATOM   76   O  O   . GLY A 1 16  ? 6.392   -6.857  -7.269  1.00 30.45 ? 13  GLY A O   1 
ATOM   77   N  N   . ASN A 1 17  ? 8.198   -5.600  -6.833  1.00 30.77 ? 14  ASN A N   1 
ATOM   78   C  CA  . ASN A 1 17  ? 8.267   -5.951  -5.422  1.00 30.98 ? 14  ASN A CA  1 
ATOM   79   C  C   . ASN A 1 17  ? 7.662   -4.896  -4.504  1.00 31.06 ? 14  ASN A C   1 
ATOM   80   O  O   . ASN A 1 17  ? 7.768   -4.998  -3.277  1.00 31.26 ? 14  ASN A O   1 
ATOM   81   C  CB  . ASN A 1 17  ? 9.720   -6.191  -5.001  1.00 30.79 ? 14  ASN A CB  1 
ATOM   82   C  CG  . ASN A 1 17  ? 10.355  -7.361  -5.710  1.00 31.12 ? 14  ASN A CG  1 
ATOM   83   O  OD1 . ASN A 1 17  ? 9.673   -8.205  -6.299  1.00 30.95 ? 14  ASN A OD1 1 
ATOM   84   N  ND2 . ASN A 1 17  ? 11.681  -7.422  -5.651  1.00 30.77 ? 14  ASN A ND2 1 
ATOM   85   N  N   . ILE A 1 18  ? 7.065   -3.864  -5.069  1.00 31.02 ? 15  ILE A N   1 
ATOM   86   C  CA  . ILE A 1 18  ? 6.479   -2.857  -4.212  1.00 31.62 ? 15  ILE A CA  1 
ATOM   87   C  C   . ILE A 1 18  ? 4.999   -3.103  -4.160  1.00 31.71 ? 15  ILE A C   1 
ATOM   88   O  O   . ILE A 1 18  ? 4.395   -3.301  -5.187  1.00 32.64 ? 15  ILE A O   1 
ATOM   89   C  CB  . ILE A 1 18  ? 6.815   -1.423  -4.649  1.00 31.44 ? 15  ILE A CB  1 
ATOM   90   C  CG1 . ILE A 1 18  ? 8.331   -1.213  -4.600  1.00 31.55 ? 15  ILE A CG1 1 
ATOM   91   C  CG2 . ILE A 1 18  ? 6.081   -0.389  -3.739  1.00 31.94 ? 15  ILE A CG2 1 
ATOM   92   C  CD1 . ILE A 1 18  ? 8.818   0.107   -5.162  1.00 31.78 ? 15  ILE A CD1 1 
ATOM   93   N  N   . ARG A 1 19  ? 4.428   -3.131  -2.959  1.00 32.13 ? 16  ARG A N   1 
ATOM   94   C  CA  . ARG A 1 19  ? 2.988   -3.326  -2.793  1.00 32.85 ? 16  ARG A CA  1 
ATOM   95   C  C   . ARG A 1 19  ? 2.293   -2.084  -2.283  1.00 31.52 ? 16  ARG A C   1 
ATOM   96   O  O   . ARG A 1 19  ? 2.776   -1.401  -1.368  1.00 31.13 ? 16  ARG A O   1 
ATOM   97   C  CB  . ARG A 1 19  ? 2.703   -4.485  -1.849  1.00 33.44 ? 16  ARG A CB  1 
ATOM   98   C  CG  . ARG A 1 19  ? 2.694   -5.811  -2.540  1.00 39.83 ? 16  ARG A CG  1 
ATOM   99   C  CD  . ARG A 1 19  ? 2.427   -6.941  -1.545  1.00 48.86 ? 16  ARG A CD  1 
ATOM   100  N  NE  . ARG A 1 19  ? 2.914   -8.235  -2.052  1.00 55.37 ? 16  ARG A NE  1 
ATOM   101  C  CZ  . ARG A 1 19  ? 3.412   -9.217  -1.289  1.00 58.86 ? 16  ARG A CZ  1 
ATOM   102  N  NH1 . ARG A 1 19  ? 3.501   -9.069  0.040   1.00 59.56 ? 16  ARG A NH1 1 
ATOM   103  N  NH2 . ARG A 1 19  ? 3.829   -10.358 -1.853  1.00 60.04 ? 16  ARG A NH2 1 
ATOM   104  N  N   . ILE A 1 20  ? 1.146   -1.802  -2.877  1.00 30.84 ? 17  ILE A N   1 
ATOM   105  C  CA  . ILE A 1 20  ? 0.266   -0.790  -2.335  1.00 30.03 ? 17  ILE A CA  1 
ATOM   106  C  C   . ILE A 1 20  ? -0.859  -1.489  -1.612  1.00 29.95 ? 17  ILE A C   1 
ATOM   107  O  O   . ILE A 1 20  ? -1.508  -2.391  -2.169  1.00 30.02 ? 17  ILE A O   1 
ATOM   108  C  CB  . ILE A 1 20  ? -0.229  0.199   -3.395  1.00 30.15 ? 17  ILE A CB  1 
ATOM   109  C  CG1 . ILE A 1 20  ? 0.848   1.264   -3.628  1.00 29.61 ? 17  ILE A CG1 1 
ATOM   110  C  CG2 . ILE A 1 20  ? -1.408  1.000   -2.874  1.00 29.74 ? 17  ILE A CG2 1 
ATOM   111  C  CD1 . ILE A 1 20  ? 1.997   0.808   -4.371  1.00 30.92 ? 17  ILE A CD1 1 
ATOM   112  N  N   . ILE A 1 21  ? -1.043  -1.102  -0.354  1.00 29.01 ? 18  ILE A N   1 
ATOM   113  C  CA  . ILE A 1 21  ? -2.027  -1.729  0.509   1.00 28.65 ? 18  ILE A CA  1 
ATOM   114  C  C   . ILE A 1 21  ? -3.057  -0.731  1.001   1.00 29.05 ? 18  ILE A C   1 
ATOM   115  O  O   . ILE A 1 21  ? -2.716  0.269   1.674   1.00 29.15 ? 18  ILE A O   1 
ATOM   116  C  CB  . ILE A 1 21  ? -1.337  -2.465  1.706   1.00 29.12 ? 18  ILE A CB  1 
ATOM   117  C  CG1 . ILE A 1 21  ? -0.311  -3.454  1.138   1.00 28.79 ? 18  ILE A CG1 1 
ATOM   118  C  CG2 . ILE A 1 21  ? -2.369  -3.168  2.584   1.00 25.38 ? 18  ILE A CG2 1 
ATOM   119  C  CD1 . ILE A 1 21  ? 0.289   -4.364  2.130   1.00 28.96 ? 18  ILE A CD1 1 
ATOM   120  N  N   . LEU A 1 22  ? -4.316  -1.019  0.665   1.00 29.06 ? 19  LEU A N   1 
ATOM   121  C  CA  . LEU A 1 22  ? -5.435  -0.169  1.030   1.00 29.40 ? 19  LEU A CA  1 
ATOM   122  C  C   . LEU A 1 22  ? -6.302  -0.892  2.041   1.00 30.90 ? 19  LEU A C   1 
ATOM   123  O  O   . LEU A 1 22  ? -6.773  -2.035  1.811   1.00 31.53 ? 19  LEU A O   1 
ATOM   124  C  CB  . LEU A 1 22  ? -6.278  0.180   -0.179  1.00 28.96 ? 19  LEU A CB  1 
ATOM   125  C  CG  . LEU A 1 22  ? -5.704  0.991   -1.341  1.00 29.05 ? 19  LEU A CG  1 
ATOM   126  C  CD1 . LEU A 1 22  ? -6.840  1.350   -2.280  1.00 27.08 ? 19  LEU A CD1 1 
ATOM   127  C  CD2 . LEU A 1 22  ? -4.979  2.244   -0.897  1.00 28.25 ? 19  LEU A CD2 1 
ATOM   128  N  N   . THR A 1 23  ? -6.556  -0.194  3.135   1.00 31.21 ? 20  THR A N   1 
ATOM   129  C  CA  . THR A 1 23  ? -7.076  -0.776  4.346   1.00 32.01 ? 20  THR A CA  1 
ATOM   130  C  C   . THR A 1 23  ? -8.357  -0.064  4.743   1.00 32.50 ? 20  THR A C   1 
ATOM   131  O  O   . THR A 1 23  ? -8.381  1.178   4.836   1.00 32.41 ? 20  THR A O   1 
ATOM   132  C  CB  . THR A 1 23  ? -6.014  -0.589  5.446   1.00 32.20 ? 20  THR A CB  1 
ATOM   133  O  OG1 . THR A 1 23  ? -5.152  -1.727  5.465   1.00 33.63 ? 20  THR A OG1 1 
ATOM   134  C  CG2 . THR A 1 23  ? -6.621  -0.406  6.769   1.00 31.62 ? 20  THR A CG2 1 
ATOM   135  N  N   . ARG A 1 24  ? -9.413  -0.849  4.987   1.00 32.59 ? 21  ARG A N   1 
ATOM   136  C  CA  . ARG A 1 24  ? -10.703 -0.324  5.465   1.00 33.20 ? 21  ARG A CA  1 
ATOM   137  C  C   . ARG A 1 24  ? -11.256 0.809   4.570   1.00 33.32 ? 21  ARG A C   1 
ATOM   138  O  O   . ARG A 1 24  ? -11.742 1.847   5.059   1.00 32.85 ? 21  ARG A O   1 
ATOM   139  C  CB  . ARG A 1 24  ? -10.612 0.108   6.939   1.00 32.90 ? 21  ARG A CB  1 
ATOM   140  C  CG  . ARG A 1 24  ? -10.363 -1.054  7.906   1.00 35.00 ? 21  ARG A CG  1 
ATOM   141  C  CD  . ARG A 1 24  ? -10.423 -0.625  9.359   1.00 36.88 ? 21  ARG A CD  1 
ATOM   142  N  NE  . ARG A 1 24  ? -9.749  0.661   9.580   1.00 42.30 ? 21  ARG A NE  1 
ATOM   143  C  CZ  . ARG A 1 24  ? -9.832  1.375   10.704  1.00 43.62 ? 21  ARG A CZ  1 
ATOM   144  N  NH1 . ARG A 1 24  ? -10.568 0.928   11.710  1.00 46.69 ? 21  ARG A NH1 1 
ATOM   145  N  NH2 . ARG A 1 24  ? -9.194  2.531   10.836  1.00 43.53 ? 21  ARG A NH2 1 
ATOM   146  N  N   . THR A 1 25  ? -11.176 0.594   3.260   1.00 33.38 ? 22  THR A N   1 
ATOM   147  C  CA  . THR A 1 25  ? -11.640 1.583   2.294   1.00 34.27 ? 22  THR A CA  1 
ATOM   148  C  C   . THR A 1 25  ? -13.168 1.702   2.261   1.00 34.47 ? 22  THR A C   1 
ATOM   149  O  O   . THR A 1 25  ? -13.869 0.690   2.165   1.00 34.31 ? 22  THR A O   1 
ATOM   150  C  CB  . THR A 1 25  ? -11.152 1.224   0.901   1.00 34.19 ? 22  THR A CB  1 
ATOM   151  O  OG1 . THR A 1 25  ? -9.770  0.867   0.993   1.00 35.29 ? 22  THR A OG1 1 
ATOM   152  C  CG2 . THR A 1 25  ? -11.319 2.419   -0.034  1.00 34.28 ? 22  THR A CG2 1 
ATOM   153  N  N   . SER A 1 26  ? -13.659 2.943   2.318   1.00 34.54 ? 23  SER A N   1 
ATOM   154  C  CA  . SER A 1 26  ? -15.088 3.232   2.262   1.00 34.75 ? 23  SER A CA  1 
ATOM   155  C  C   . SER A 1 26  ? -15.542 3.377   0.834   1.00 35.19 ? 23  SER A C   1 
ATOM   156  O  O   . SER A 1 26  ? -16.520 2.760   0.451   1.00 36.33 ? 23  SER A O   1 
ATOM   157  C  CB  . SER A 1 26  ? -15.455 4.500   3.042   1.00 34.68 ? 23  SER A CB  1 
ATOM   158  O  OG  . SER A 1 26  ? -15.021 4.431   4.391   1.00 34.52 ? 23  SER A OG  1 
ATOM   159  N  N   . HIS A 1 27  ? -14.827 4.166   0.036   1.00 35.46 ? 24  HIS A N   1 
ATOM   160  C  CA  . HIS A 1 27  ? -15.290 4.528   -1.304  1.00 35.23 ? 24  HIS A CA  1 
ATOM   161  C  C   . HIS A 1 27  ? -14.749 3.648   -2.415  1.00 35.35 ? 24  HIS A C   1 
ATOM   162  O  O   . HIS A 1 27  ? -13.539 3.615   -2.643  1.00 35.80 ? 24  HIS A O   1 
ATOM   163  C  CB  . HIS A 1 27  ? -14.941 5.976   -1.609  1.00 35.16 ? 24  HIS A CB  1 
ATOM   164  C  CG  . HIS A 1 27  ? -15.917 6.641   -2.529  1.00 35.42 ? 24  HIS A CG  1 
ATOM   165  N  ND1 . HIS A 1 27  ? -16.389 6.032   -3.672  1.00 34.92 ? 24  HIS A ND1 1 
ATOM   166  C  CD2 . HIS A 1 27  ? -16.504 7.861   -2.479  1.00 34.77 ? 24  HIS A CD2 1 
ATOM   167  C  CE1 . HIS A 1 27  ? -17.233 6.845   -4.283  1.00 34.56 ? 24  HIS A CE1 1 
ATOM   168  N  NE2 . HIS A 1 27  ? -17.316 7.962   -3.583  1.00 35.82 ? 24  HIS A NE2 1 
ATOM   169  N  N   . PRO A 1 28  ? -15.644 2.939   -3.124  1.00 35.28 ? 25  PRO A N   1 
ATOM   170  C  CA  . PRO A 1 28  ? -15.278 2.064   -4.245  1.00 34.97 ? 25  PRO A CA  1 
ATOM   171  C  C   . PRO A 1 28  ? -14.470 2.828   -5.301  1.00 35.20 ? 25  PRO A C   1 
ATOM   172  O  O   . PRO A 1 28  ? -13.567 2.245   -5.919  1.00 35.63 ? 25  PRO A O   1 
ATOM   173  C  CB  . PRO A 1 28  ? -16.632 1.675   -4.841  1.00 34.66 ? 25  PRO A CB  1 
ATOM   174  C  CG  . PRO A 1 28  ? -17.587 1.835   -3.751  1.00 34.82 ? 25  PRO A CG  1 
ATOM   175  C  CD  . PRO A 1 28  ? -17.100 2.971   -2.906  1.00 35.07 ? 25  PRO A CD  1 
ATOM   176  N  N   . ALA A 1 29  ? -14.800 4.107   -5.506  1.00 34.49 ? 26  ALA A N   1 
ATOM   177  C  CA  . ALA A 1 29  ? -14.095 4.952   -6.475  1.00 34.30 ? 26  ALA A CA  1 
ATOM   178  C  C   . ALA A 1 29  ? -12.604 5.034   -6.160  1.00 33.59 ? 26  ALA A C   1 
ATOM   179  O  O   . ALA A 1 29  ? -11.771 4.933   -7.040  1.00 33.64 ? 26  ALA A O   1 
ATOM   180  C  CB  . ALA A 1 29  ? -14.698 6.343   -6.517  1.00 33.77 ? 26  ALA A CB  1 
ATOM   181  N  N   . ASN A 1 30  ? -12.289 5.172   -4.885  1.00 33.21 ? 27  ASN A N   1 
ATOM   182  C  CA  . ASN A 1 30  ? -10.921 5.269   -4.441  1.00 32.89 ? 27  ASN A CA  1 
ATOM   183  C  C   . ASN A 1 30  ? -10.057 4.087   -4.789  1.00 32.92 ? 27  ASN A C   1 
ATOM   184  O  O   . ASN A 1 30  ? -8.885  4.239   -5.043  1.00 33.31 ? 27  ASN A O   1 
ATOM   185  C  CB  . ASN A 1 30  ? -10.892 5.539   -2.954  1.00 32.66 ? 27  ASN A CB  1 
ATOM   186  C  CG  . ASN A 1 30  ? -11.233 6.972   -2.638  1.00 32.69 ? 27  ASN A CG  1 
ATOM   187  O  OD1 . ASN A 1 30  ? -10.957 7.889   -3.435  1.00 33.29 ? 27  ASN A OD1 1 
ATOM   188  N  ND2 . ASN A 1 30  ? -11.827 7.189   -1.483  1.00 30.95 ? 27  ASN A ND2 1 
ATOM   189  N  N   . ILE A 1 31  ? -10.640 2.905   -4.816  1.00 33.21 ? 28  ILE A N   1 
ATOM   190  C  CA  . ILE A 1 31  ? -9.913  1.721   -5.223  1.00 33.06 ? 28  ILE A CA  1 
ATOM   191  C  C   . ILE A 1 31  ? -9.533  1.853   -6.703  1.00 33.00 ? 28  ILE A C   1 
ATOM   192  O  O   . ILE A 1 31  ? -8.387  1.570   -7.092  1.00 33.02 ? 28  ILE A O   1 
ATOM   193  C  CB  . ILE A 1 31  ? -10.779 0.474   -5.006  1.00 33.33 ? 28  ILE A CB  1 
ATOM   194  C  CG1 . ILE A 1 31  ? -11.409 0.516   -3.610  1.00 33.31 ? 28  ILE A CG1 1 
ATOM   195  C  CG2 . ILE A 1 31  ? -10.004 -0.819  -5.348  1.00 32.61 ? 28  ILE A CG2 1 
ATOM   196  C  CD1 . ILE A 1 31  ? -10.976 -0.529  -2.669  1.00 35.82 ? 28  ILE A CD1 1 
ATOM   197  N  N   . GLY A 1 32  ? -10.503 2.277   -7.515  1.00 32.36 ? 29  GLY A N   1 
ATOM   198  C  CA  . GLY A 1 32  ? -10.284 2.538   -8.928  1.00 32.51 ? 29  GLY A CA  1 
ATOM   199  C  C   . GLY A 1 32  ? -9.209  3.585   -9.167  1.00 32.61 ? 29  GLY A C   1 
ATOM   200  O  O   . GLY A 1 32  ? -8.298  3.367   -9.957  1.00 32.99 ? 29  GLY A O   1 
ATOM   201  N  N   . SER A 1 33  ? -9.302  4.712   -8.465  1.00 32.45 ? 30  SER A N   1 
ATOM   202  C  CA  . SER A 1 33  ? -8.309  5.771   -8.570  1.00 32.28 ? 30  SER A CA  1 
ATOM   203  C  C   . SER A 1 33  ? -6.921  5.255   -8.238  1.00 32.30 ? 30  SER A C   1 
ATOM   204  O  O   . SER A 1 33  ? -5.954  5.576   -8.950  1.00 32.70 ? 30  SER A O   1 
ATOM   205  C  CB  . SER A 1 33  ? -8.647  6.939   -7.651  1.00 31.79 ? 30  SER A CB  1 
ATOM   206  O  OG  . SER A 1 33  ? -9.936  7.421   -7.931  1.00 32.57 ? 30  SER A OG  1 
ATOM   207  N  N   . ALA A 1 34  ? -6.830  4.478   -7.162  1.00 31.43 ? 31  ALA A N   1 
ATOM   208  C  CA  . ALA A 1 34  ? -5.566  3.925   -6.716  1.00 31.66 ? 31  ALA A CA  1 
ATOM   209  C  C   . ALA A 1 34  ? -4.901  3.081   -7.807  1.00 32.08 ? 31  ALA A C   1 
ATOM   210  O  O   . ALA A 1 34  ? -3.720  3.276   -8.103  1.00 32.21 ? 31  ALA A O   1 
ATOM   211  C  CB  . ALA A 1 34  ? -5.761  3.091   -5.463  1.00 31.75 ? 31  ALA A CB  1 
ATOM   212  N  N   . ALA A 1 35  ? -5.649  2.146   -8.395  1.00 31.84 ? 32  ALA A N   1 
ATOM   213  C  CA  . ALA A 1 35  ? -5.147  1.375   -9.536  1.00 31.83 ? 32  ALA A CA  1 
ATOM   214  C  C   . ALA A 1 35  ? -4.628  2.286   -10.661 1.00 31.77 ? 32  ALA A C   1 
ATOM   215  O  O   . ALA A 1 35  ? -3.529  2.078   -11.188 1.00 31.82 ? 32  ALA A O   1 
ATOM   216  C  CB  . ALA A 1 35  ? -6.231  0.415   -10.064 1.00 31.61 ? 32  ALA A CB  1 
ATOM   217  N  N   . ARG A 1 36  ? -5.415  3.301   -11.011 1.00 31.76 ? 33  ARG A N   1 
ATOM   218  C  CA  . ARG A 1 36  ? -5.066  4.253   -12.092 1.00 31.98 ? 33  ARG A CA  1 
ATOM   219  C  C   . ARG A 1 36  ? -3.756  5.012   -11.757 1.00 31.04 ? 33  ARG A C   1 
ATOM   220  O  O   . ARG A 1 36  ? -2.816  5.042   -12.560 1.00 30.43 ? 33  ARG A O   1 
ATOM   221  C  CB  . ARG A 1 36  ? -6.241  5.203   -12.333 1.00 31.97 ? 33  ARG A CB  1 
ATOM   222  C  CG  . ARG A 1 36  ? -6.331  5.787   -13.709 1.00 35.13 ? 33  ARG A CG  1 
ATOM   223  C  CD  . ARG A 1 36  ? -7.342  6.932   -13.748 1.00 36.37 ? 33  ARG A CD  1 
ATOM   224  N  NE  . ARG A 1 36  ? -6.854  7.987   -14.620 1.00 39.84 ? 33  ARG A NE  1 
ATOM   225  C  CZ  . ARG A 1 36  ? -7.432  9.182   -14.788 1.00 41.90 ? 33  ARG A CZ  1 
ATOM   226  N  NH1 . ARG A 1 36  ? -8.547  9.479   -14.119 1.00 40.18 ? 33  ARG A NH1 1 
ATOM   227  N  NH2 . ARG A 1 36  ? -6.897  10.076  -15.643 1.00 39.22 ? 33  ARG A NH2 1 
ATOM   228  N  N   . ALA A 1 37  ? -3.691  5.560   -10.539 1.00 30.22 ? 34  ALA A N   1 
ATOM   229  C  CA  . ALA A 1 37  ? -2.484  6.209   -10.033 1.00 29.74 ? 34  ALA A CA  1 
ATOM   230  C  C   . ALA A 1 37  ? -1.274  5.261   -10.043 1.00 29.62 ? 34  ALA A C   1 
ATOM   231  O  O   . ALA A 1 37  ? -0.175  5.651   -10.438 1.00 29.14 ? 34  ALA A O   1 
ATOM   232  C  CB  . ALA A 1 37  ? -2.727  6.794   -8.636  1.00 29.11 ? 34  ALA A CB  1 
HETATM 233  N  N   . MSE A 1 38  ? -1.484  4.016   -9.623  1.00 29.65 ? 35  MSE A N   1 
HETATM 234  C  CA  . MSE A 1 38  ? -0.392  3.052   -9.531  1.00 29.92 ? 35  MSE A CA  1 
HETATM 235  C  C   . MSE A 1 38  ? 0.191   2.722   -10.889 1.00 30.06 ? 35  MSE A C   1 
HETATM 236  O  O   . MSE A 1 38  ? 1.399   2.819   -11.077 1.00 30.41 ? 35  MSE A O   1 
HETATM 237  C  CB  . MSE A 1 38  ? -0.851  1.762   -8.892  1.00 29.81 ? 35  MSE A CB  1 
HETATM 238  C  CG  . MSE A 1 38  ? -1.081  1.878   -7.432  1.00 30.98 ? 35  MSE A CG  1 
HETATM 239  SE SE  . MSE A 1 38  ? -2.042  0.334   -6.800  0.75 31.26 ? 35  MSE A SE  1 
HETATM 240  C  CE  . MSE A 1 38  ? -0.739  -1.054  -7.222  1.00 31.48 ? 35  MSE A CE  1 
ATOM   241  N  N   . LYS A 1 39  ? -0.662  2.325   -11.832 1.00 30.04 ? 36  LYS A N   1 
ATOM   242  C  CA  . LYS A 1 39  ? -0.177  1.811   -13.111 1.00 29.64 ? 36  LYS A CA  1 
ATOM   243  C  C   . LYS A 1 39  ? 0.594   2.885   -13.887 1.00 29.33 ? 36  LYS A C   1 
ATOM   244  O  O   . LYS A 1 39  ? 1.636   2.605   -14.495 1.00 29.54 ? 36  LYS A O   1 
ATOM   245  C  CB  . LYS A 1 39  ? -1.329  1.260   -13.940 1.00 29.76 ? 36  LYS A CB  1 
ATOM   246  C  CG  . LYS A 1 39  ? -0.897  0.233   -14.944 1.00 30.36 ? 36  LYS A CG  1 
ATOM   247  C  CD  . LYS A 1 39  ? -1.982  -0.003  -15.952 1.00 32.27 ? 36  LYS A CD  1 
ATOM   248  C  CE  . LYS A 1 39  ? -1.702  -1.258  -16.733 1.00 32.21 ? 36  LYS A CE  1 
ATOM   249  N  NZ  . LYS A 1 39  ? -2.798  -1.562  -17.698 1.00 34.91 ? 36  LYS A NZ  1 
ATOM   250  N  N   . THR A 1 40  ? 0.070   4.108   -13.836 1.00 28.36 ? 37  THR A N   1 
ATOM   251  C  CA  . THR A 1 40  ? 0.694   5.281   -14.401 1.00 27.80 ? 37  THR A CA  1 
ATOM   252  C  C   . THR A 1 40  ? 2.121   5.467   -13.893 1.00 27.65 ? 37  THR A C   1 
ATOM   253  O  O   . THR A 1 40  ? 2.956   6.079   -14.565 1.00 27.39 ? 37  THR A O   1 
ATOM   254  C  CB  . THR A 1 40  ? -0.137  6.509   -14.024 1.00 27.54 ? 37  THR A CB  1 
ATOM   255  O  OG1 . THR A 1 40  ? -1.420  6.373   -14.620 1.00 29.32 ? 37  THR A OG1 1 
ATOM   256  C  CG2 . THR A 1 40  ? 0.482   7.787   -14.506 1.00 26.71 ? 37  THR A CG2 1 
HETATM 257  N  N   . MSE A 1 41  ? 2.396   4.973   -12.691 1.00 27.63 ? 38  MSE A N   1 
HETATM 258  C  CA  . MSE A 1 41  ? 3.705   5.184   -12.093 1.00 27.39 ? 38  MSE A CA  1 
HETATM 259  C  C   . MSE A 1 41  ? 4.425   3.860   -12.064 1.00 28.38 ? 38  MSE A C   1 
HETATM 260  O  O   . MSE A 1 41  ? 5.421   3.710   -11.373 1.00 29.10 ? 38  MSE A O   1 
HETATM 261  C  CB  . MSE A 1 41  ? 3.603   5.820   -10.707 1.00 26.31 ? 38  MSE A CB  1 
HETATM 262  C  CG  . MSE A 1 41  ? 3.157   7.264   -10.738 1.00 23.57 ? 38  MSE A CG  1 
HETATM 263  SE SE  . MSE A 1 41  ? 4.335   8.334   -11.847 0.75 17.79 ? 38  MSE A SE  1 
HETATM 264  C  CE  . MSE A 1 41  ? 3.361   10.014  -11.900 1.00 13.65 ? 38  MSE A CE  1 
ATOM   265  N  N   . GLY A 1 42  ? 3.918   2.910   -12.843 1.00 29.09 ? 39  GLY A N   1 
ATOM   266  C  CA  . GLY A 1 42  ? 4.565   1.620   -13.013 1.00 30.86 ? 39  GLY A CA  1 
ATOM   267  C  C   . GLY A 1 42  ? 4.479   0.622   -11.870 1.00 31.90 ? 39  GLY A C   1 
ATOM   268  O  O   . GLY A 1 42  ? 5.309   -0.281  -11.770 1.00 32.89 ? 39  GLY A O   1 
ATOM   269  N  N   . LEU A 1 43  ? 3.470   0.753   -11.016 1.00 32.93 ? 40  LEU A N   1 
ATOM   270  C  CA  . LEU A 1 43  ? 3.256   -0.209  -9.923  1.00 32.90 ? 40  LEU A CA  1 
ATOM   271  C  C   . LEU A 1 43  ? 2.023   -1.041  -10.263 1.00 33.56 ? 40  LEU A C   1 
ATOM   272  O  O   . LEU A 1 43  ? 1.020   -0.491  -10.735 1.00 34.07 ? 40  LEU A O   1 
ATOM   273  C  CB  . LEU A 1 43  ? 3.074   0.523   -8.603  1.00 32.32 ? 40  LEU A CB  1 
ATOM   274  C  CG  . LEU A 1 43  ? 4.254   1.380   -8.136  1.00 32.38 ? 40  LEU A CG  1 
ATOM   275  C  CD1 . LEU A 1 43  ? 3.782   2.486   -7.238  1.00 31.14 ? 40  LEU A CD1 1 
ATOM   276  C  CD2 . LEU A 1 43  ? 5.336   0.561   -7.442  1.00 29.67 ? 40  LEU A CD2 1 
ATOM   277  N  N   A HIS A 1 44  ? 2.112   -2.353  -10.037 0.50 33.81 ? 41  HIS A N   1 
ATOM   278  N  N   B HIS A 1 44  ? 2.081   -2.352  -10.043 0.50 33.62 ? 41  HIS A N   1 
ATOM   279  C  CA  A HIS A 1 44  ? 1.049   -3.286  -10.407 0.50 33.93 ? 41  HIS A CA  1 
ATOM   280  C  CA  B HIS A 1 44  ? 0.966   -3.221  -10.412 0.50 33.59 ? 41  HIS A CA  1 
ATOM   281  C  C   A HIS A 1 44  ? 0.466   -4.125  -9.268  0.50 33.95 ? 41  HIS A C   1 
ATOM   282  C  C   B HIS A 1 44  ? 0.408   -4.070  -9.252  0.50 33.74 ? 41  HIS A C   1 
ATOM   283  O  O   A HIS A 1 44  ? -0.481  -4.882  -9.486  0.50 34.25 ? 41  HIS A O   1 
ATOM   284  O  O   B HIS A 1 44  ? -0.574  -4.787  -9.441  0.50 34.04 ? 41  HIS A O   1 
ATOM   285  C  CB  A HIS A 1 44  ? 1.487   -4.200  -11.563 0.50 33.99 ? 41  HIS A CB  1 
ATOM   286  C  CB  B HIS A 1 44  ? 1.348   -4.130  -11.593 0.50 33.42 ? 41  HIS A CB  1 
ATOM   287  C  CG  A HIS A 1 44  ? 2.897   -4.718  -11.465 0.50 34.95 ? 41  HIS A CG  1 
ATOM   288  C  CG  B HIS A 1 44  ? 1.815   -3.400  -12.825 0.50 33.60 ? 41  HIS A CG  1 
ATOM   289  N  ND1 A HIS A 1 44  ? 4.007   -3.898  -11.559 0.50 35.64 ? 41  HIS A ND1 1 
ATOM   290  N  ND1 B HIS A 1 44  ? 1.027   -3.247  -13.947 0.50 32.70 ? 41  HIS A ND1 1 
ATOM   291  C  CD2 A HIS A 1 44  ? 3.374   -5.983  -11.351 0.50 34.57 ? 41  HIS A CD2 1 
ATOM   292  C  CD2 B HIS A 1 44  ? 3.005   -2.819  -13.124 0.50 33.01 ? 41  HIS A CD2 1 
ATOM   293  C  CE1 A HIS A 1 44  ? 5.102   -4.634  -11.481 0.50 35.61 ? 41  HIS A CE1 1 
ATOM   294  C  CE1 B HIS A 1 44  ? 1.703   -2.591  -14.873 0.50 31.62 ? 41  HIS A CE1 1 
ATOM   295  N  NE2 A HIS A 1 44  ? 4.746   -5.902  -11.355 0.50 34.94 ? 41  HIS A NE2 1 
ATOM   296  N  NE2 B HIS A 1 44  ? 2.906   -2.321  -14.401 0.50 30.97 ? 41  HIS A NE2 1 
ATOM   297  N  N   . ARG A 1 45  ? 1.009   -3.993  -8.062  1.00 33.87 ? 42  ARG A N   1 
ATOM   298  C  CA  . ARG A 1 45  ? 0.622   -4.904  -6.957  1.00 33.75 ? 42  ARG A CA  1 
ATOM   299  C  C   . ARG A 1 45  ? -0.215  -4.267  -5.861  1.00 33.37 ? 42  ARG A C   1 
ATOM   300  O  O   . ARG A 1 45  ? 0.286   -3.538  -4.989  1.00 33.50 ? 42  ARG A O   1 
ATOM   301  C  CB  . ARG A 1 45  ? 1.833   -5.628  -6.364  1.00 33.98 ? 42  ARG A CB  1 
ATOM   302  C  CG  . ARG A 1 45  ? 2.644   -6.444  -7.346  1.00 35.89 ? 42  ARG A CG  1 
ATOM   303  C  CD  . ARG A 1 45  ? 1.767   -7.334  -8.255  1.00 43.49 ? 42  ARG A CD  1 
ATOM   304  N  NE  . ARG A 1 45  ? 1.055   -8.399  -7.532  1.00 49.00 ? 42  ARG A NE  1 
ATOM   305  C  CZ  . ARG A 1 45  ? 1.625   -9.511  -7.044  1.00 51.23 ? 42  ARG A CZ  1 
ATOM   306  N  NH1 . ARG A 1 45  ? 2.936   -9.707  -7.181  1.00 52.27 ? 42  ARG A NH1 1 
ATOM   307  N  NH2 . ARG A 1 45  ? 0.890   -10.429 -6.404  1.00 51.49 ? 42  ARG A NH2 1 
ATOM   308  N  N   . LEU A 1 46  ? -1.504  -4.554  -5.918  1.00 32.59 ? 43  LEU A N   1 
ATOM   309  C  CA  . LEU A 1 46  ? -2.447  -3.993  -4.973  1.00 31.80 ? 43  LEU A CA  1 
ATOM   310  C  C   . LEU A 1 46  ? -3.023  -5.066  -4.037  1.00 31.44 ? 43  LEU A C   1 
ATOM   311  O  O   . LEU A 1 46  ? -3.355  -6.183  -4.460  1.00 31.19 ? 43  LEU A O   1 
ATOM   312  C  CB  . LEU A 1 46  ? -3.548  -3.263  -5.740  1.00 31.26 ? 43  LEU A CB  1 
ATOM   313  C  CG  . LEU A 1 46  ? -4.722  -2.686  -4.951  1.00 31.11 ? 43  LEU A CG  1 
ATOM   314  C  CD1 . LEU A 1 46  ? -4.272  -1.591  -3.955  1.00 29.17 ? 43  LEU A CD1 1 
ATOM   315  C  CD2 . LEU A 1 46  ? -5.779  -2.191  -5.925  1.00 27.85 ? 43  LEU A CD2 1 
ATOM   316  N  N   . THR A 1 47  ? -3.098  -4.727  -2.758  1.00 31.28 ? 44  THR A N   1 
ATOM   317  C  CA  . THR A 1 47  ? -3.759  -5.559  -1.776  1.00 31.35 ? 44  THR A CA  1 
ATOM   318  C  C   . THR A 1 47  ? -4.816  -4.719  -1.117  1.00 31.88 ? 44  THR A C   1 
ATOM   319  O  O   . THR A 1 47  ? -4.554  -3.583  -0.669  1.00 31.27 ? 44  THR A O   1 
ATOM   320  C  CB  . THR A 1 47  ? -2.809  -6.085  -0.694  1.00 31.12 ? 44  THR A CB  1 
ATOM   321  O  OG1 . THR A 1 47  ? -1.893  -6.994  -1.286  1.00 31.25 ? 44  THR A OG1 1 
ATOM   322  C  CG2 . THR A 1 47  ? -3.570  -6.833  0.371   1.00 30.61 ? 44  THR A CG2 1 
ATOM   323  N  N   . ILE A 1 48  ? -6.019  -5.288  -1.089  1.00 32.92 ? 45  ILE A N   1 
ATOM   324  C  CA  . ILE A 1 48  ? -7.146  -4.719  -0.362  1.00 33.64 ? 45  ILE A CA  1 
ATOM   325  C  C   . ILE A 1 48  ? -7.407  -5.570  0.868   1.00 34.19 ? 45  ILE A C   1 
ATOM   326  O  O   . ILE A 1 48  ? -7.546  -6.794  0.781   1.00 33.94 ? 45  ILE A O   1 
ATOM   327  C  CB  . ILE A 1 48  ? -8.392  -4.658  -1.217  1.00 33.61 ? 45  ILE A CB  1 
ATOM   328  C  CG1 . ILE A 1 48  ? -8.096  -3.801  -2.451  1.00 35.71 ? 45  ILE A CG1 1 
ATOM   329  C  CG2 . ILE A 1 48  ? -9.535  -4.065  -0.414  1.00 32.55 ? 45  ILE A CG2 1 
ATOM   330  C  CD1 . ILE A 1 48  ? -8.975  -4.085  -3.621  1.00 38.86 ? 45  ILE A CD1 1 
ATOM   331  N  N   . VAL A 1 49  ? -7.457  -4.882  2.001   1.00 34.57 ? 46  VAL A N   1 
ATOM   332  C  CA  . VAL A 1 49  ? -7.571  -5.469  3.309   1.00 35.14 ? 46  VAL A CA  1 
ATOM   333  C  C   . VAL A 1 49  ? -8.834  -4.940  3.970   1.00 35.83 ? 46  VAL A C   1 
ATOM   334  O  O   . VAL A 1 49  ? -9.001  -3.729  4.101   1.00 35.78 ? 46  VAL A O   1 
ATOM   335  C  CB  . VAL A 1 49  ? -6.353  -5.055  4.181   1.00 35.22 ? 46  VAL A CB  1 
ATOM   336  C  CG1 . VAL A 1 49  ? -6.384  -5.775  5.514   1.00 33.96 ? 46  VAL A CG1 1 
ATOM   337  C  CG2 . VAL A 1 49  ? -5.053  -5.319  3.445   1.00 34.75 ? 46  VAL A CG2 1 
ATOM   338  N  N   . THR A 1 50  ? -9.712  -5.855  4.390   1.00 37.05 ? 47  THR A N   1 
ATOM   339  C  CA  . THR A 1 50  ? -10.960 -5.523  5.108   1.00 37.97 ? 47  THR A CA  1 
ATOM   340  C  C   . THR A 1 50  ? -11.697 -4.320  4.541   1.00 37.51 ? 47  THR A C   1 
ATOM   341  O  O   . THR A 1 50  ? -11.882 -3.326  5.249   1.00 37.81 ? 47  THR A O   1 
ATOM   342  C  CB  . THR A 1 50  ? -10.693 -5.267  6.606   1.00 38.10 ? 47  THR A CB  1 
ATOM   343  O  OG1 . THR A 1 50  ? -10.187 -6.471  7.184   1.00 40.32 ? 47  THR A OG1 1 
ATOM   344  C  CG2 . THR A 1 50  ? -11.988 -4.871  7.357   1.00 39.86 ? 47  THR A CG2 1 
ATOM   345  N  N   . PRO A 1 51  ? -12.115 -4.394  3.270   1.00 37.20 ? 48  PRO A N   1 
ATOM   346  C  CA  . PRO A 1 51  ? -12.865 -3.245  2.773   1.00 37.65 ? 48  PRO A CA  1 
ATOM   347  C  C   . PRO A 1 51  ? -14.226 -3.137  3.467   1.00 37.96 ? 48  PRO A C   1 
ATOM   348  O  O   . PRO A 1 51  ? -14.849 -4.163  3.754   1.00 38.40 ? 48  PRO A O   1 
ATOM   349  C  CB  . PRO A 1 51  ? -13.017 -3.539  1.270   1.00 37.49 ? 48  PRO A CB  1 
ATOM   350  C  CG  . PRO A 1 51  ? -12.835 -5.004  1.143   1.00 36.95 ? 48  PRO A CG  1 
ATOM   351  C  CD  . PRO A 1 51  ? -11.930 -5.437  2.247   1.00 37.03 ? 48  PRO A CD  1 
ATOM   352  N  N   . ASN A 1 52  ? -14.633 -1.915  3.802   1.00 37.99 ? 49  ASN A N   1 
ATOM   353  C  CA  . ASN A 1 52  ? -16.003 -1.632  4.252   1.00 38.27 ? 49  ASN A CA  1 
ATOM   354  C  C   . ASN A 1 52  ? -16.625 -0.561  3.344   1.00 37.78 ? 49  ASN A C   1 
ATOM   355  O  O   . ASN A 1 52  ? -16.728 0.626   3.695   1.00 37.25 ? 49  ASN A O   1 
ATOM   356  C  CB  . ASN A 1 52  ? -16.088 -1.279  5.750   1.00 38.27 ? 49  ASN A CB  1 
ATOM   357  C  CG  . ASN A 1 52  ? -14.793 -0.690  6.290   1.00 42.27 ? 49  ASN A CG  1 
ATOM   358  O  OD1 . ASN A 1 52  ? -14.438 0.443   5.963   1.00 46.66 ? 49  ASN A OD1 1 
ATOM   359  N  ND2 . ASN A 1 52  ? -14.074 -1.463  7.129   1.00 45.79 ? 49  ASN A ND2 1 
ATOM   360  N  N   . LEU A 1 53  ? -17.013 -1.017  2.156   1.00 37.24 ? 50  LEU A N   1 
ATOM   361  C  CA  . LEU A 1 53  ? -17.518 -0.161  1.096   1.00 37.21 ? 50  LEU A CA  1 
ATOM   362  C  C   . LEU A 1 53  ? -18.874 0.444   1.431   1.00 37.77 ? 50  LEU A C   1 
ATOM   363  O  O   . LEU A 1 53  ? -19.826 -0.272  1.738   1.00 37.71 ? 50  LEU A O   1 
ATOM   364  C  CB  . LEU A 1 53  ? -17.572 -0.941  -0.230  1.00 36.82 ? 50  LEU A CB  1 
ATOM   365  C  CG  . LEU A 1 53  ? -16.183 -1.309  -0.769  1.00 35.70 ? 50  LEU A CG  1 
ATOM   366  C  CD1 . LEU A 1 53  ? -16.288 -2.106  -2.042  1.00 33.55 ? 50  LEU A CD1 1 
ATOM   367  C  CD2 . LEU A 1 53  ? -15.310 -0.060  -0.948  1.00 32.51 ? 50  LEU A CD2 1 
HETATM 368  N  N   . MSE A 1 54  ? -18.938 1.773   1.405   1.00 38.18 ? 51  MSE A N   1 
HETATM 369  C  CA  . MSE A 1 54  ? -20.181 2.507   1.599   1.00 38.47 ? 51  MSE A CA  1 
HETATM 370  C  C   . MSE A 1 54  ? -21.008 2.476   0.303   1.00 37.85 ? 51  MSE A C   1 
HETATM 371  O  O   . MSE A 1 54  ? -20.472 2.240   -0.771  1.00 37.68 ? 51  MSE A O   1 
HETATM 372  C  CB  . MSE A 1 54  ? -19.875 3.945   2.001   1.00 38.81 ? 51  MSE A CB  1 
HETATM 373  C  CG  . MSE A 1 54  ? -19.121 4.748   0.911   1.00 42.88 ? 51  MSE A CG  1 
HETATM 374  SE SE  . MSE A 1 54  ? -18.549 6.496   1.538   0.75 49.37 ? 51  MSE A SE  1 
HETATM 375  C  CE  . MSE A 1 54  ? -16.852 6.750   0.739   1.00 47.20 ? 51  MSE A CE  1 
ATOM   376  N  N   . ALA A 1 55  ? -22.315 2.686   0.427   1.00 37.68 ? 52  ALA A N   1 
ATOM   377  C  CA  . ALA A 1 55  ? -23.209 2.833   -0.722  1.00 37.34 ? 52  ALA A CA  1 
ATOM   378  C  C   . ALA A 1 55  ? -22.990 4.208   -1.378  1.00 37.18 ? 52  ALA A C   1 
ATOM   379  O  O   . ALA A 1 55  ? -22.889 5.220   -0.687  1.00 37.14 ? 52  ALA A O   1 
ATOM   380  C  CB  . ALA A 1 55  ? -24.658 2.662   -0.283  1.00 36.82 ? 52  ALA A CB  1 
ATOM   381  N  N   . THR A 1 56  ? -22.883 4.231   -2.703  1.00 37.02 ? 53  THR A N   1 
ATOM   382  C  CA  . THR A 1 56  ? -22.678 5.479   -3.448  1.00 37.29 ? 53  THR A CA  1 
ATOM   383  C  C   . THR A 1 56  ? -23.774 5.643   -4.505  1.00 37.53 ? 53  THR A C   1 
ATOM   384  O  O   . THR A 1 56  ? -24.528 4.697   -4.756  1.00 37.80 ? 53  THR A O   1 
ATOM   385  C  CB  . THR A 1 56  ? -21.304 5.497   -4.161  1.00 37.33 ? 53  THR A CB  1 
ATOM   386  O  OG1 . THR A 1 56  ? -21.340 4.613   -5.295  1.00 36.82 ? 53  THR A OG1 1 
ATOM   387  C  CG2 . THR A 1 56  ? -20.168 5.109   -3.190  1.00 35.80 ? 53  THR A CG2 1 
ATOM   388  N  N   . PRO A 1 57  ? -23.874 6.831   -5.125  1.00 37.66 ? 54  PRO A N   1 
ATOM   389  C  CA  . PRO A 1 57  ? -24.754 7.003   -6.291  1.00 38.09 ? 54  PRO A CA  1 
ATOM   390  C  C   . PRO A 1 57  ? -24.559 5.957   -7.394  1.00 38.97 ? 54  PRO A C   1 
ATOM   391  O  O   . PRO A 1 57  ? -25.506 5.648   -8.111  1.00 39.60 ? 54  PRO A O   1 
ATOM   392  C  CB  . PRO A 1 57  ? -24.375 8.388   -6.804  1.00 37.58 ? 54  PRO A CB  1 
ATOM   393  C  CG  . PRO A 1 57  ? -24.040 9.141   -5.571  1.00 37.66 ? 54  PRO A CG  1 
ATOM   394  C  CD  . PRO A 1 57  ? -23.367 8.129   -4.638  1.00 37.68 ? 54  PRO A CD  1 
HETATM 395  N  N   . MSE A 1 58  ? -23.355 5.404   -7.508  1.00 40.10 ? 55  MSE A N   1 
HETATM 396  C  CA  . MSE A 1 58  ? -23.028 4.422   -8.535  1.00 40.85 ? 55  MSE A CA  1 
HETATM 397  C  C   . MSE A 1 58  ? -22.959 3.004   -7.979  1.00 41.42 ? 55  MSE A C   1 
HETATM 398  O  O   . MSE A 1 58  ? -22.793 2.038   -8.738  1.00 41.67 ? 55  MSE A O   1 
HETATM 399  C  CB  . MSE A 1 58  ? -21.680 4.770   -9.166  1.00 40.88 ? 55  MSE A CB  1 
HETATM 400  C  CG  . MSE A 1 58  ? -21.743 5.842   -10.234 1.00 42.04 ? 55  MSE A CG  1 
HETATM 401  SE SE  . MSE A 1 58  ? -19.987 6.141   -11.064 0.75 44.94 ? 55  MSE A SE  1 
HETATM 402  C  CE  . MSE A 1 58  ? -19.668 4.410   -11.944 1.00 43.50 ? 55  MSE A CE  1 
ATOM   403  N  N   . THR A 1 59  ? -23.043 2.883   -6.655  1.00 41.96 ? 56  THR A N   1 
ATOM   404  C  CA  . THR A 1 59  ? -23.058 1.573   -5.989  1.00 42.45 ? 56  THR A CA  1 
ATOM   405  C  C   . THR A 1 59  ? -24.126 1.554   -4.898  1.00 42.70 ? 56  THR A C   1 
ATOM   406  O  O   . THR A 1 59  ? -23.823 1.667   -3.698  1.00 42.74 ? 56  THR A O   1 
ATOM   407  C  CB  . THR A 1 59  ? -21.659 1.170   -5.406  1.00 42.62 ? 56  THR A CB  1 
ATOM   408  O  OG1 . THR A 1 59  ? -20.638 1.407   -6.381  1.00 42.31 ? 56  THR A OG1 1 
ATOM   409  C  CG2 . THR A 1 59  ? -21.633 -0.308  -5.015  1.00 42.01 ? 56  THR A CG2 1 
ATOM   410  N  N   . GLU A 1 60  ? -25.379 1.427   -5.336  1.00 43.15 ? 57  GLU A N   1 
ATOM   411  C  CA  . GLU A 1 60  ? -26.530 1.287   -4.439  1.00 43.16 ? 57  GLU A CA  1 
ATOM   412  C  C   . GLU A 1 60  ? -26.322 0.167   -3.402  1.00 43.15 ? 57  GLU A C   1 
ATOM   413  O  O   . GLU A 1 60  ? -26.668 0.335   -2.222  1.00 42.84 ? 57  GLU A O   1 
ATOM   414  C  CB  . GLU A 1 60  ? -27.804 1.063   -5.253  1.00 43.08 ? 57  GLU A CB  1 
ATOM   415  N  N   . ASN A 1 61  ? -25.727 -0.946  -3.851  1.00 43.12 ? 58  ASN A N   1 
ATOM   416  C  CA  . ASN A 1 61  ? -25.483 -2.140  -3.018  1.00 43.26 ? 58  ASN A CA  1 
ATOM   417  C  C   . ASN A 1 61  ? -24.026 -2.560  -2.918  1.00 42.89 ? 58  ASN A C   1 
ATOM   418  O  O   . ASN A 1 61  ? -23.580 -3.459  -3.637  1.00 42.87 ? 58  ASN A O   1 
ATOM   419  C  CB  . ASN A 1 61  ? -26.298 -3.317  -3.527  1.00 43.29 ? 58  ASN A CB  1 
ATOM   420  C  CG  . ASN A 1 61  ? -27.773 -3.084  -3.376  1.00 45.17 ? 58  ASN A CG  1 
ATOM   421  O  OD1 . ASN A 1 61  ? -28.374 -3.529  -2.399  1.00 47.89 ? 58  ASN A OD1 1 
ATOM   422  N  ND2 . ASN A 1 61  ? -28.371 -2.347  -4.322  1.00 45.82 ? 58  ASN A ND2 1 
ATOM   423  N  N   . PRO A 1 62  ? -23.282 -1.917  -2.016  1.00 42.59 ? 59  PRO A N   1 
ATOM   424  C  CA  . PRO A 1 62  ? -21.889 -2.277  -1.808  1.00 42.54 ? 59  PRO A CA  1 
ATOM   425  C  C   . PRO A 1 62  ? -21.765 -3.754  -1.422  1.00 42.73 ? 59  PRO A C   1 
ATOM   426  O  O   . PRO A 1 62  ? -22.603 -4.254  -0.665  1.00 43.11 ? 59  PRO A O   1 
ATOM   427  C  CB  . PRO A 1 62  ? -21.476 -1.389  -0.629  1.00 42.35 ? 59  PRO A CB  1 
ATOM   428  C  CG  . PRO A 1 62  ? -22.762 -0.925  0.008   1.00 42.27 ? 59  PRO A CG  1 
ATOM   429  C  CD  . PRO A 1 62  ? -23.725 -0.839  -1.115  1.00 42.59 ? 59  PRO A CD  1 
ATOM   430  N  N   . PRO A 1 63  ? -20.747 -4.463  -1.946  1.00 42.62 ? 60  PRO A N   1 
ATOM   431  C  CA  . PRO A 1 63  ? -20.516 -5.816  -1.440  1.00 42.43 ? 60  PRO A CA  1 
ATOM   432  C  C   . PRO A 1 63  ? -20.104 -5.744  0.031   1.00 42.53 ? 60  PRO A C   1 
ATOM   433  O  O   . PRO A 1 63  ? -19.460 -4.771  0.447   1.00 42.57 ? 60  PRO A O   1 
ATOM   434  C  CB  . PRO A 1 63  ? -19.362 -6.332  -2.302  1.00 42.18 ? 60  PRO A CB  1 
ATOM   435  C  CG  . PRO A 1 63  ? -18.682 -5.115  -2.799  1.00 42.48 ? 60  PRO A CG  1 
ATOM   436  C  CD  . PRO A 1 63  ? -19.732 -4.057  -2.931  1.00 42.59 ? 60  PRO A CD  1 
ATOM   437  N  N   . VAL A 1 64  ? -20.503 -6.742  0.813   1.00 42.46 ? 61  VAL A N   1 
ATOM   438  C  CA  . VAL A 1 64  ? -20.169 -6.807  2.238   1.00 42.39 ? 61  VAL A CA  1 
ATOM   439  C  C   . VAL A 1 64  ? -19.007 -7.781  2.360   1.00 42.25 ? 61  VAL A C   1 
ATOM   440  O  O   . VAL A 1 64  ? -19.035 -8.866  1.764   1.00 42.26 ? 61  VAL A O   1 
ATOM   441  C  CB  . VAL A 1 64  ? -21.399 -7.257  3.129   1.00 42.67 ? 61  VAL A CB  1 
ATOM   442  C  CG1 . VAL A 1 64  ? -20.965 -7.570  4.577   1.00 41.82 ? 61  VAL A CG1 1 
ATOM   443  C  CG2 . VAL A 1 64  ? -22.522 -6.193  3.110   1.00 42.25 ? 61  VAL A CG2 1 
ATOM   444  N  N   . PHE A 1 65  ? -17.976 -7.385  3.102   1.00 41.68 ? 62  PHE A N   1 
ATOM   445  C  CA  . PHE A 1 65  ? -16.787 -8.203  3.204   1.00 41.46 ? 62  PHE A CA  1 
ATOM   446  C  C   . PHE A 1 65  ? -16.942 -9.279  4.276   1.00 41.71 ? 62  PHE A C   1 
ATOM   447  O  O   . PHE A 1 65  ? -17.303 -8.982  5.412   1.00 41.57 ? 62  PHE A O   1 
ATOM   448  C  CB  . PHE A 1 65  ? -15.546 -7.335  3.463   1.00 41.17 ? 62  PHE A CB  1 
ATOM   449  C  CG  . PHE A 1 65  ? -14.275 -8.131  3.612   1.00 40.09 ? 62  PHE A CG  1 
ATOM   450  C  CD1 . PHE A 1 65  ? -13.620 -8.194  4.837   1.00 38.49 ? 62  PHE A CD1 1 
ATOM   451  C  CD2 . PHE A 1 65  ? -13.750 -8.844  2.529   1.00 39.41 ? 62  PHE A CD2 1 
ATOM   452  C  CE1 . PHE A 1 65  ? -12.453 -8.949  4.987   1.00 38.96 ? 62  PHE A CE1 1 
ATOM   453  C  CE2 . PHE A 1 65  ? -12.574 -9.609  2.670   1.00 39.75 ? 62  PHE A CE2 1 
ATOM   454  C  CZ  . PHE A 1 65  ? -11.927 -9.659  3.904   1.00 38.62 ? 62  PHE A CZ  1 
ATOM   455  N  N   . ASN A 1 66  ? -16.653 -10.525 3.908   1.00 42.14 ? 63  ASN A N   1 
ATOM   456  C  CA  . ASN A 1 66  ? -16.710 -11.658 4.844   1.00 42.79 ? 63  ASN A CA  1 
ATOM   457  C  C   . ASN A 1 66  ? -15.324 -12.296 5.106   1.00 43.41 ? 63  ASN A C   1 
ATOM   458  O  O   . ASN A 1 66  ? -14.767 -12.968 4.216   1.00 43.09 ? 63  ASN A O   1 
ATOM   459  C  CB  . ASN A 1 66  ? -17.740 -12.692 4.351   1.00 42.55 ? 63  ASN A CB  1 
ATOM   460  C  CG  . ASN A 1 66  ? -17.865 -13.903 5.261   1.00 42.64 ? 63  ASN A CG  1 
ATOM   461  O  OD1 . ASN A 1 66  ? -17.501 -13.871 6.438   1.00 43.28 ? 63  ASN A OD1 1 
ATOM   462  N  ND2 . ASN A 1 66  ? -18.397 -14.982 4.710   1.00 41.86 ? 63  ASN A ND2 1 
ATOM   463  N  N   . PRO A 1 67  ? -14.770 -12.086 6.334   1.00 44.15 ? 64  PRO A N   1 
ATOM   464  C  CA  . PRO A 1 67  ? -13.437 -12.589 6.701   1.00 44.83 ? 64  PRO A CA  1 
ATOM   465  C  C   . PRO A 1 67  ? -13.305 -14.094 6.520   1.00 45.52 ? 64  PRO A C   1 
ATOM   466  O  O   . PRO A 1 67  ? -12.207 -14.573 6.271   1.00 45.65 ? 64  PRO A O   1 
ATOM   467  C  CB  . PRO A 1 67  ? -13.313 -12.222 8.185   1.00 44.48 ? 64  PRO A CB  1 
ATOM   468  C  CG  . PRO A 1 67  ? -14.189 -11.057 8.353   1.00 44.24 ? 64  PRO A CG  1 
ATOM   469  C  CD  . PRO A 1 67  ? -15.363 -11.310 7.441   1.00 44.14 ? 64  PRO A CD  1 
ATOM   470  N  N   . ASP A 1 68  ? -14.416 -14.821 6.624   1.00 46.49 ? 65  ASP A N   1 
ATOM   471  C  CA  . ASP A 1 68  ? -14.395 -16.286 6.526   1.00 47.64 ? 65  ASP A CA  1 
ATOM   472  C  C   . ASP A 1 68  ? -14.494 -16.818 5.103   1.00 47.98 ? 65  ASP A C   1 
ATOM   473  O  O   . ASP A 1 68  ? -14.091 -17.951 4.831   1.00 48.04 ? 65  ASP A O   1 
ATOM   474  C  CB  . ASP A 1 68  ? -15.508 -16.900 7.377   1.00 47.87 ? 65  ASP A CB  1 
ATOM   475  C  CG  . ASP A 1 68  ? -15.271 -16.726 8.867   1.00 48.69 ? 65  ASP A CG  1 
ATOM   476  O  OD1 . ASP A 1 68  ? -14.369 -15.949 9.266   1.00 48.34 ? 65  ASP A OD1 1 
ATOM   477  O  OD2 . ASP A 1 68  ? -16.002 -17.376 9.645   1.00 50.30 ? 65  ASP A OD2 1 
ATOM   478  N  N   . ASP A 1 69  ? -15.034 -16.001 4.206   1.00 48.47 ? 66  ASP A N   1 
ATOM   479  C  CA  . ASP A 1 69  ? -15.212 -16.388 2.813   1.00 48.92 ? 66  ASP A CA  1 
ATOM   480  C  C   . ASP A 1 69  ? -14.778 -15.251 1.877   1.00 48.93 ? 66  ASP A C   1 
ATOM   481  O  O   . ASP A 1 69  ? -15.596 -14.639 1.168   1.00 48.97 ? 66  ASP A O   1 
ATOM   482  C  CB  . ASP A 1 69  ? -16.665 -16.821 2.569   1.00 49.08 ? 66  ASP A CB  1 
ATOM   483  C  CG  . ASP A 1 69  ? -16.895 -17.368 1.171   1.00 50.07 ? 66  ASP A CG  1 
ATOM   484  O  OD1 . ASP A 1 69  ? -15.916 -17.550 0.408   1.00 51.92 ? 66  ASP A OD1 1 
ATOM   485  O  OD2 . ASP A 1 69  ? -18.072 -17.614 0.835   1.00 50.95 ? 66  ASP A OD2 1 
ATOM   486  N  N   . VAL A 1 70  ? -13.474 -14.980 1.887   1.00 48.82 ? 67  VAL A N   1 
ATOM   487  C  CA  . VAL A 1 70  ? -12.862 -13.969 1.025   1.00 48.43 ? 67  VAL A CA  1 
ATOM   488  C  C   . VAL A 1 70  ? -13.100 -14.255 -0.463  1.00 48.33 ? 67  VAL A C   1 
ATOM   489  O  O   . VAL A 1 70  ? -13.213 -13.324 -1.260  1.00 48.92 ? 67  VAL A O   1 
ATOM   490  C  CB  . VAL A 1 70  ? -11.352 -13.851 1.293   1.00 48.32 ? 67  VAL A CB  1 
ATOM   491  C  CG1 . VAL A 1 70  ? -10.759 -12.708 0.495   1.00 48.35 ? 67  VAL A CG1 1 
ATOM   492  C  CG2 . VAL A 1 70  ? -11.100 -13.636 2.772   1.00 48.16 ? 67  VAL A CG2 1 
ATOM   493  N  N   . GLN A 1 71  ? -13.194 -15.536 -0.816  1.00 47.93 ? 68  GLN A N   1 
ATOM   494  C  CA  . GLN A 1 71  ? -13.402 -15.988 -2.193  1.00 47.45 ? 68  GLN A CA  1 
ATOM   495  C  C   . GLN A 1 71  ? -14.618 -15.341 -2.868  1.00 47.12 ? 68  GLN A C   1 
ATOM   496  O  O   . GLN A 1 71  ? -14.634 -15.189 -4.087  1.00 47.00 ? 68  GLN A O   1 
ATOM   497  C  CB  . GLN A 1 71  ? -13.508 -17.544 -2.241  1.00 47.27 ? 68  GLN A CB  1 
ATOM   498  N  N   . SER A 1 72  ? -15.623 -14.965 -2.073  1.00 46.76 ? 69  SER A N   1 
ATOM   499  C  CA  . SER A 1 72  ? -16.884 -14.397 -2.582  1.00 46.47 ? 69  SER A CA  1 
ATOM   500  C  C   . SER A 1 72  ? -16.770 -12.933 -2.973  1.00 46.23 ? 69  SER A C   1 
ATOM   501  O  O   . SER A 1 72  ? -17.591 -12.419 -3.729  1.00 46.42 ? 69  SER A O   1 
ATOM   502  C  CB  . SER A 1 72  ? -17.973 -14.483 -1.524  1.00 46.15 ? 69  SER A CB  1 
ATOM   503  O  OG  . SER A 1 72  ? -18.173 -15.814 -1.132  1.00 47.26 ? 69  SER A OG  1 
ATOM   504  N  N   . PHE A 1 73  ? -15.767 -12.253 -2.443  1.00 45.75 ? 70  PHE A N   1 
ATOM   505  C  CA  . PHE A 1 73  ? -15.714 -10.813 -2.582  1.00 45.30 ? 70  PHE A CA  1 
ATOM   506  C  C   . PHE A 1 73  ? -15.431 -10.339 -4.007  1.00 44.72 ? 70  PHE A C   1 
ATOM   507  O  O   . PHE A 1 73  ? -14.419 -10.688 -4.608  1.00 44.59 ? 70  PHE A O   1 
ATOM   508  C  CB  . PHE A 1 73  ? -14.732 -10.201 -1.597  1.00 45.23 ? 70  PHE A CB  1 
ATOM   509  C  CG  . PHE A 1 73  ? -14.914 -8.736  -1.439  1.00 45.93 ? 70  PHE A CG  1 
ATOM   510  C  CD1 . PHE A 1 73  ? -15.903 -8.241  -0.597  1.00 46.35 ? 70  PHE A CD1 1 
ATOM   511  C  CD2 . PHE A 1 73  ? -14.121 -7.839  -2.152  1.00 45.69 ? 70  PHE A CD2 1 
ATOM   512  C  CE1 . PHE A 1 73  ? -16.085 -6.868  -0.458  1.00 47.26 ? 70  PHE A CE1 1 
ATOM   513  C  CE2 . PHE A 1 73  ? -14.299 -6.470  -2.022  1.00 45.51 ? 70  PHE A CE2 1 
ATOM   514  C  CZ  . PHE A 1 73  ? -15.284 -5.980  -1.177  1.00 45.91 ? 70  PHE A CZ  1 
ATOM   515  N  N   . ALA A 1 74  ? -16.367 -9.561  -4.540  1.00 44.11 ? 71  ALA A N   1 
ATOM   516  C  CA  . ALA A 1 74  ? -16.235 -8.960  -5.852  1.00 43.14 ? 71  ALA A CA  1 
ATOM   517  C  C   . ALA A 1 74  ? -16.336 -7.450  -5.666  1.00 42.76 ? 71  ALA A C   1 
ATOM   518  O  O   . ALA A 1 74  ? -17.283 -6.951  -5.036  1.00 42.47 ? 71  ALA A O   1 
ATOM   519  C  CB  . ALA A 1 74  ? -17.322 -9.475  -6.787  1.00 42.85 ? 71  ALA A CB  1 
ATOM   520  N  N   . LEU A 1 75  ? -15.336 -6.737  -6.181  1.00 42.30 ? 72  LEU A N   1 
ATOM   521  C  CA  . LEU A 1 75  ? -15.323 -5.273  -6.191  1.00 41.66 ? 72  LEU A CA  1 
ATOM   522  C  C   . LEU A 1 75  ? -16.435 -4.737  -7.080  1.00 41.78 ? 72  LEU A C   1 
ATOM   523  O  O   . LEU A 1 75  ? -16.698 -5.314  -8.134  1.00 42.12 ? 72  LEU A O   1 
ATOM   524  C  CB  . LEU A 1 75  ? -13.976 -4.774  -6.705  1.00 41.36 ? 72  LEU A CB  1 
ATOM   525  C  CG  . LEU A 1 75  ? -12.797 -4.874  -5.730  1.00 41.00 ? 72  LEU A CG  1 
ATOM   526  C  CD1 . LEU A 1 75  ? -11.481 -4.649  -6.428  1.00 39.81 ? 72  LEU A CD1 1 
ATOM   527  C  CD2 . LEU A 1 75  ? -12.958 -3.900  -4.580  1.00 39.64 ? 72  LEU A CD2 1 
ATOM   528  N  N   . PRO A 1 76  ? -17.094 -3.634  -6.672  1.00 41.70 ? 73  PRO A N   1 
ATOM   529  C  CA  . PRO A 1 76  ? -18.210 -3.077  -7.445  1.00 41.88 ? 73  PRO A CA  1 
ATOM   530  C  C   . PRO A 1 76  ? -17.787 -2.644  -8.837  1.00 42.29 ? 73  PRO A C   1 
ATOM   531  O  O   . PRO A 1 76  ? -16.609 -2.355  -9.071  1.00 42.24 ? 73  PRO A O   1 
ATOM   532  C  CB  . PRO A 1 76  ? -18.608 -1.828  -6.662  1.00 41.88 ? 73  PRO A CB  1 
ATOM   533  C  CG  . PRO A 1 76  ? -17.920 -1.923  -5.378  1.00 41.58 ? 73  PRO A CG  1 
ATOM   534  C  CD  . PRO A 1 76  ? -16.744 -2.784  -5.529  1.00 41.48 ? 73  PRO A CD  1 
ATOM   535  N  N   . GLU A 1 77  ? -18.753 -2.584  -9.744  1.00 42.68 ? 74  GLU A N   1 
ATOM   536  C  CA  . GLU A 1 77  ? -18.507 -2.084  -11.086 1.00 43.44 ? 74  GLU A CA  1 
ATOM   537  C  C   . GLU A 1 77  ? -17.831 -0.707  -11.042 1.00 42.88 ? 74  GLU A C   1 
ATOM   538  O  O   . GLU A 1 77  ? -16.930 -0.429  -11.833 1.00 43.19 ? 74  GLU A O   1 
ATOM   539  C  CB  . GLU A 1 77  ? -19.818 -2.053  -11.894 1.00 44.05 ? 74  GLU A CB  1 
ATOM   540  C  CG  . GLU A 1 77  ? -19.703 -1.507  -13.340 1.00 47.87 ? 74  GLU A CG  1 
ATOM   541  C  CD  . GLU A 1 77  ? -18.722 -2.289  -14.253 1.00 51.84 ? 74  GLU A CD  1 
ATOM   542  O  OE1 . GLU A 1 77  ? -17.840 -3.025  -13.738 1.00 53.55 ? 74  GLU A OE1 1 
ATOM   543  O  OE2 . GLU A 1 77  ? -18.838 -2.152  -15.498 1.00 52.69 ? 74  GLU A OE2 1 
ATOM   544  N  N   . GLU A 1 78  ? -18.247 0.120   -10.082 1.00 41.88 ? 75  GLU A N   1 
ATOM   545  C  CA  . GLU A 1 78  ? -17.753 1.479   -9.933  1.00 40.85 ? 75  GLU A CA  1 
ATOM   546  C  C   . GLU A 1 78  ? -16.244 1.529   -9.834  1.00 40.06 ? 75  GLU A C   1 
ATOM   547  O  O   . GLU A 1 78  ? -15.612 2.429   -10.380 1.00 39.75 ? 75  GLU A O   1 
ATOM   548  C  CB  . GLU A 1 78  ? -18.362 2.144   -8.702  1.00 40.77 ? 75  GLU A CB  1 
ATOM   549  C  CG  . GLU A 1 78  ? -17.803 3.526   -8.429  1.00 41.68 ? 75  GLU A CG  1 
ATOM   550  C  CD  . GLU A 1 78  ? -18.530 4.283   -7.323  1.00 45.05 ? 75  GLU A CD  1 
ATOM   551  O  OE1 . GLU A 1 78  ? -19.296 3.668   -6.546  1.00 47.66 ? 75  GLU A OE1 1 
ATOM   552  O  OE2 . GLU A 1 78  ? -18.329 5.516   -7.222  1.00 45.98 ? 75  GLU A OE2 1 
ATOM   553  N  N   . SER A 1 79  ? -15.672 0.568   -9.118  1.00 39.52 ? 76  SER A N   1 
ATOM   554  C  CA  . SER A 1 79  ? -14.226 0.507   -8.955  1.00 38.55 ? 76  SER A CA  1 
ATOM   555  C  C   . SER A 1 79  ? -13.562 0.286   -10.297 1.00 38.25 ? 76  SER A C   1 
ATOM   556  O  O   . SER A 1 79  ? -12.680 1.062   -10.686 1.00 38.08 ? 76  SER A O   1 
ATOM   557  C  CB  . SER A 1 79  ? -13.842 -0.588  -7.972  1.00 38.12 ? 76  SER A CB  1 
ATOM   558  O  OG  . SER A 1 79  ? -14.169 -0.158  -6.677  1.00 37.26 ? 76  SER A OG  1 
ATOM   559  N  N   . PHE A 1 80  ? -14.028 -0.746  -11.002 1.00 37.63 ? 77  PHE A N   1 
ATOM   560  C  CA  . PHE A 1 80  ? -13.574 -1.076  -12.344 1.00 37.73 ? 77  PHE A CA  1 
ATOM   561  C  C   . PHE A 1 80  ? -13.704 0.068   -13.338 1.00 37.70 ? 77  PHE A C   1 
ATOM   562  O  O   . PHE A 1 80  ? -12.778 0.344   -14.101 1.00 37.12 ? 77  PHE A O   1 
ATOM   563  C  CB  . PHE A 1 80  ? -14.290 -2.330  -12.823 1.00 37.35 ? 77  PHE A CB  1 
ATOM   564  C  CG  . PHE A 1 80  ? -13.742 -3.561  -12.198 1.00 38.38 ? 77  PHE A CG  1 
ATOM   565  C  CD1 . PHE A 1 80  ? -14.435 -4.213  -11.190 1.00 38.99 ? 77  PHE A CD1 1 
ATOM   566  C  CD2 . PHE A 1 80  ? -12.468 -4.029  -12.558 1.00 38.27 ? 77  PHE A CD2 1 
ATOM   567  C  CE1 . PHE A 1 80  ? -13.886 -5.361  -10.580 1.00 39.13 ? 77  PHE A CE1 1 
ATOM   568  C  CE2 . PHE A 1 80  ? -11.913 -5.164  -11.962 1.00 37.75 ? 77  PHE A CE2 1 
ATOM   569  C  CZ  . PHE A 1 80  ? -12.622 -5.834  -10.971 1.00 38.73 ? 77  PHE A CZ  1 
ATOM   570  N  N   . ILE A 1 81  ? -14.846 0.746   -13.299 1.00 38.11 ? 78  ILE A N   1 
ATOM   571  C  CA  . ILE A 1 81  ? -15.048 1.941   -14.095 1.00 38.63 ? 78  ILE A CA  1 
ATOM   572  C  C   . ILE A 1 81  ? -13.913 2.932   -13.816 1.00 38.86 ? 78  ILE A C   1 
ATOM   573  O  O   . ILE A 1 81  ? -13.215 3.363   -14.737 1.00 39.43 ? 78  ILE A O   1 
ATOM   574  C  CB  . ILE A 1 81  ? -16.425 2.629   -13.810 1.00 39.02 ? 78  ILE A CB  1 
ATOM   575  C  CG1 . ILE A 1 81  ? -17.610 1.668   -14.053 1.00 39.57 ? 78  ILE A CG1 1 
ATOM   576  C  CG2 . ILE A 1 81  ? -16.556 3.947   -14.604 1.00 37.55 ? 78  ILE A CG2 1 
ATOM   577  C  CD1 . ILE A 1 81  ? -17.451 0.768   -15.263 1.00 41.16 ? 78  ILE A CD1 1 
ATOM   578  N  N   . LEU A 1 82  ? -13.719 3.292   -12.553 1.00 38.32 ? 79  LEU A N   1 
ATOM   579  C  CA  . LEU A 1 82  ? -12.728 4.306   -12.249 1.00 38.15 ? 79  LEU A CA  1 
ATOM   580  C  C   . LEU A 1 82  ? -11.272 3.889   -12.517 1.00 38.20 ? 79  LEU A C   1 
ATOM   581  O  O   . LEU A 1 82  ? -10.397 4.741   -12.625 1.00 37.87 ? 79  LEU A O   1 
ATOM   582  C  CB  . LEU A 1 82  ? -12.937 4.888   -10.850 1.00 37.81 ? 79  LEU A CB  1 
ATOM   583  C  CG  . LEU A 1 82  ? -13.794 6.122   -11.122 1.00 37.93 ? 79  LEU A CG  1 
ATOM   584  C  CD1 . LEU A 1 82  ? -15.279 5.817   -10.910 1.00 36.25 ? 79  LEU A CD1 1 
ATOM   585  C  CD2 . LEU A 1 82  ? -13.311 7.343   -10.328 1.00 35.61 ? 79  LEU A CD2 1 
ATOM   586  N  N   . ALA A 1 83  ? -11.026 2.593   -12.669 1.00 38.37 ? 80  ALA A N   1 
ATOM   587  C  CA  . ALA A 1 83  ? -9.682  2.128   -12.940 1.00 38.83 ? 80  ALA A CA  1 
ATOM   588  C  C   . ALA A 1 83  ? -9.238  2.424   -14.373 1.00 39.52 ? 80  ALA A C   1 
ATOM   589  O  O   . ALA A 1 83  ? -8.029  2.527   -14.618 1.00 39.39 ? 80  ALA A O   1 
ATOM   590  C  CB  . ALA A 1 83  ? -9.549  0.659   -12.638 1.00 38.59 ? 80  ALA A CB  1 
ATOM   591  N  N   . SER A 1 84  ? -10.201 2.571   -15.300 1.00 40.27 ? 81  SER A N   1 
ATOM   592  C  CA  . SER A 1 84  ? -9.929  2.718   -16.756 1.00 40.88 ? 81  SER A CA  1 
ATOM   593  C  C   . SER A 1 84  ? -9.139  1.547   -17.345 1.00 41.10 ? 81  SER A C   1 
ATOM   594  O  O   . SER A 1 84  ? -9.519  0.383   -17.190 1.00 41.34 ? 81  SER A O   1 
ATOM   595  C  CB  . SER A 1 84  ? -9.164  4.019   -17.054 1.00 41.13 ? 81  SER A CB  1 
ATOM   596  O  OG  . SER A 1 84  ? -10.045 5.104   -17.225 1.00 42.94 ? 81  SER A OG  1 
ATOM   597  N  N   . GLY A 1 85  ? -8.024  1.875   -18.000 1.00 41.10 ? 82  GLY A N   1 
ATOM   598  C  CA  . GLY A 1 85  ? -7.106  0.883   -18.539 1.00 41.14 ? 82  GLY A CA  1 
ATOM   599  C  C   . GLY A 1 85  ? -6.189  0.278   -17.489 1.00 41.35 ? 82  GLY A C   1 
ATOM   600  O  O   . GLY A 1 85  ? -5.284  -0.482  -17.824 1.00 41.04 ? 82  GLY A O   1 
ATOM   601  N  N   . ALA A 1 86  ? -6.418  0.619   -16.224 1.00 41.57 ? 83  ALA A N   1 
ATOM   602  C  CA  . ALA A 1 86  ? -5.737  -0.049  -15.120 1.00 42.35 ? 83  ALA A CA  1 
ATOM   603  C  C   . ALA A 1 86  ? -6.610  -1.118  -14.462 1.00 42.95 ? 83  ALA A C   1 
ATOM   604  O  O   . ALA A 1 86  ? -6.319  -1.553  -13.363 1.00 42.69 ? 83  ALA A O   1 
ATOM   605  C  CB  . ALA A 1 86  ? -5.253  0.967   -14.086 1.00 41.79 ? 83  ALA A CB  1 
ATOM   606  N  N   . ALA A 1 87  ? -7.674  -1.549  -15.141 1.00 44.53 ? 84  ALA A N   1 
ATOM   607  C  CA  . ALA A 1 87  ? -8.593  -2.548  -14.563 1.00 45.65 ? 84  ALA A CA  1 
ATOM   608  C  C   . ALA A 1 87  ? -7.873  -3.867  -14.247 1.00 46.71 ? 84  ALA A C   1 
ATOM   609  O  O   . ALA A 1 87  ? -8.153  -4.508  -13.228 1.00 47.43 ? 84  ALA A O   1 
ATOM   610  C  CB  . ALA A 1 87  ? -9.816  -2.764  -15.444 1.00 44.72 ? 84  ALA A CB  1 
ATOM   611  N  N   . ASP A 1 88  ? -6.920  -4.250  -15.092 1.00 47.97 ? 85  ASP A N   1 
ATOM   612  C  CA  . ASP A 1 88  ? -6.074  -5.415  -14.813 1.00 49.29 ? 85  ASP A CA  1 
ATOM   613  C  C   . ASP A 1 88  ? -5.524  -5.408  -13.383 1.00 49.53 ? 85  ASP A C   1 
ATOM   614  O  O   . ASP A 1 88  ? -5.634  -6.415  -12.678 1.00 50.10 ? 85  ASP A O   1 
ATOM   615  C  CB  . ASP A 1 88  ? -4.943  -5.572  -15.850 1.00 49.75 ? 85  ASP A CB  1 
ATOM   616  C  CG  . ASP A 1 88  ? -4.054  -4.335  -15.966 1.00 51.85 ? 85  ASP A CG  1 
ATOM   617  O  OD1 . ASP A 1 88  ? -4.538  -3.200  -15.771 1.00 54.42 ? 85  ASP A OD1 1 
ATOM   618  O  OD2 . ASP A 1 88  ? -2.858  -4.493  -16.278 1.00 55.34 ? 85  ASP A OD2 1 
ATOM   619  N  N   . VAL A 1 89  ? -4.970  -4.275  -12.947 1.00 49.44 ? 86  VAL A N   1 
ATOM   620  C  CA  . VAL A 1 89  ? -4.467  -4.137  -11.578 1.00 49.39 ? 86  VAL A CA  1 
ATOM   621  C  C   . VAL A 1 89  ? -5.502  -4.576  -10.515 1.00 49.63 ? 86  VAL A C   1 
ATOM   622  O  O   . VAL A 1 89  ? -5.144  -5.261  -9.555  1.00 49.31 ? 86  VAL A O   1 
ATOM   623  C  CB  . VAL A 1 89  ? -3.927  -2.700  -11.291 1.00 49.26 ? 86  VAL A CB  1 
ATOM   624  C  CG1 . VAL A 1 89  ? -3.490  -2.540  -9.816  1.00 48.44 ? 86  VAL A CG1 1 
ATOM   625  C  CG2 . VAL A 1 89  ? -2.767  -2.393  -12.204 1.00 48.57 ? 86  VAL A CG2 1 
ATOM   626  N  N   . LEU A 1 90  ? -6.764  -4.187  -10.697 1.00 49.87 ? 87  LEU A N   1 
ATOM   627  C  CA  . LEU A 1 90  ? -7.839  -4.582  -9.789  1.00 50.49 ? 87  LEU A CA  1 
ATOM   628  C  C   . LEU A 1 90  ? -8.151  -6.066  -9.909  1.00 51.29 ? 87  LEU A C   1 
ATOM   629  O  O   . LEU A 1 90  ? -8.423  -6.729  -8.913  1.00 51.46 ? 87  LEU A O   1 
ATOM   630  C  CB  . LEU A 1 90  ? -9.111  -3.784  -10.058 1.00 50.31 ? 87  LEU A CB  1 
ATOM   631  C  CG  . LEU A 1 90  ? -9.140  -2.280  -9.760  1.00 50.50 ? 87  LEU A CG  1 
ATOM   632  C  CD1 . LEU A 1 90  ? -10.503 -1.694  -10.107 1.00 49.35 ? 87  LEU A CD1 1 
ATOM   633  C  CD2 . LEU A 1 90  ? -8.787  -1.959  -8.309  1.00 50.46 ? 87  LEU A CD2 1 
ATOM   634  N  N   . HIS A 1 91  ? -8.118  -6.586  -11.131 1.00 52.12 ? 88  HIS A N   1 
ATOM   635  C  CA  . HIS A 1 91  ? -8.348  -8.008  -11.344 1.00 52.68 ? 88  HIS A CA  1 
ATOM   636  C  C   . HIS A 1 91  ? -7.254  -8.840  -10.699 1.00 52.46 ? 88  HIS A C   1 
ATOM   637  O  O   . HIS A 1 91  ? -7.500  -9.960  -10.302 1.00 53.00 ? 88  HIS A O   1 
ATOM   638  C  CB  . HIS A 1 91  ? -8.459  -8.326  -12.836 1.00 52.97 ? 88  HIS A CB  1 
ATOM   639  C  CG  . HIS A 1 91  ? -9.768  -7.919  -13.438 1.00 54.63 ? 88  HIS A CG  1 
ATOM   640  N  ND1 . HIS A 1 91  ? -9.862  -7.051  -14.507 1.00 56.13 ? 88  HIS A ND1 1 
ATOM   641  C  CD2 . HIS A 1 91  ? -11.041 -8.249  -13.110 1.00 55.41 ? 88  HIS A CD2 1 
ATOM   642  C  CE1 . HIS A 1 91  ? -11.134 -6.870  -14.818 1.00 55.56 ? 88  HIS A CE1 1 
ATOM   643  N  NE2 . HIS A 1 91  ? -11.869 -7.588  -13.987 1.00 56.66 ? 88  HIS A NE2 1 
ATOM   644  N  N   . ASN A 1 92  ? -6.054  -8.282  -10.584 1.00 52.03 ? 89  ASN A N   1 
ATOM   645  C  CA  . ASN A 1 92  ? -4.935  -8.984  -9.974  1.00 51.84 ? 89  ASN A CA  1 
ATOM   646  C  C   . ASN A 1 92  ? -4.722  -8.635  -8.487  1.00 51.31 ? 89  ASN A C   1 
ATOM   647  O  O   . ASN A 1 92  ? -3.752  -9.067  -7.869  1.00 51.03 ? 89  ASN A O   1 
ATOM   648  C  CB  . ASN A 1 92  ? -3.656  -8.759  -10.794 1.00 51.94 ? 89  ASN A CB  1 
ATOM   649  C  CG  . ASN A 1 92  ? -3.823  -9.162  -12.270 1.00 54.07 ? 89  ASN A CG  1 
ATOM   650  O  OD1 . ASN A 1 92  ? -4.056  -10.328 -12.595 1.00 55.00 ? 89  ASN A OD1 1 
ATOM   651  N  ND2 . ASN A 1 92  ? -3.703  -8.185  -13.165 1.00 55.99 ? 89  ASN A ND2 1 
ATOM   652  N  N   . ALA A 1 93  ? -5.634  -7.860  -7.916  1.00 50.91 ? 90  ALA A N   1 
ATOM   653  C  CA  . ALA A 1 93  ? -5.504  -7.451  -6.531  1.00 50.73 ? 90  ALA A CA  1 
ATOM   654  C  C   . ALA A 1 93  ? -5.680  -8.638  -5.611  1.00 51.00 ? 90  ALA A C   1 
ATOM   655  O  O   . ALA A 1 93  ? -6.547  -9.499  -5.828  1.00 51.31 ? 90  ALA A O   1 
ATOM   656  C  CB  . ALA A 1 93  ? -6.523  -6.394  -6.194  1.00 50.66 ? 90  ALA A CB  1 
ATOM   657  N  N   . GLU A 1 94  ? -4.861  -8.685  -4.572  1.00 50.74 ? 91  GLU A N   1 
ATOM   658  C  CA  . GLU A 1 94  ? -5.097  -9.615  -3.499  1.00 50.36 ? 91  GLU A CA  1 
ATOM   659  C  C   . GLU A 1 94  ? -6.044  -8.992  -2.504  1.00 49.44 ? 91  GLU A C   1 
ATOM   660  O  O   . GLU A 1 94  ? -5.818  -7.865  -2.029  1.00 49.26 ? 91  GLU A O   1 
ATOM   661  C  CB  . GLU A 1 94  ? -3.789  -9.983  -2.845  1.00 50.75 ? 91  GLU A CB  1 
ATOM   662  C  CG  . GLU A 1 94  ? -2.940  -10.772 -3.794  1.00 54.99 ? 91  GLU A CG  1 
ATOM   663  C  CD  . GLU A 1 94  ? -1.726  -11.344 -3.124  1.00 61.24 ? 91  GLU A CD  1 
ATOM   664  O  OE1 . GLU A 1 94  ? -1.616  -11.187 -1.879  1.00 64.21 ? 91  GLU A OE1 1 
ATOM   665  O  OE2 . GLU A 1 94  ? -0.882  -11.946 -3.840  1.00 63.24 ? 91  GLU A OE2 1 
ATOM   666  N  N   . ILE A 1 95  ? -7.130  -9.714  -2.235  1.00 48.31 ? 92  ILE A N   1 
ATOM   667  C  CA  . ILE A 1 95  ? -8.094  -9.329  -1.210  1.00 47.02 ? 92  ILE A CA  1 
ATOM   668  C  C   . ILE A 1 95  ? -7.862  -10.262 -0.010  1.00 46.18 ? 92  ILE A C   1 
ATOM   669  O  O   . ILE A 1 95  ? -7.734  -11.467 -0.176  1.00 46.56 ? 92  ILE A O   1 
ATOM   670  C  CB  . ILE A 1 95  ? -9.573  -9.346  -1.744  1.00 47.15 ? 92  ILE A CB  1 
ATOM   671  C  CG1 . ILE A 1 95  ? -9.762  -8.392  -2.943  1.00 47.26 ? 92  ILE A CG1 1 
ATOM   672  C  CG2 . ILE A 1 95  ? -10.556 -8.890  -0.663  1.00 46.53 ? 92  ILE A CG2 1 
ATOM   673  C  CD1 . ILE A 1 95  ? -9.684  -9.034  -4.332  1.00 47.53 ? 92  ILE A CD1 1 
ATOM   674  N  N   . VAL A 1 96  ? -7.798  -9.697  1.192   1.00 44.99 ? 93  VAL A N   1 
ATOM   675  C  CA  . VAL A 1 96  ? -7.210  -10.354 2.360   1.00 43.72 ? 93  VAL A CA  1 
ATOM   676  C  C   . VAL A 1 96  ? -7.891  -9.785  3.625   1.00 43.68 ? 93  VAL A C   1 
ATOM   677  O  O   . VAL A 1 96  ? -8.339  -8.630  3.602   1.00 43.84 ? 93  VAL A O   1 
ATOM   678  C  CB  . VAL A 1 96  ? -5.670  -10.086 2.355   1.00 43.69 ? 93  VAL A CB  1 
ATOM   679  C  CG1 . VAL A 1 96  ? -5.093  -9.959  3.737   1.00 43.25 ? 93  VAL A CG1 1 
ATOM   680  C  CG2 . VAL A 1 96  ? -4.933  -11.140 1.549   1.00 42.50 ? 93  VAL A CG2 1 
ATOM   681  N  N   . ALA A 1 97  ? -7.989  -10.566 4.716   1.00 42.61 ? 94  ALA A N   1 
ATOM   682  C  CA  . ALA A 1 97  ? -8.743  -10.108 5.911   1.00 41.74 ? 94  ALA A CA  1 
ATOM   683  C  C   . ALA A 1 97  ? -7.970  -9.305  6.969   1.00 41.18 ? 94  ALA A C   1 
ATOM   684  O  O   . ALA A 1 97  ? -8.580  -8.519  7.689   1.00 41.10 ? 94  ALA A O   1 
ATOM   685  C  CB  . ALA A 1 97  ? -9.479  -11.255 6.576   1.00 42.07 ? 94  ALA A CB  1 
ATOM   686  N  N   . THR A 1 98  ? -6.662  -9.518  7.089   1.00 39.73 ? 95  THR A N   1 
ATOM   687  C  CA  . THR A 1 98  ? -5.878  -8.821  8.100   1.00 38.79 ? 95  THR A CA  1 
ATOM   688  C  C   . THR A 1 98  ? -4.676  -8.166  7.451   1.00 38.66 ? 95  THR A C   1 
ATOM   689  O  O   . THR A 1 98  ? -4.090  -8.707  6.487   1.00 38.15 ? 95  THR A O   1 
ATOM   690  C  CB  . THR A 1 98  ? -5.345  -9.771  9.218   1.00 39.12 ? 95  THR A CB  1 
ATOM   691  O  OG1 . THR A 1 98  ? -4.554  -10.817 8.638   1.00 39.43 ? 95  THR A OG1 1 
ATOM   692  C  CG2 . THR A 1 98  ? -6.475  -10.404 10.009  1.00 38.37 ? 95  THR A CG2 1 
ATOM   693  N  N   . LEU A 1 99  ? -4.295  -7.008  7.984   1.00 37.77 ? 96  LEU A N   1 
ATOM   694  C  CA  . LEU A 1 99  ? -3.054  -6.381  7.595   1.00 37.27 ? 96  LEU A CA  1 
ATOM   695  C  C   . LEU A 1 99  ? -1.860  -7.343  7.809   1.00 38.05 ? 96  LEU A C   1 
ATOM   696  O  O   . LEU A 1 99  ? -0.880  -7.299  7.058   1.00 37.58 ? 96  LEU A O   1 
ATOM   697  C  CB  . LEU A 1 99  ? -2.864  -5.070  8.363   1.00 36.84 ? 96  LEU A CB  1 
ATOM   698  C  CG  . LEU A 1 99  ? -1.685  -4.161  7.985   1.00 35.18 ? 96  LEU A CG  1 
ATOM   699  C  CD1 . LEU A 1 99  ? -1.703  -3.790  6.515   1.00 32.42 ? 96  LEU A CD1 1 
ATOM   700  C  CD2 . LEU A 1 99  ? -1.645  -2.905  8.871   1.00 33.75 ? 96  LEU A CD2 1 
ATOM   701  N  N   . ASP A 1 100 ? -1.960  -8.232  8.809   1.00 38.61 ? 97  ASP A N   1 
ATOM   702  C  CA  . ASP A 1 100 ? -0.893  -9.202  9.072   1.00 39.28 ? 97  ASP A CA  1 
ATOM   703  C  C   . ASP A 1 100 ? -0.656  -10.090 7.857   1.00 39.05 ? 97  ASP A C   1 
ATOM   704  O  O   . ASP A 1 100 ? 0.479   -10.241 7.418   1.00 39.34 ? 97  ASP A O   1 
ATOM   705  C  CB  . ASP A 1 100 ? -1.186  -10.059 10.319  1.00 39.94 ? 97  ASP A CB  1 
ATOM   706  C  CG  . ASP A 1 100 ? -0.734  -9.395  11.633  1.00 41.99 ? 97  ASP A CG  1 
ATOM   707  O  OD1 . ASP A 1 100 ? 0.110   -8.467  11.624  1.00 42.64 ? 97  ASP A OD1 1 
ATOM   708  O  OD2 . ASP A 1 100 ? -1.233  -9.823  12.702  1.00 46.54 ? 97  ASP A OD2 1 
ATOM   709  N  N   . GLU A 1 101 ? -1.726  -10.661 7.311   1.00 38.85 ? 98  GLU A N   1 
ATOM   710  C  CA  . GLU A 1 101 ? -1.623  -11.495 6.128   1.00 38.85 ? 98  GLU A CA  1 
ATOM   711  C  C   . GLU A 1 101 ? -1.069  -10.715 4.955   1.00 38.42 ? 98  GLU A C   1 
ATOM   712  O  O   . GLU A 1 101 ? -0.195  -11.203 4.241   1.00 38.58 ? 98  GLU A O   1 
ATOM   713  C  CB  . GLU A 1 101 ? -2.977  -12.049 5.762   1.00 39.20 ? 98  GLU A CB  1 
ATOM   714  C  CG  . GLU A 1 101 ? -3.486  -13.072 6.714   1.00 42.03 ? 98  GLU A CG  1 
ATOM   715  C  CD  . GLU A 1 101 ? -4.995  -13.198 6.666   1.00 46.88 ? 98  GLU A CD  1 
ATOM   716  O  OE1 . GLU A 1 101 ? -5.692  -12.175 6.457   1.00 47.44 ? 98  GLU A OE1 1 
ATOM   717  O  OE2 . GLU A 1 101 ? -5.486  -14.335 6.853   1.00 49.75 ? 98  GLU A OE2 1 
ATOM   718  N  N   . ALA A 1 102 ? -1.560  -9.492  4.774   1.00 37.60 ? 99  ALA A N   1 
ATOM   719  C  CA  . ALA A 1 102 ? -1.085  -8.636  3.690   1.00 37.40 ? 99  ALA A CA  1 
ATOM   720  C  C   . ALA A 1 102 ? 0.414   -8.334  3.776   1.00 37.24 ? 99  ALA A C   1 
ATOM   721  O  O   . ALA A 1 102 ? 1.085   -8.267  2.761   1.00 37.34 ? 99  ALA A O   1 
ATOM   722  C  CB  . ALA A 1 102 ? -1.888  -7.344  3.625   1.00 37.08 ? 99  ALA A CB  1 
ATOM   723  N  N   . LEU A 1 103 ? 0.934   -8.159  4.985   1.00 37.14 ? 100 LEU A N   1 
ATOM   724  C  CA  . LEU A 1 103 ? 2.354   -7.852  5.176   1.00 36.94 ? 100 LEU A CA  1 
ATOM   725  C  C   . LEU A 1 103 ? 3.241   -9.099  5.333   1.00 37.43 ? 100 LEU A C   1 
ATOM   726  O  O   . LEU A 1 103 ? 4.471   -8.999  5.233   1.00 37.29 ? 100 LEU A O   1 
ATOM   727  C  CB  . LEU A 1 103 ? 2.534   -6.917  6.380   1.00 36.55 ? 100 LEU A CB  1 
ATOM   728  C  CG  . LEU A 1 103 ? 1.817   -5.561  6.323   1.00 36.07 ? 100 LEU A CG  1 
ATOM   729  C  CD1 . LEU A 1 103 ? 1.875   -4.856  7.661   1.00 34.68 ? 100 LEU A CD1 1 
ATOM   730  C  CD2 . LEU A 1 103 ? 2.399   -4.674  5.217   1.00 36.85 ? 100 LEU A CD2 1 
ATOM   731  N  N   . ALA A 1 104 ? 2.608   -10.257 5.562   1.00 37.67 ? 101 ALA A N   1 
ATOM   732  C  CA  . ALA A 1 104 ? 3.295   -11.529 5.837   1.00 38.09 ? 101 ALA A CA  1 
ATOM   733  C  C   . ALA A 1 104 ? 4.727   -11.614 5.296   1.00 38.42 ? 101 ALA A C   1 
ATOM   734  O  O   . ALA A 1 104 ? 5.668   -11.819 6.065   1.00 38.89 ? 101 ALA A O   1 
ATOM   735  C  CB  . ALA A 1 104 ? 2.459   -12.733 5.340   1.00 37.87 ? 101 ALA A CB  1 
ATOM   736  N  N   . ASP A 1 105 ? 4.900   -11.452 3.985   1.00 38.50 ? 102 ASP A N   1 
ATOM   737  C  CA  . ASP A 1 105 ? 6.228   -11.631 3.395   1.00 38.84 ? 102 ASP A CA  1 
ATOM   738  C  C   . ASP A 1 105 ? 6.981   -10.337 3.040   1.00 37.58 ? 102 ASP A C   1 
ATOM   739  O  O   . ASP A 1 105 ? 7.906   -10.359 2.240   1.00 37.52 ? 102 ASP A O   1 
ATOM   740  C  CB  . ASP A 1 105 ? 6.168   -12.593 2.198   1.00 39.78 ? 102 ASP A CB  1 
ATOM   741  C  CG  . ASP A 1 105 ? 5.422   -12.011 1.024   1.00 43.87 ? 102 ASP A CG  1 
ATOM   742  O  OD1 . ASP A 1 105 ? 4.864   -10.899 1.166   1.00 49.40 ? 102 ASP A OD1 1 
ATOM   743  O  OD2 . ASP A 1 105 ? 5.389   -12.662 -0.051  1.00 49.76 ? 102 ASP A OD2 1 
ATOM   744  N  N   . THR A 1 106 ? 6.606   -9.222  3.644   1.00 36.36 ? 103 THR A N   1 
ATOM   745  C  CA  . THR A 1 106 ? 7.340   -7.999  3.385   1.00 35.75 ? 103 THR A CA  1 
ATOM   746  C  C   . THR A 1 106 ? 8.415   -7.755  4.447   1.00 35.51 ? 103 THR A C   1 
ATOM   747  O  O   . THR A 1 106 ? 8.315   -8.243  5.577   1.00 35.22 ? 103 THR A O   1 
ATOM   748  C  CB  . THR A 1 106 ? 6.417   -6.753  3.293   1.00 35.66 ? 103 THR A CB  1 
ATOM   749  O  OG1 . THR A 1 106 ? 5.968   -6.417  4.603   1.00 35.04 ? 103 THR A OG1 1 
ATOM   750  C  CG2 . THR A 1 106 ? 5.219   -7.003  2.359   1.00 34.43 ? 103 THR A CG2 1 
ATOM   751  N  N   . THR A 1 107 ? 9.434   -6.983  4.075   1.00 34.73 ? 104 THR A N   1 
ATOM   752  C  CA  . THR A 1 107 ? 10.485  -6.621  4.995   1.00 34.21 ? 104 THR A CA  1 
ATOM   753  C  C   . THR A 1 107 ? 10.394  -5.172  5.468   1.00 33.82 ? 104 THR A C   1 
ATOM   754  O  O   . THR A 1 107 ? 10.976  -4.846  6.490   1.00 34.71 ? 104 THR A O   1 
ATOM   755  C  CB  . THR A 1 107 ? 11.901  -6.904  4.415   1.00 34.61 ? 104 THR A CB  1 
ATOM   756  O  OG1 . THR A 1 107 ? 12.194  -5.962  3.364   1.00 35.14 ? 104 THR A OG1 1 
ATOM   757  C  CG2 . THR A 1 107 ? 11.999  -8.336  3.890   1.00 33.47 ? 104 THR A CG2 1 
ATOM   758  N  N   . ILE A 1 108 ? 9.715   -4.299  4.730   1.00 33.06 ? 105 ILE A N   1 
ATOM   759  C  CA  . ILE A 1 108 ? 9.509   -2.910  5.152   1.00 32.45 ? 105 ILE A CA  1 
ATOM   760  C  C   . ILE A 1 108 ? 8.059   -2.613  4.847   1.00 32.62 ? 105 ILE A C   1 
ATOM   761  O  O   . ILE A 1 108 ? 7.546   -3.093  3.842   1.00 32.71 ? 105 ILE A O   1 
ATOM   762  C  CB  . ILE A 1 108 ? 10.431  -1.881  4.415   1.00 32.26 ? 105 ILE A CB  1 
ATOM   763  C  CG1 . ILE A 1 108 ? 11.909  -2.190  4.660   1.00 32.61 ? 105 ILE A CG1 1 
ATOM   764  C  CG2 . ILE A 1 108 ? 10.209  -0.455  4.932   1.00 30.69 ? 105 ILE A CG2 1 
ATOM   765  C  CD1 . ILE A 1 108 ? 12.867  -1.400  3.764   1.00 32.62 ? 105 ILE A CD1 1 
ATOM   766  N  N   . ALA A 1 109 ? 7.390   -1.883  5.736   1.00 32.58 ? 106 ALA A N   1 
ATOM   767  C  CA  . ALA A 1 109 ? 5.995   -1.528  5.554   1.00 33.28 ? 106 ALA A CA  1 
ATOM   768  C  C   . ALA A 1 109 ? 5.769   -0.144  6.146   1.00 34.33 ? 106 ALA A C   1 
ATOM   769  O  O   . ALA A 1 109 ? 5.977   0.062   7.343   1.00 34.55 ? 106 ALA A O   1 
ATOM   770  C  CB  . ALA A 1 109 ? 5.086   -2.552  6.189   1.00 32.39 ? 106 ALA A CB  1 
ATOM   771  N  N   . CYS A 1 110 ? 5.390   0.818   5.296   1.00 35.19 ? 107 CYS A N   1 
ATOM   772  C  CA  . CYS A 1 110 ? 5.207   2.196   5.754   1.00 36.12 ? 107 CYS A CA  1 
ATOM   773  C  C   . CYS A 1 110 ? 3.757   2.508   5.975   1.00 36.25 ? 107 CYS A C   1 
ATOM   774  O  O   . CYS A 1 110 ? 2.937   2.350   5.073   1.00 36.77 ? 107 CYS A O   1 
ATOM   775  C  CB  . CYS A 1 110 ? 5.750   3.198   4.751   1.00 36.43 ? 107 CYS A CB  1 
ATOM   776  S  SG  . CYS A 1 110 ? 7.375   2.813   4.210   1.00 38.30 ? 107 CYS A SG  1 
ATOM   777  N  N   . ALA A 1 111 ? 3.453   2.953   7.183   1.00 36.76 ? 108 ALA A N   1 
ATOM   778  C  CA  . ALA A 1 111 ? 2.138   3.450   7.512   1.00 37.61 ? 108 ALA A CA  1 
ATOM   779  C  C   . ALA A 1 111 ? 2.059   4.929   7.147   1.00 38.64 ? 108 ALA A C   1 
ATOM   780  O  O   . ALA A 1 111 ? 2.869   5.740   7.606   1.00 38.03 ? 108 ALA A O   1 
ATOM   781  C  CB  . ALA A 1 111 ? 1.854   3.251   8.986   1.00 36.91 ? 108 ALA A CB  1 
ATOM   782  N  N   . LEU A 1 112 ? 1.087   5.280   6.313   1.00 40.08 ? 109 LEU A N   1 
ATOM   783  C  CA  . LEU A 1 112 ? 0.817   6.682   6.085   1.00 41.83 ? 109 LEU A CA  1 
ATOM   784  C  C   . LEU A 1 112 ? -0.057  7.223   7.202   1.00 43.32 ? 109 LEU A C   1 
ATOM   785  O  O   . LEU A 1 112 ? -1.163  6.751   7.393   1.00 43.24 ? 109 LEU A O   1 
ATOM   786  C  CB  . LEU A 1 112 ? 0.124   6.878   4.752   1.00 41.35 ? 109 LEU A CB  1 
ATOM   787  C  CG  . LEU A 1 112 ? 0.344   8.340   4.409   1.00 42.54 ? 109 LEU A CG  1 
ATOM   788  C  CD1 . LEU A 1 112 ? 1.479   8.471   3.398   1.00 43.53 ? 109 LEU A CD1 1 
ATOM   789  C  CD2 . LEU A 1 112 ? -0.932  8.980   3.901   1.00 43.13 ? 109 LEU A CD2 1 
ATOM   790  N  N   . THR A 1 113 ? 0.450   8.189   7.954   1.00 45.83 ? 110 THR A N   1 
ATOM   791  C  CA  . THR A 1 113 ? -0.334  8.855   8.999   1.00 49.14 ? 110 THR A CA  1 
ATOM   792  C  C   . THR A 1 113 ? 0.006   10.328  9.054   1.00 51.33 ? 110 THR A C   1 
ATOM   793  O  O   . THR A 1 113 ? 0.858   10.810  8.299   1.00 52.05 ? 110 THR A O   1 
ATOM   794  C  CB  . THR A 1 113 ? -0.059  8.294   10.430  1.00 49.21 ? 110 THR A CB  1 
ATOM   795  O  OG1 . THR A 1 113 ? 1.308   8.542   10.790  1.00 49.08 ? 110 THR A OG1 1 
ATOM   796  C  CG2 . THR A 1 113 ? -0.325  6.816   10.511  1.00 49.87 ? 110 THR A CG2 1 
ATOM   797  N  N   . SER A 1 114 ? -0.653  11.035  9.973   1.00 54.15 ? 111 SER A N   1 
ATOM   798  C  CA  . SER A 1 114 ? -0.306  12.429  10.304  1.00 56.69 ? 111 SER A CA  1 
ATOM   799  C  C   . SER A 1 114 ? 0.179   12.495  11.755  1.00 58.61 ? 111 SER A C   1 
ATOM   800  O  O   . SER A 1 114 ? 0.067   11.497  12.484  1.00 58.76 ? 111 SER A O   1 
ATOM   801  C  CB  . SER A 1 114 ? -1.516  13.351  10.109  1.00 56.33 ? 111 SER A CB  1 
ATOM   802  O  OG  . SER A 1 114 ? -2.624  12.907  10.871  1.00 56.22 ? 111 SER A OG  1 
ATOM   803  N  N   . ARG A 1 115 ? 0.723   13.646  12.179  1.00 60.89 ? 112 ARG A N   1 
ATOM   804  C  CA  . ARG A 1 115 ? 0.883   13.909  13.622  1.00 62.95 ? 112 ARG A CA  1 
ATOM   805  C  C   . ARG A 1 115 ? -0.518  14.020  14.278  1.00 64.47 ? 112 ARG A C   1 
ATOM   806  O  O   . ARG A 1 115 ? -1.073  15.115  14.467  1.00 64.72 ? 112 ARG A O   1 
ATOM   807  C  CB  . ARG A 1 115 ? 1.772   15.150  13.913  1.00 62.60 ? 112 ARG A CB  1 
ATOM   808  N  N   . ARG A 1 116 ? -1.116  12.846  14.476  1.00 65.97 ? 113 ARG A N   1 
ATOM   809  C  CA  . ARG A 1 116 ? -2.047  12.575  15.541  1.00 67.15 ? 113 ARG A CA  1 
ATOM   810  C  C   . ARG A 1 116 ? -1.105  11.767  16.452  1.00 68.17 ? 113 ARG A C   1 
ATOM   811  O  O   . ARG A 1 116 ? -1.057  10.522  16.415  1.00 68.54 ? 113 ARG A O   1 
ATOM   812  C  CB  . ARG A 1 116 ? -3.230  11.742  15.039  1.00 66.93 ? 113 ARG A CB  1 
ATOM   813  N  N   . ARG A 1 117 ? -0.326  12.540  17.223  1.00 68.99 ? 114 ARG A N   1 
ATOM   814  C  CA  . ARG A 1 117 ? 0.882   12.126  17.963  1.00 69.44 ? 114 ARG A CA  1 
ATOM   815  C  C   . ARG A 1 117 ? 1.967   11.528  17.077  1.00 69.69 ? 114 ARG A C   1 
ATOM   816  O  O   . ARG A 1 117 ? 3.096   12.020  17.068  1.00 69.93 ? 114 ARG A O   1 
ATOM   817  C  CB  . ARG A 1 117 ? 0.559   11.209  19.134  1.00 69.62 ? 114 ARG A CB  1 
ATOM   818  C  CG  . ARG A 1 117 ? -0.101  11.895  20.326  1.00 70.01 ? 114 ARG A CG  1 
ATOM   819  C  CD  . ARG A 1 117 ? -0.229  10.916  21.481  1.00 71.26 ? 114 ARG A CD  1 
ATOM   820  N  NE  . ARG A 1 117 ? -0.874  9.659   21.078  1.00 73.00 ? 114 ARG A NE  1 
ATOM   821  C  CZ  . ARG A 1 117 ? -0.251  8.586   20.573  1.00 73.47 ? 114 ARG A CZ  1 
ATOM   822  N  NH1 . ARG A 1 117 ? 1.068   8.582   20.376  1.00 74.05 ? 114 ARG A NH1 1 
ATOM   823  N  NH2 . ARG A 1 117 ? -0.959  7.507   20.248  1.00 72.64 ? 114 ARG A NH2 1 
ATOM   824  N  N   . THR A 1 120 ? 3.943   9.643   18.055  1.00 56.11 ? 117 THR A N   1 
ATOM   825  C  CA  . THR A 1 120 ? 5.043   9.849   19.002  1.00 56.06 ? 117 THR A CA  1 
ATOM   826  C  C   . THR A 1 120 ? 6.512   9.748   18.448  1.00 55.80 ? 117 THR A C   1 
ATOM   827  O  O   . THR A 1 120 ? 7.359   10.595  18.784  1.00 55.94 ? 117 THR A O   1 
ATOM   828  C  CB  . THR A 1 120 ? 4.865   8.933   20.234  1.00 56.51 ? 117 THR A CB  1 
ATOM   829  O  OG1 . THR A 1 120 ? 5.997   9.071   21.110  1.00 56.53 ? 117 THR A OG1 1 
ATOM   830  C  CG2 . THR A 1 120 ? 4.660   7.444   19.807  1.00 56.22 ? 117 THR A CG2 1 
ATOM   831  N  N   . ALA A 1 121 ? 6.805   8.715   17.639  1.00 54.83 ? 118 ALA A N   1 
ATOM   832  C  CA  . ALA A 1 121 ? 8.111   8.538   16.969  1.00 53.86 ? 118 ALA A CA  1 
ATOM   833  C  C   . ALA A 1 121 ? 8.278   9.520   15.791  1.00 52.94 ? 118 ALA A C   1 
ATOM   834  O  O   . ALA A 1 121 ? 7.335   10.243  15.467  1.00 52.92 ? 118 ALA A O   1 
ATOM   835  C  CB  . ALA A 1 121 ? 8.286   7.074   16.494  1.00 53.93 ? 118 ALA A CB  1 
ATOM   836  N  N   . PRO A 1 122 ? 9.481   9.576   15.166  1.00 52.00 ? 119 PRO A N   1 
ATOM   837  C  CA  . PRO A 1 122 ? 9.619   10.486  14.015  1.00 50.95 ? 119 PRO A CA  1 
ATOM   838  C  C   . PRO A 1 122 ? 8.946   9.969   12.748  1.00 49.65 ? 119 PRO A C   1 
ATOM   839  O  O   . PRO A 1 122 ? 9.112   8.801   12.361  1.00 49.62 ? 119 PRO A O   1 
ATOM   840  C  CB  . PRO A 1 122 ? 11.139  10.599  13.809  1.00 50.69 ? 119 PRO A CB  1 
ATOM   841  C  CG  . PRO A 1 122 ? 11.702  9.386   14.416  1.00 51.63 ? 119 PRO A CG  1 
ATOM   842  C  CD  . PRO A 1 122 ? 10.777  8.974   15.544  1.00 52.13 ? 119 PRO A CD  1 
ATOM   843  N  N   . LEU A 1 123 ? 8.163   10.844  12.132  1.00 47.95 ? 120 LEU A N   1 
ATOM   844  C  CA  . LEU A 1 123 ? 7.589   10.561  10.831  1.00 46.41 ? 120 LEU A CA  1 
ATOM   845  C  C   . LEU A 1 123 ? 8.636   10.836  9.781   1.00 45.08 ? 120 LEU A C   1 
ATOM   846  O  O   . LEU A 1 123 ? 9.484   11.701  9.956   1.00 45.19 ? 120 LEU A O   1 
ATOM   847  C  CB  . LEU A 1 123 ? 6.372   11.436  10.604  1.00 46.39 ? 120 LEU A CB  1 
ATOM   848  C  CG  . LEU A 1 123 ? 5.354   11.365  11.742  1.00 45.80 ? 120 LEU A CG  1 
ATOM   849  C  CD1 . LEU A 1 123 ? 4.259   12.397  11.544  1.00 44.80 ? 120 LEU A CD1 1 
ATOM   850  C  CD2 . LEU A 1 123 ? 4.780   9.966   11.838  1.00 45.00 ? 120 LEU A CD2 1 
ATOM   851  N  N   . GLN A 1 124 ? 8.616   10.067  8.709   1.00 43.59 ? 121 GLN A N   1 
ATOM   852  C  CA  . GLN A 1 124 ? 9.472   10.353  7.565   1.00 42.23 ? 121 GLN A CA  1 
ATOM   853  C  C   . GLN A 1 124 ? 8.627   10.698  6.322   1.00 41.02 ? 121 GLN A C   1 
ATOM   854  O  O   . GLN A 1 124 ? 7.511   10.177  6.153   1.00 40.74 ? 121 GLN A O   1 
ATOM   855  C  CB  . GLN A 1 124 ? 10.387  9.174   7.284   1.00 42.45 ? 121 GLN A CB  1 
ATOM   856  C  CG  . GLN A 1 124 ? 11.303  8.824   8.442   1.00 44.25 ? 121 GLN A CG  1 
ATOM   857  C  CD  . GLN A 1 124 ? 12.131  7.588   8.140   1.00 48.19 ? 121 GLN A CD  1 
ATOM   858  O  OE1 . GLN A 1 124 ? 11.802  6.479   8.580   1.00 49.54 ? 121 GLN A OE1 1 
ATOM   859  N  NE2 . GLN A 1 124 ? 13.199  7.763   7.357   1.00 48.23 ? 121 GLN A NE2 1 
ATOM   860  N  N   . THR A 1 125 ? 9.158   11.587  5.479   1.00 38.98 ? 122 THR A N   1 
ATOM   861  C  CA  . THR A 1 125 ? 8.540   11.939  4.205   1.00 37.08 ? 122 THR A CA  1 
ATOM   862  C  C   . THR A 1 125 ? 8.747   10.822  3.184   1.00 36.51 ? 122 THR A C   1 
ATOM   863  O  O   . THR A 1 125 ? 9.686   10.038  3.318   1.00 36.61 ? 122 THR A O   1 
ATOM   864  C  CB  . THR A 1 125 ? 9.164   13.201  3.617   1.00 36.75 ? 122 THR A CB  1 
ATOM   865  O  OG1 . THR A 1 125 ? 10.503  12.913  3.210   1.00 36.48 ? 122 THR A OG1 1 
ATOM   866  C  CG2 . THR A 1 125 ? 9.142   14.343  4.604   1.00 34.09 ? 122 THR A CG2 1 
ATOM   867  N  N   . PRO A 1 126 ? 7.886   10.756  2.144   1.00 35.82 ? 123 PRO A N   1 
ATOM   868  C  CA  . PRO A 1 126 ? 8.176   9.850   1.028   1.00 35.26 ? 123 PRO A CA  1 
ATOM   869  C  C   . PRO A 1 126 ? 9.524   10.152  0.348   1.00 35.08 ? 123 PRO A C   1 
ATOM   870  O  O   . PRO A 1 126 ? 10.268  9.216   0.055   1.00 34.76 ? 123 PRO A O   1 
ATOM   871  C  CB  . PRO A 1 126 ? 7.002   10.083  0.078   1.00 35.11 ? 123 PRO A CB  1 
ATOM   872  C  CG  . PRO A 1 126 ? 5.911   10.585  0.973   1.00 34.90 ? 123 PRO A CG  1 
ATOM   873  C  CD  . PRO A 1 126 ? 6.608   11.461  1.943   1.00 35.18 ? 123 PRO A CD  1 
ATOM   874  N  N   . ARG A 1 127 ? 9.858   11.431  0.144   1.00 35.11 ? 124 ARG A N   1 
ATOM   875  C  CA  . ARG A 1 127 ? 11.215  11.800  -0.308  1.00 35.46 ? 124 ARG A CA  1 
ATOM   876  C  C   . ARG A 1 127 ? 12.298  11.008  0.438   1.00 36.52 ? 124 ARG A C   1 
ATOM   877  O  O   . ARG A 1 127 ? 13.167  10.415  -0.183  1.00 36.59 ? 124 ARG A O   1 
ATOM   878  C  CB  . ARG A 1 127 ? 11.477  13.303  -0.178  1.00 34.31 ? 124 ARG A CB  1 
ATOM   879  C  CG  . ARG A 1 127 ? 12.837  13.788  -0.722  1.00 33.36 ? 124 ARG A CG  1 
ATOM   880  C  CD  . ARG A 1 127 ? 13.016  13.677  -2.272  1.00 33.59 ? 124 ARG A CD  1 
ATOM   881  N  NE  . ARG A 1 127 ? 11.734  13.848  -2.950  1.00 35.14 ? 124 ARG A NE  1 
ATOM   882  C  CZ  . ARG A 1 127 ? 11.173  15.022  -3.238  1.00 33.44 ? 124 ARG A CZ  1 
ATOM   883  N  NH1 . ARG A 1 127 ? 9.977   15.046  -3.785  1.00 31.87 ? 124 ARG A NH1 1 
ATOM   884  N  NH2 . ARG A 1 127 ? 11.796  16.166  -2.981  1.00 32.57 ? 124 ARG A NH2 1 
ATOM   885  N  N   . ASP A 1 128 ? 12.207  10.963  1.763   1.00 37.45 ? 125 ASP A N   1 
ATOM   886  C  CA  . ASP A 1 128 ? 13.256  10.362  2.585   1.00 38.93 ? 125 ASP A CA  1 
ATOM   887  C  C   . ASP A 1 128 ? 13.185  8.859   2.766   1.00 38.97 ? 125 ASP A C   1 
ATOM   888  O  O   . ASP A 1 128 ? 14.187  8.226   3.045   1.00 39.31 ? 125 ASP A O   1 
ATOM   889  C  CB  . ASP A 1 128 ? 13.274  11.014  3.959   1.00 39.38 ? 125 ASP A CB  1 
ATOM   890  C  CG  . ASP A 1 128 ? 13.890  12.396  3.924   1.00 42.53 ? 125 ASP A CG  1 
ATOM   891  O  OD1 . ASP A 1 128 ? 14.792  12.628  3.082   1.00 46.62 ? 125 ASP A OD1 1 
ATOM   892  O  OD2 . ASP A 1 128 ? 13.473  13.260  4.729   1.00 46.37 ? 125 ASP A OD2 1 
ATOM   893  N  N   . LEU A 1 129 ? 12.002  8.296   2.613   1.00 38.91 ? 126 LEU A N   1 
ATOM   894  C  CA  . LEU A 1 129 ? 11.780  6.894   2.862   1.00 38.91 ? 126 LEU A CA  1 
ATOM   895  C  C   . LEU A 1 129 ? 11.901  6.039   1.600   1.00 38.96 ? 126 LEU A C   1 
ATOM   896  O  O   . LEU A 1 129 ? 12.268  4.866   1.673   1.00 39.80 ? 126 LEU A O   1 
ATOM   897  C  CB  . LEU A 1 129 ? 10.388  6.754   3.446   1.00 39.22 ? 126 LEU A CB  1 
ATOM   898  C  CG  . LEU A 1 129 ? 9.985   5.747   4.511   1.00 40.09 ? 126 LEU A CG  1 
ATOM   899  C  CD1 . LEU A 1 129 ? 11.118  5.369   5.477   1.00 39.49 ? 126 LEU A CD1 1 
ATOM   900  C  CD2 . LEU A 1 129 ? 8.769   6.320   5.249   1.00 39.93 ? 126 LEU A CD2 1 
ATOM   901  N  N   . VAL A 1 130 ? 11.589  6.616   0.442   1.00 38.68 ? 127 VAL A N   1 
ATOM   902  C  CA  . VAL A 1 130 ? 11.648  5.875   -0.837  1.00 38.26 ? 127 VAL A CA  1 
ATOM   903  C  C   . VAL A 1 130 ? 13.032  5.243   -1.196  1.00 37.86 ? 127 VAL A C   1 
ATOM   904  O  O   . VAL A 1 130 ? 13.066  4.087   -1.644  1.00 38.37 ? 127 VAL A O   1 
ATOM   905  C  CB  . VAL A 1 130 ? 11.015  6.703   -2.018  1.00 38.38 ? 127 VAL A CB  1 
ATOM   906  C  CG1 . VAL A 1 130 ? 11.424  6.163   -3.388  1.00 39.00 ? 127 VAL A CG1 1 
ATOM   907  C  CG2 . VAL A 1 130 ? 9.523   6.708   -1.903  1.00 36.69 ? 127 VAL A CG2 1 
ATOM   908  N  N   . PRO A 1 131 ? 14.163  5.965   -0.979  1.00 37.35 ? 128 PRO A N   1 
ATOM   909  C  CA  . PRO A 1 131 ? 15.463  5.321   -1.239  1.00 37.17 ? 128 PRO A CA  1 
ATOM   910  C  C   . PRO A 1 131 ? 15.582  3.926   -0.597  1.00 38.23 ? 128 PRO A C   1 
ATOM   911  O  O   . PRO A 1 131 ? 15.883  2.925   -1.282  1.00 38.23 ? 128 PRO A O   1 
ATOM   912  C  CB  . PRO A 1 131 ? 16.463  6.296   -0.603  1.00 36.52 ? 128 PRO A CB  1 
ATOM   913  C  CG  . PRO A 1 131 ? 15.820  7.646   -0.712  1.00 35.43 ? 128 PRO A CG  1 
ATOM   914  C  CD  . PRO A 1 131 ? 14.340  7.361   -0.496  1.00 37.51 ? 128 PRO A CD  1 
ATOM   915  N  N   . GLU A 1 132 ? 15.313  3.871   0.704   1.00 38.82 ? 129 GLU A N   1 
ATOM   916  C  CA  . GLU A 1 132 ? 15.372  2.657   1.481   1.00 39.55 ? 129 GLU A CA  1 
ATOM   917  C  C   . GLU A 1 132 ? 14.443  1.593   0.916   1.00 39.44 ? 129 GLU A C   1 
ATOM   918  O  O   . GLU A 1 132 ? 14.831  0.450   0.763   1.00 39.30 ? 129 GLU A O   1 
ATOM   919  C  CB  . GLU A 1 132 ? 15.011  3.016   2.909   1.00 40.21 ? 129 GLU A CB  1 
ATOM   920  C  CG  . GLU A 1 132 ? 14.780  1.875   3.834   1.00 43.14 ? 129 GLU A CG  1 
ATOM   921  C  CD  . GLU A 1 132 ? 14.587  2.351   5.262   1.00 47.73 ? 129 GLU A CD  1 
ATOM   922  O  OE1 . GLU A 1 132 ? 14.231  3.541   5.467   1.00 47.96 ? 129 GLU A OE1 1 
ATOM   923  O  OE2 . GLU A 1 132 ? 14.823  1.529   6.183   1.00 51.39 ? 129 GLU A OE2 1 
ATOM   924  N  N   . LEU A 1 133 ? 13.223  1.982   0.572   1.00 40.05 ? 130 LEU A N   1 
ATOM   925  C  CA  . LEU A 1 133 ? 12.290  1.070   -0.104  1.00 40.20 ? 130 LEU A CA  1 
ATOM   926  C  C   . LEU A 1 133 ? 12.813  0.520   -1.423  1.00 40.43 ? 130 LEU A C   1 
ATOM   927  O  O   . LEU A 1 133 ? 12.660  -0.683  -1.712  1.00 40.54 ? 130 LEU A O   1 
ATOM   928  C  CB  . LEU A 1 133 ? 10.973  1.763   -0.368  1.00 40.11 ? 130 LEU A CB  1 
ATOM   929  C  CG  . LEU A 1 133 ? 10.188  2.127   0.877   1.00 40.48 ? 130 LEU A CG  1 
ATOM   930  C  CD1 . LEU A 1 133 ? 9.077   3.077   0.499   1.00 40.33 ? 130 LEU A CD1 1 
ATOM   931  C  CD2 . LEU A 1 133 ? 9.625   0.876   1.491   1.00 40.69 ? 130 LEU A CD2 1 
ATOM   932  N  N   . LEU A 1 134 ? 13.421  1.393   -2.226  1.00 40.02 ? 131 LEU A N   1 
ATOM   933  C  CA  . LEU A 1 134 ? 13.927  0.981   -3.538  1.00 39.78 ? 131 LEU A CA  1 
ATOM   934  C  C   . LEU A 1 134 ? 15.092  -0.001  -3.446  1.00 39.64 ? 131 LEU A C   1 
ATOM   935  O  O   . LEU A 1 134 ? 15.080  -1.039  -4.116  1.00 39.97 ? 131 LEU A O   1 
ATOM   936  C  CB  . LEU A 1 134 ? 14.258  2.201   -4.409  1.00 39.93 ? 131 LEU A CB  1 
ATOM   937  C  CG  . LEU A 1 134 ? 13.140  2.657   -5.376  1.00 39.85 ? 131 LEU A CG  1 
ATOM   938  C  CD1 . LEU A 1 134 ? 11.734  2.565   -4.793  1.00 39.18 ? 131 LEU A CD1 1 
ATOM   939  C  CD2 . LEU A 1 134 ? 13.387  4.056   -5.930  1.00 39.28 ? 131 LEU A CD2 1 
ATOM   940  N  N   . GLN A 1 135 ? 16.076  0.294   -2.596  1.00 39.35 ? 132 GLN A N   1 
ATOM   941  C  CA  . GLN A 1 135 ? 17.167  -0.653  -2.349  1.00 38.87 ? 132 GLN A CA  1 
ATOM   942  C  C   . GLN A 1 135 ? 16.672  -1.997  -1.880  1.00 38.11 ? 132 GLN A C   1 
ATOM   943  O  O   . GLN A 1 135 ? 17.118  -3.023  -2.387  1.00 37.98 ? 132 GLN A O   1 
ATOM   944  C  CB  . GLN A 1 135 ? 18.140  -0.099  -1.336  1.00 39.11 ? 132 GLN A CB  1 
ATOM   945  C  CG  . GLN A 1 135 ? 19.187  0.757   -1.982  1.00 41.74 ? 132 GLN A CG  1 
ATOM   946  C  CD  . GLN A 1 135 ? 19.385  2.035   -1.224  1.00 45.24 ? 132 GLN A CD  1 
ATOM   947  O  OE1 . GLN A 1 135 ? 18.781  2.245   -0.168  1.00 46.93 ? 132 GLN A OE1 1 
ATOM   948  N  NE2 . GLN A 1 135 ? 20.230  2.910   -1.753  1.00 45.97 ? 132 GLN A NE2 1 
ATOM   949  N  N   . ALA A 1 136 ? 15.740  -1.985  -0.927  1.00 37.32 ? 133 ALA A N   1 
ATOM   950  C  CA  . ALA A 1 136 ? 15.146  -3.223  -0.441  1.00 37.04 ? 133 ALA A CA  1 
ATOM   951  C  C   . ALA A 1 136 ? 14.496  -4.008  -1.558  1.00 37.07 ? 133 ALA A C   1 
ATOM   952  O  O   . ALA A 1 136 ? 14.735  -5.216  -1.667  1.00 37.43 ? 133 ALA A O   1 
ATOM   953  C  CB  . ALA A 1 136 ? 14.148  -2.973  0.697   1.00 36.59 ? 133 ALA A CB  1 
ATOM   954  N  N   . ALA A 1 137 ? 13.676  -3.338  -2.378  1.00 36.63 ? 134 ALA A N   1 
ATOM   955  C  CA  . ALA A 1 137 ? 12.966  -4.007  -3.468  1.00 36.25 ? 134 ALA A CA  1 
ATOM   956  C  C   . ALA A 1 137 ? 13.990  -4.551  -4.445  1.00 36.21 ? 134 ALA A C   1 
ATOM   957  O  O   . ALA A 1 137 ? 13.888  -5.689  -4.899  1.00 35.38 ? 134 ALA A O   1 
ATOM   958  C  CB  . ALA A 1 137 ? 12.015  -3.055  -4.165  1.00 36.39 ? 134 ALA A CB  1 
ATOM   959  N  N   . ASN A 1 138 ? 14.991  -3.727  -4.736  1.00 36.74 ? 135 ASN A N   1 
ATOM   960  C  CA  . ASN A 1 138 ? 16.118  -4.128  -5.565  1.00 37.13 ? 135 ASN A CA  1 
ATOM   961  C  C   . ASN A 1 138 ? 16.838  -5.366  -5.046  1.00 37.24 ? 135 ASN A C   1 
ATOM   962  O  O   . ASN A 1 138 ? 17.319  -6.173  -5.839  1.00 37.39 ? 135 ASN A O   1 
ATOM   963  C  CB  . ASN A 1 138 ? 17.106  -2.981  -5.729  1.00 37.40 ? 135 ASN A CB  1 
ATOM   964  C  CG  . ASN A 1 138 ? 18.289  -3.348  -6.629  1.00 38.65 ? 135 ASN A CG  1 
ATOM   965  O  OD1 . ASN A 1 138 ? 18.113  -3.855  -7.744  1.00 38.01 ? 135 ASN A OD1 1 
ATOM   966  N  ND2 . ASN A 1 138 ? 19.499  -3.088  -6.147  1.00 39.19 ? 135 ASN A ND2 1 
ATOM   967  N  N   . ARG A 1 139 ? 16.908  -5.532  -3.726  1.00 37.26 ? 136 ARG A N   1 
ATOM   968  C  CA  . ARG A 1 139 ? 17.482  -6.758  -3.151  1.00 36.72 ? 136 ARG A CA  1 
ATOM   969  C  C   . ARG A 1 139 ? 16.564  -7.974  -3.275  1.00 36.51 ? 136 ARG A C   1 
ATOM   970  O  O   . ARG A 1 139 ? 16.960  -9.073  -2.936  1.00 36.85 ? 136 ARG A O   1 
ATOM   971  C  CB  . ARG A 1 139 ? 17.918  -6.566  -1.691  1.00 36.60 ? 136 ARG A CB  1 
ATOM   972  C  CG  . ARG A 1 139 ? 19.224  -5.810  -1.531  1.00 36.06 ? 136 ARG A CG  1 
ATOM   973  C  CD  . ARG A 1 139 ? 19.730  -5.875  -0.096  1.00 36.45 ? 136 ARG A CD  1 
ATOM   974  N  NE  . ARG A 1 139 ? 18.730  -5.360  0.834   1.00 38.66 ? 136 ARG A NE  1 
ATOM   975  C  CZ  . ARG A 1 139 ? 18.534  -4.069  1.115   1.00 38.35 ? 136 ARG A CZ  1 
ATOM   976  N  NH1 . ARG A 1 139 ? 19.281  -3.124  0.553   1.00 38.54 ? 136 ARG A NH1 1 
ATOM   977  N  NH2 . ARG A 1 139 ? 17.591  -3.716  1.970   1.00 37.19 ? 136 ARG A NH2 1 
ATOM   978  N  N   . GLY A 1 140 ? 15.347  -7.787  -3.763  1.00 36.45 ? 137 GLY A N   1 
ATOM   979  C  CA  . GLY A 1 140 ? 14.444  -8.910  -3.976  1.00 36.17 ? 137 GLY A CA  1 
ATOM   980  C  C   . GLY A 1 140 ? 13.399  -9.018  -2.887  1.00 36.32 ? 137 GLY A C   1 
ATOM   981  O  O   . GLY A 1 140 ? 12.508  -9.877  -2.951  1.00 36.52 ? 137 GLY A O   1 
ATOM   982  N  N   . GLU A 1 141 ? 13.509  -8.138  -1.894  1.00 36.24 ? 138 GLU A N   1 
ATOM   983  C  CA  . GLU A 1 141 ? 12.573  -8.064  -0.778  1.00 36.43 ? 138 GLU A CA  1 
ATOM   984  C  C   . GLU A 1 141 ? 11.272  -7.385  -1.187  1.00 36.38 ? 138 GLU A C   1 
ATOM   985  O  O   . GLU A 1 141 ? 11.271  -6.455  -1.998  1.00 37.03 ? 138 GLU A O   1 
ATOM   986  C  CB  . GLU A 1 141 ? 13.199  -7.293  0.386   1.00 36.46 ? 138 GLU A CB  1 
ATOM   987  C  CG  . GLU A 1 141 ? 14.469  -7.914  0.937   1.00 36.53 ? 138 GLU A CG  1 
ATOM   988  C  CD  . GLU A 1 141 ? 15.336  -6.925  1.720   1.00 39.46 ? 138 GLU A CD  1 
ATOM   989  O  OE1 . GLU A 1 141 ? 16.587  -7.038  1.643   1.00 40.93 ? 138 GLU A OE1 1 
ATOM   990  O  OE2 . GLU A 1 141 ? 14.778  -6.035  2.407   1.00 39.45 ? 138 GLU A OE2 1 
ATOM   991  N  N   . LYS A 1 142 ? 10.168  -7.865  -0.634  1.00 35.95 ? 139 LYS A N   1 
ATOM   992  C  CA  . LYS A 1 142 ? 8.877   -7.240  -0.821  1.00 35.59 ? 139 LYS A CA  1 
ATOM   993  C  C   . LYS A 1 142 ? 8.793   -6.096  0.163   1.00 35.51 ? 139 LYS A C   1 
ATOM   994  O  O   . LYS A 1 142 ? 9.234   -6.227  1.312   1.00 35.74 ? 139 LYS A O   1 
ATOM   995  C  CB  . LYS A 1 142 ? 7.762   -8.231  -0.530  1.00 35.63 ? 139 LYS A CB  1 
ATOM   996  C  CG  . LYS A 1 142 ? 7.722   -9.422  -1.464  1.00 37.87 ? 139 LYS A CG  1 
ATOM   997  C  CD  . LYS A 1 142 ? 7.466   -8.957  -2.896  1.00 43.07 ? 139 LYS A CD  1 
ATOM   998  C  CE  . LYS A 1 142 ? 6.820   -10.020 -3.781  1.00 43.80 ? 139 LYS A CE  1 
ATOM   999  N  NZ  . LYS A 1 142 ? 7.833   -10.973 -4.304  1.00 44.08 ? 139 LYS A NZ  1 
ATOM   1000 N  N   . VAL A 1 143 ? 8.252   -4.962  -0.286  1.00 34.93 ? 140 VAL A N   1 
ATOM   1001 C  CA  . VAL A 1 143 ? 8.077   -3.780  0.568   1.00 33.77 ? 140 VAL A CA  1 
ATOM   1002 C  C   . VAL A 1 143 ? 6.670   -3.200  0.345   1.00 33.60 ? 140 VAL A C   1 
ATOM   1003 O  O   . VAL A 1 143 ? 6.060   -3.413  -0.700  1.00 33.78 ? 140 VAL A O   1 
ATOM   1004 C  CB  . VAL A 1 143 ? 9.220   -2.731  0.362   1.00 33.61 ? 140 VAL A CB  1 
ATOM   1005 C  CG1 . VAL A 1 143 ? 10.597  -3.399  0.487   1.00 33.31 ? 140 VAL A CG1 1 
ATOM   1006 C  CG2 . VAL A 1 143 ? 9.125   -2.060  -0.975  1.00 33.42 ? 140 VAL A CG2 1 
ATOM   1007 N  N   . ALA A 1 144 ? 6.134   -2.477  1.317   1.00 33.14 ? 141 ALA A N   1 
ATOM   1008 C  CA  . ALA A 1 144 ? 4.744   -2.075  1.214   1.00 32.56 ? 141 ALA A CA  1 
ATOM   1009 C  C   . ALA A 1 144 ? 4.472   -0.656  1.698   1.00 32.35 ? 141 ALA A C   1 
ATOM   1010 O  O   . ALA A 1 144 ? 5.153   -0.153  2.589   1.00 32.23 ? 141 ALA A O   1 
ATOM   1011 C  CB  . ALA A 1 144 ? 3.877   -3.054  1.941   1.00 32.21 ? 141 ALA A CB  1 
ATOM   1012 N  N   . LEU A 1 145 ? 3.459   -0.030  1.094   1.00 31.62 ? 142 LEU A N   1 
ATOM   1013 C  CA  . LEU A 1 145 ? 2.958   1.277   1.529   1.00 31.07 ? 142 LEU A CA  1 
ATOM   1014 C  C   . LEU A 1 145 ? 1.508   1.093   1.893   1.00 31.09 ? 142 LEU A C   1 
ATOM   1015 O  O   . LEU A 1 145 ? 0.696   0.603   1.095   1.00 31.23 ? 142 LEU A O   1 
ATOM   1016 C  CB  . LEU A 1 145 ? 3.129   2.331   0.423   1.00 30.92 ? 142 LEU A CB  1 
ATOM   1017 C  CG  . LEU A 1 145 ? 4.642   2.466   0.189   1.00 30.46 ? 142 LEU A CG  1 
ATOM   1018 C  CD1 . LEU A 1 145 ? 5.106   2.043   -1.183  1.00 25.19 ? 142 LEU A CD1 1 
ATOM   1019 C  CD2 . LEU A 1 145 ? 5.176   3.804   0.621   1.00 30.30 ? 142 LEU A CD2 1 
ATOM   1020 N  N   . VAL A 1 146 ? 1.188   1.483   3.122   1.00 30.88 ? 143 VAL A N   1 
ATOM   1021 C  CA  . VAL A 1 146 ? -0.083  1.172   3.720   1.00 29.66 ? 143 VAL A CA  1 
ATOM   1022 C  C   . VAL A 1 146 ? -0.902  2.434   3.970   1.00 29.82 ? 143 VAL A C   1 
ATOM   1023 O  O   . VAL A 1 146 ? -0.448  3.389   4.627   1.00 29.42 ? 143 VAL A O   1 
ATOM   1024 C  CB  . VAL A 1 146 ? 0.156   0.429   5.012   1.00 29.51 ? 143 VAL A CB  1 
ATOM   1025 C  CG1 . VAL A 1 146 ? -1.166  -0.024  5.656   1.00 27.63 ? 143 VAL A CG1 1 
ATOM   1026 C  CG2 . VAL A 1 146 ? 1.085   -0.731  4.736   1.00 29.40 ? 143 VAL A CG2 1 
ATOM   1027 N  N   . PHE A 1 147 ? -2.121  2.388   3.438   1.00 29.83 ? 144 PHE A N   1 
ATOM   1028 C  CA  . PHE A 1 147 ? -3.083  3.481   3.477   1.00 30.28 ? 144 PHE A CA  1 
ATOM   1029 C  C   . PHE A 1 147 ? -4.342  3.055   4.245   1.00 30.50 ? 144 PHE A C   1 
ATOM   1030 O  O   . PHE A 1 147 ? -4.866  1.963   4.019   1.00 30.71 ? 144 PHE A O   1 
ATOM   1031 C  CB  . PHE A 1 147 ? -3.470  3.875   2.047   1.00 29.54 ? 144 PHE A CB  1 
ATOM   1032 C  CG  . PHE A 1 147 ? -2.316  4.400   1.244   1.00 29.81 ? 144 PHE A CG  1 
ATOM   1033 C  CD1 . PHE A 1 147 ? -2.056  5.767   1.184   1.00 28.19 ? 144 PHE A CD1 1 
ATOM   1034 C  CD2 . PHE A 1 147 ? -1.473  3.528   0.564   1.00 29.08 ? 144 PHE A CD2 1 
ATOM   1035 C  CE1 . PHE A 1 147 ? -0.976  6.261   0.461   1.00 28.52 ? 144 PHE A CE1 1 
ATOM   1036 C  CE2 . PHE A 1 147 ? -0.382  4.012   -0.160  1.00 29.66 ? 144 PHE A CE2 1 
ATOM   1037 C  CZ  . PHE A 1 147 ? -0.135  5.390   -0.206  1.00 29.65 ? 144 PHE A CZ  1 
ATOM   1038 N  N   . GLY A 1 148 ? -4.823  3.922   5.130   1.00 29.93 ? 145 GLY A N   1 
ATOM   1039 C  CA  . GLY A 1 148 ? -5.967  3.610   5.946   1.00 30.25 ? 145 GLY A CA  1 
ATOM   1040 C  C   . GLY A 1 148 ? -7.274  4.194   5.461   1.00 30.95 ? 145 GLY A C   1 
ATOM   1041 O  O   . GLY A 1 148 ? -7.433  4.571   4.305   1.00 31.24 ? 145 GLY A O   1 
ATOM   1042 N  N   . ASN A 1 149 ? -8.231  4.252   6.367   1.00 31.07 ? 146 ASN A N   1 
ATOM   1043 C  CA  . ASN A 1 149 ? -9.567  4.603   6.001   1.00 30.86 ? 146 ASN A CA  1 
ATOM   1044 C  C   . ASN A 1 149 ? -9.632  6.091   5.667   1.00 31.32 ? 146 ASN A C   1 
ATOM   1045 O  O   . ASN A 1 149 ? -8.957  6.890   6.326   1.00 30.73 ? 146 ASN A O   1 
ATOM   1046 C  CB  . ASN A 1 149 ? -10.484 4.279   7.166   1.00 30.02 ? 146 ASN A CB  1 
ATOM   1047 C  CG  . ASN A 1 149 ? -11.869 4.779   6.941   1.00 29.42 ? 146 ASN A CG  1 
ATOM   1048 O  OD1 . ASN A 1 149 ? -12.616 4.189   6.170   1.00 30.87 ? 146 ASN A OD1 1 
ATOM   1049 N  ND2 . ASN A 1 149 ? -12.226 5.883   7.586   1.00 27.41 ? 146 ASN A ND2 1 
ATOM   1050 N  N   . GLU A 1 150 ? -10.459 6.458   4.682   1.00 31.70 ? 147 GLU A N   1 
ATOM   1051 C  CA  . GLU A 1 150 ? -10.622 7.875   4.290   1.00 32.94 ? 147 GLU A CA  1 
ATOM   1052 C  C   . GLU A 1 150 ? -10.917 8.796   5.471   1.00 33.27 ? 147 GLU A C   1 
ATOM   1053 O  O   . GLU A 1 150 ? -10.384 9.879   5.562   1.00 33.11 ? 147 GLU A O   1 
ATOM   1054 C  CB  . GLU A 1 150 ? -11.722 8.060   3.225   1.00 33.16 ? 147 GLU A CB  1 
ATOM   1055 C  CG  . GLU A 1 150 ? -11.439 7.430   1.844   1.00 35.09 ? 147 GLU A CG  1 
ATOM   1056 C  CD  . GLU A 1 150 ? -11.971 6.010   1.673   1.00 37.91 ? 147 GLU A CD  1 
ATOM   1057 O  OE1 . GLU A 1 150 ? -12.058 5.245   2.668   1.00 41.55 ? 147 GLU A OE1 1 
ATOM   1058 O  OE2 . GLU A 1 150 ? -12.291 5.639   0.523   1.00 39.25 ? 147 GLU A OE2 1 
ATOM   1059 N  N   . THR A 1 151 ? -11.774 8.367   6.384   1.00 34.30 ? 148 THR A N   1 
ATOM   1060 C  CA  . THR A 1 151 ? -12.088 9.198   7.536   1.00 35.01 ? 148 THR A CA  1 
ATOM   1061 C  C   . THR A 1 151 ? -11.131 8.920   8.692   1.00 35.03 ? 148 THR A C   1 
ATOM   1062 O  O   . THR A 1 151 ? -10.628 9.830   9.344   1.00 34.58 ? 148 THR A O   1 
ATOM   1063 C  CB  . THR A 1 151 ? -13.560 9.007   7.976   1.00 35.62 ? 148 THR A CB  1 
ATOM   1064 O  OG1 . THR A 1 151 ? -14.420 9.499   6.941   1.00 36.51 ? 148 THR A OG1 1 
ATOM   1065 C  CG2 . THR A 1 151 ? -13.858 9.769   9.277   1.00 35.76 ? 148 THR A CG2 1 
ATOM   1066 N  N   . PHE A 1 152 ? -10.856 7.655   8.925   1.00 35.44 ? 149 PHE A N   1 
ATOM   1067 C  CA  . PHE A 1 152 ? -10.194 7.284   10.153  1.00 36.07 ? 149 PHE A CA  1 
ATOM   1068 C  C   . PHE A 1 152 ? -8.699  7.030   10.024  1.00 36.61 ? 149 PHE A C   1 
ATOM   1069 O  O   . PHE A 1 152 ? -8.008  6.998   11.021  1.00 37.33 ? 149 PHE A O   1 
ATOM   1070 C  CB  . PHE A 1 152 ? -10.935 6.115   10.808  1.00 35.46 ? 149 PHE A CB  1 
ATOM   1071 C  CG  . PHE A 1 152 ? -12.310 6.489   11.307  1.00 35.20 ? 149 PHE A CG  1 
ATOM   1072 C  CD1 . PHE A 1 152 ? -12.476 7.514   12.251  1.00 35.02 ? 149 PHE A CD1 1 
ATOM   1073 C  CD2 . PHE A 1 152 ? -13.442 5.839   10.835  1.00 34.73 ? 149 PHE A CD2 1 
ATOM   1074 C  CE1 . PHE A 1 152 ? -13.750 7.879   12.733  1.00 32.53 ? 149 PHE A CE1 1 
ATOM   1075 C  CE2 . PHE A 1 152 ? -14.710 6.204   11.307  1.00 35.11 ? 149 PHE A CE2 1 
ATOM   1076 C  CZ  . PHE A 1 152 ? -14.852 7.232   12.261  1.00 33.07 ? 149 PHE A CZ  1 
ATOM   1077 N  N   . GLY A 1 153 ? -8.198  6.871   8.804   1.00 37.13 ? 150 GLY A N   1 
ATOM   1078 C  CA  . GLY A 1 153 ? -6.812  6.476   8.611   1.00 37.23 ? 150 GLY A CA  1 
ATOM   1079 C  C   . GLY A 1 153 ? -6.590  5.121   9.257   1.00 37.74 ? 150 GLY A C   1 
ATOM   1080 O  O   . GLY A 1 153 ? -7.534  4.348   9.451   1.00 37.56 ? 150 GLY A O   1 
ATOM   1081 N  N   . LEU A 1 154 ? -5.339  4.839   9.598   1.00 38.13 ? 151 LEU A N   1 
ATOM   1082 C  CA  . LEU A 1 154 ? -4.950  3.554   10.170  1.00 37.88 ? 151 LEU A CA  1 
ATOM   1083 C  C   . LEU A 1 154 ? -5.187  3.551   11.679  1.00 38.58 ? 151 LEU A C   1 
ATOM   1084 O  O   . LEU A 1 154 ? -4.793  4.488   12.385  1.00 38.94 ? 151 LEU A O   1 
ATOM   1085 C  CB  . LEU A 1 154 ? -3.474  3.270   9.852   1.00 37.09 ? 151 LEU A CB  1 
ATOM   1086 C  CG  . LEU A 1 154 ? -3.117  3.129   8.374   1.00 35.29 ? 151 LEU A CG  1 
ATOM   1087 C  CD1 . LEU A 1 154 ? -1.637  3.186   8.140   1.00 32.06 ? 151 LEU A CD1 1 
ATOM   1088 C  CD2 . LEU A 1 154 ? -3.696  1.879   7.792   1.00 33.30 ? 151 LEU A CD2 1 
ATOM   1089 N  N   . SER A 1 155 ? -5.840  2.500   12.168  1.00 39.18 ? 152 SER A N   1 
ATOM   1090 C  CA  . SER A 1 155 ? -5.974  2.268   13.603  1.00 39.84 ? 152 SER A CA  1 
ATOM   1091 C  C   . SER A 1 155 ? -4.594  2.107   14.215  1.00 40.79 ? 152 SER A C   1 
ATOM   1092 O  O   . SER A 1 155 ? -3.607  1.886   13.511  1.00 41.42 ? 152 SER A O   1 
ATOM   1093 C  CB  . SER A 1 155 ? -6.771  0.998   13.856  1.00 39.63 ? 152 SER A CB  1 
ATOM   1094 O  OG  . SER A 1 155 ? -6.002  -0.138  13.519  1.00 38.69 ? 152 SER A OG  1 
ATOM   1095 N  N   . ILE A 1 156 ? -4.511  2.196   15.531  1.00 41.64 ? 153 ILE A N   1 
ATOM   1096 C  CA  . ILE A 1 156 ? -3.210  2.169   16.152  1.00 42.15 ? 153 ILE A CA  1 
ATOM   1097 C  C   . ILE A 1 156 ? -2.579  0.767   16.064  1.00 42.20 ? 153 ILE A C   1 
ATOM   1098 O  O   . ILE A 1 156 ? -1.354  0.655   16.030  1.00 42.50 ? 153 ILE A O   1 
ATOM   1099 C  CB  . ILE A 1 156 ? -3.234  2.833   17.569  1.00 42.38 ? 153 ILE A CB  1 
ATOM   1100 C  CG1 . ILE A 1 156 ? -2.164  3.950   17.661  1.00 43.87 ? 153 ILE A CG1 1 
ATOM   1101 C  CG2 . ILE A 1 156 ? -3.154  1.819   18.699  1.00 42.13 ? 153 ILE A CG2 1 
ATOM   1102 C  CD1 . ILE A 1 156 ? -0.682  3.541   17.309  1.00 43.27 ? 153 ILE A CD1 1 
ATOM   1103 N  N   . GLU A 1 157 ? -3.404  -0.280  15.963  1.00 42.33 ? 154 GLU A N   1 
ATOM   1104 C  CA  . GLU A 1 157 ? -2.898  -1.653  15.788  1.00 43.03 ? 154 GLU A CA  1 
ATOM   1105 C  C   . GLU A 1 157 ? -2.356  -1.836  14.384  1.00 42.36 ? 154 GLU A C   1 
ATOM   1106 O  O   . GLU A 1 157 ? -1.377  -2.559  14.183  1.00 42.72 ? 154 GLU A O   1 
ATOM   1107 C  CB  . GLU A 1 157 ? -3.952  -2.746  16.039  1.00 43.63 ? 154 GLU A CB  1 
ATOM   1108 C  CG  . GLU A 1 157 ? -4.573  -2.771  17.421  1.00 47.47 ? 154 GLU A CG  1 
ATOM   1109 C  CD  . GLU A 1 157 ? -5.551  -1.609  17.636  1.00 52.72 ? 154 GLU A CD  1 
ATOM   1110 O  OE1 . GLU A 1 157 ? -6.307  -1.257  16.686  1.00 54.73 ? 154 GLU A OE1 1 
ATOM   1111 O  OE2 . GLU A 1 157 ? -5.560  -1.039  18.758  1.00 56.07 ? 154 GLU A OE2 1 
ATOM   1112 N  N   . GLU A 1 158 ? -3.001  -1.187  13.416  1.00 41.36 ? 155 GLU A N   1 
ATOM   1113 C  CA  . GLU A 1 158 ? -2.509  -1.184  12.047  1.00 40.05 ? 155 GLU A CA  1 
ATOM   1114 C  C   . GLU A 1 158 ? -1.150  -0.532  11.973  1.00 38.67 ? 155 GLU A C   1 
ATOM   1115 O  O   . GLU A 1 158 ? -0.221  -1.106  11.418  1.00 38.09 ? 155 GLU A O   1 
ATOM   1116 C  CB  . GLU A 1 158 ? -3.482  -0.474  11.120  1.00 40.52 ? 155 GLU A CB  1 
ATOM   1117 C  CG  . GLU A 1 158 ? -4.716  -1.300  10.857  1.00 42.44 ? 155 GLU A CG  1 
ATOM   1118 C  CD  . GLU A 1 158 ? -5.788  -0.568  10.059  1.00 45.22 ? 155 GLU A CD  1 
ATOM   1119 O  OE1 . GLU A 1 158 ? -6.109  0.622   10.323  1.00 45.88 ? 155 GLU A OE1 1 
ATOM   1120 O  OE2 . GLU A 1 158 ? -6.341  -1.223  9.163   1.00 46.70 ? 155 GLU A OE2 1 
ATOM   1121 N  N   . VAL A 1 159 ? -1.037  0.663   12.544  1.00 37.66 ? 156 VAL A N   1 
ATOM   1122 C  CA  . VAL A 1 159 ? 0.219   1.384   12.548  1.00 37.14 ? 156 VAL A CA  1 
ATOM   1123 C  C   . VAL A 1 159 ? 1.310   0.542   13.181  1.00 37.88 ? 156 VAL A C   1 
ATOM   1124 O  O   . VAL A 1 159 ? 2.400   0.461   12.658  1.00 37.85 ? 156 VAL A O   1 
ATOM   1125 C  CB  . VAL A 1 159 ? 0.103   2.722   13.276  1.00 37.10 ? 156 VAL A CB  1 
ATOM   1126 C  CG1 . VAL A 1 159 ? 1.487   3.305   13.547  1.00 34.72 ? 156 VAL A CG1 1 
ATOM   1127 C  CG2 . VAL A 1 159 ? -0.717  3.673   12.455  1.00 35.45 ? 156 VAL A CG2 1 
ATOM   1128 N  N   . ARG A 1 160 ? 1.002   -0.113  14.299  1.00 38.97 ? 157 ARG A N   1 
ATOM   1129 C  CA  . ARG A 1 160 ? 1.990   -0.946  14.986  1.00 39.37 ? 157 ARG A CA  1 
ATOM   1130 C  C   . ARG A 1 160 ? 2.448   -2.166  14.189  1.00 38.61 ? 157 ARG A C   1 
ATOM   1131 O  O   . ARG A 1 160 ? 3.561   -2.648  14.399  1.00 39.22 ? 157 ARG A O   1 
ATOM   1132 C  CB  . ARG A 1 160 ? 1.501   -1.342  16.380  1.00 40.09 ? 157 ARG A CB  1 
ATOM   1133 C  CG  . ARG A 1 160 ? 1.627   -0.202  17.358  1.00 42.45 ? 157 ARG A CG  1 
ATOM   1134 C  CD  . ARG A 1 160 ? 1.088   -0.601  18.698  1.00 47.45 ? 157 ARG A CD  1 
ATOM   1135 N  NE  . ARG A 1 160 ? 0.858   0.559   19.555  1.00 50.94 ? 157 ARG A NE  1 
ATOM   1136 C  CZ  . ARG A 1 160 ? 0.042   0.556   20.609  1.00 51.83 ? 157 ARG A CZ  1 
ATOM   1137 N  NH1 . ARG A 1 160 ? -0.635  -0.551  20.932  1.00 51.26 ? 157 ARG A NH1 1 
ATOM   1138 N  NH2 . ARG A 1 160 ? -0.105  1.664   21.329  1.00 51.56 ? 157 ARG A NH2 1 
ATOM   1139 N  N   . ALA A 1 161 ? 1.608   -2.646  13.280  1.00 37.57 ? 158 ALA A N   1 
ATOM   1140 C  CA  . ALA A 1 161 ? 1.996   -3.719  12.357  1.00 37.36 ? 158 ALA A CA  1 
ATOM   1141 C  C   . ALA A 1 161 ? 3.031   -3.309  11.291  1.00 37.36 ? 158 ALA A C   1 
ATOM   1142 O  O   . ALA A 1 161 ? 3.614   -4.165  10.635  1.00 37.62 ? 158 ALA A O   1 
ATOM   1143 C  CB  . ALA A 1 161 ? 0.769   -4.321  11.705  1.00 36.81 ? 158 ALA A CB  1 
ATOM   1144 N  N   . CYS A 1 162 ? 3.261   -2.008  11.134  1.00 37.21 ? 159 CYS A N   1 
ATOM   1145 C  CA  . CYS A 1 162 ? 4.220   -1.480  10.164  1.00 37.73 ? 159 CYS A CA  1 
ATOM   1146 C  C   . CYS A 1 162 ? 5.490   -1.059  10.847  1.00 37.10 ? 159 CYS A C   1 
ATOM   1147 O  O   . CYS A 1 162 ? 5.450   -0.657  11.990  1.00 37.81 ? 159 CYS A O   1 
ATOM   1148 C  CB  . CYS A 1 162 ? 3.652   -0.226  9.520   1.00 37.88 ? 159 CYS A CB  1 
ATOM   1149 S  SG  . CYS A 1 162 ? 2.204   -0.535  8.583   1.00 41.00 ? 159 CYS A SG  1 
ATOM   1150 N  N   . ASN A 1 163 ? 6.608   -1.080  10.145  1.00 36.31 ? 160 ASN A N   1 
ATOM   1151 C  CA  . ASN A 1 163 ? 7.850   -0.685  10.787  1.00 36.19 ? 160 ASN A CA  1 
ATOM   1152 C  C   . ASN A 1 163 ? 8.432   0.633   10.286  1.00 36.27 ? 160 ASN A C   1 
ATOM   1153 O  O   . ASN A 1 163 ? 9.613   0.898   10.505  1.00 36.44 ? 160 ASN A O   1 
ATOM   1154 C  CB  . ASN A 1 163 ? 8.882   -1.802  10.675  1.00 35.65 ? 160 ASN A CB  1 
ATOM   1155 C  CG  . ASN A 1 163 ? 9.099   -2.241  9.244   1.00 36.15 ? 160 ASN A CG  1 
ATOM   1156 O  OD1 . ASN A 1 163 ? 8.729   -1.536  8.281   1.00 35.61 ? 160 ASN A OD1 1 
ATOM   1157 N  ND2 . ASN A 1 163 ? 9.685   -3.410  9.086   1.00 32.42 ? 160 ASN A ND2 1 
ATOM   1158 N  N   . ARG A 1 164 ? 7.609   1.446   9.610   1.00 36.31 ? 161 ARG A N   1 
ATOM   1159 C  CA  . ARG A 1 164 ? 7.981   2.817   9.224   1.00 35.75 ? 161 ARG A CA  1 
ATOM   1160 C  C   . ARG A 1 164 ? 6.775   3.722   9.290   1.00 35.78 ? 161 ARG A C   1 
ATOM   1161 O  O   . ARG A 1 164 ? 5.679   3.323   8.947   1.00 35.28 ? 161 ARG A O   1 
ATOM   1162 C  CB  . ARG A 1 164 ? 8.552   2.874   7.807   1.00 35.99 ? 161 ARG A CB  1 
ATOM   1163 C  CG  . ARG A 1 164 ? 9.828   2.071   7.579   1.00 35.48 ? 161 ARG A CG  1 
ATOM   1164 C  CD  . ARG A 1 164 ? 11.039  2.642   8.316   1.00 35.06 ? 161 ARG A CD  1 
ATOM   1165 N  NE  . ARG A 1 164 ? 12.246  1.909   7.925   1.00 35.90 ? 161 ARG A NE  1 
ATOM   1166 C  CZ  . ARG A 1 164 ? 12.550  0.671   8.324   1.00 34.23 ? 161 ARG A CZ  1 
ATOM   1167 N  NH1 . ARG A 1 164 ? 11.762  -0.001  9.159   1.00 32.70 ? 161 ARG A NH1 1 
ATOM   1168 N  NH2 . ARG A 1 164 ? 13.656  0.103   7.887   1.00 32.91 ? 161 ARG A NH2 1 
ATOM   1169 N  N   . LEU A 1 165 ? 6.995   4.948   9.740   1.00 36.19 ? 162 LEU A N   1 
ATOM   1170 C  CA  . LEU A 1 165 ? 5.964   5.982   9.764   1.00 36.48 ? 162 LEU A CA  1 
ATOM   1171 C  C   . LEU A 1 165 ? 6.212   6.957   8.623   1.00 36.56 ? 162 LEU A C   1 
ATOM   1172 O  O   . LEU A 1 165 ? 7.285   7.549   8.526   1.00 36.31 ? 162 LEU A O   1 
ATOM   1173 C  CB  . LEU A 1 165 ? 5.993   6.744   11.084  1.00 36.23 ? 162 LEU A CB  1 
ATOM   1174 C  CG  . LEU A 1 165 ? 5.910   5.901   12.357  1.00 38.10 ? 162 LEU A CG  1 
ATOM   1175 C  CD1 . LEU A 1 165 ? 5.956   6.814   13.593  1.00 38.66 ? 162 LEU A CD1 1 
ATOM   1176 C  CD2 . LEU A 1 165 ? 4.669   4.988   12.350  1.00 36.83 ? 162 LEU A CD2 1 
HETATM 1177 N  N   . MSE A 1 166 ? 5.219   7.120   7.760   1.00 36.44 ? 163 MSE A N   1 
HETATM 1178 C  CA  . MSE A 1 166 ? 5.353   8.001   6.630   1.00 36.73 ? 163 MSE A CA  1 
HETATM 1179 C  C   . MSE A 1 166 ? 4.363   9.154   6.718   1.00 37.13 ? 163 MSE A C   1 
HETATM 1180 O  O   . MSE A 1 166 ? 3.165   8.955   6.945   1.00 37.79 ? 163 MSE A O   1 
HETATM 1181 C  CB  . MSE A 1 166 ? 5.149   7.238   5.324   1.00 36.60 ? 163 MSE A CB  1 
HETATM 1182 C  CG  . MSE A 1 166 ? 5.457   8.076   4.088   1.00 37.24 ? 163 MSE A CG  1 
HETATM 1183 SE SE  . MSE A 1 166 ? 5.277   6.977   2.480   0.75 37.70 ? 163 MSE A SE  1 
HETATM 1184 C  CE  . MSE A 1 166 ? 7.106   6.467   2.197   1.00 40.91 ? 163 MSE A CE  1 
ATOM   1185 N  N   . THR A 1 167 ? 4.862   10.367  6.535   1.00 36.75 ? 164 THR A N   1 
ATOM   1186 C  CA  . THR A 1 167 ? 3.971   11.493  6.445   1.00 36.18 ? 164 THR A CA  1 
ATOM   1187 C  C   . THR A 1 167 ? 4.191   12.326  5.173   1.00 35.82 ? 164 THR A C   1 
ATOM   1188 O  O   . THR A 1 167 ? 5.283   12.336  4.599   1.00 35.60 ? 164 THR A O   1 
ATOM   1189 C  CB  . THR A 1 167 ? 4.055   12.349  7.689   1.00 35.98 ? 164 THR A CB  1 
ATOM   1190 O  OG1 . THR A 1 167 ? 2.861   13.129  7.772   1.00 38.69 ? 164 THR A OG1 1 
ATOM   1191 C  CG2 . THR A 1 167 ? 5.264   13.250  7.651   1.00 34.72 ? 164 THR A CG2 1 
ATOM   1192 N  N   . ILE A 1 168 ? 3.132   13.002  4.731   1.00 35.22 ? 165 ILE A N   1 
ATOM   1193 C  CA  . ILE A 1 168 ? 3.219   13.930  3.629   1.00 34.50 ? 165 ILE A CA  1 
ATOM   1194 C  C   . ILE A 1 168 ? 3.100   15.326  4.213   1.00 35.32 ? 165 ILE A C   1 
ATOM   1195 O  O   . ILE A 1 168 ? 2.058   15.680  4.757   1.00 35.54 ? 165 ILE A O   1 
ATOM   1196 C  CB  . ILE A 1 168 ? 2.103   13.666  2.590   1.00 34.35 ? 165 ILE A CB  1 
ATOM   1197 C  CG1 . ILE A 1 168 ? 2.295   12.277  1.963   1.00 33.64 ? 165 ILE A CG1 1 
ATOM   1198 C  CG2 . ILE A 1 168 ? 2.078   14.759  1.507   1.00 32.13 ? 165 ILE A CG2 1 
ATOM   1199 C  CD1 . ILE A 1 168 ? 1.150   11.810  1.082   1.00 31.91 ? 165 ILE A CD1 1 
ATOM   1200 N  N   . ASN A 1 169 ? 4.162   16.121  4.119   1.00 35.79 ? 166 ASN A N   1 
ATOM   1201 C  CA  . ASN A 1 169 ? 4.120   17.482  4.673   1.00 36.56 ? 166 ASN A CA  1 
ATOM   1202 C  C   . ASN A 1 169 ? 3.451   18.467  3.751   1.00 36.16 ? 166 ASN A C   1 
ATOM   1203 O  O   . ASN A 1 169 ? 3.363   18.248  2.537   1.00 36.72 ? 166 ASN A O   1 
ATOM   1204 C  CB  . ASN A 1 169 ? 5.525   17.998  4.985   1.00 37.04 ? 166 ASN A CB  1 
ATOM   1205 C  CG  . ASN A 1 169 ? 6.264   17.127  6.001   1.00 39.59 ? 166 ASN A CG  1 
ATOM   1206 O  OD1 . ASN A 1 169 ? 7.448   16.827  5.801   1.00 41.39 ? 166 ASN A OD1 1 
ATOM   1207 N  ND2 . ASN A 1 169 ? 5.569   16.708  7.093   1.00 37.99 ? 166 ASN A ND2 1 
ATOM   1208 N  N   . GLY A 1 170 ? 3.011   19.567  4.328   1.00 35.33 ? 167 GLY A N   1 
ATOM   1209 C  CA  . GLY A 1 170 ? 2.433   20.631  3.565   1.00 35.02 ? 167 GLY A CA  1 
ATOM   1210 C  C   . GLY A 1 170 ? 2.264   21.855  4.425   1.00 35.40 ? 167 GLY A C   1 
ATOM   1211 O  O   . GLY A 1 170 ? 3.013   22.088  5.374   1.00 35.83 ? 167 GLY A O   1 
ATOM   1212 N  N   . ASN A 1 171 ? 1.277   22.655  4.075   1.00 35.81 ? 168 ASN A N   1 
ATOM   1213 C  CA  . ASN A 1 171 ? 1.004   23.890  4.755   1.00 36.42 ? 168 ASN A CA  1 
ATOM   1214 C  C   . ASN A 1 171 ? 0.518   23.578  6.193   1.00 37.08 ? 168 ASN A C   1 
ATOM   1215 O  O   . ASN A 1 171 ? -0.482  22.855  6.389   1.00 37.02 ? 168 ASN A O   1 
ATOM   1216 C  CB  . ASN A 1 171 ? -0.017  24.657  3.919   1.00 36.03 ? 168 ASN A CB  1 
ATOM   1217 C  CG  . ASN A 1 171 ? -0.495  25.928  4.562   1.00 38.21 ? 168 ASN A CG  1 
ATOM   1218 O  OD1 . ASN A 1 171 ? 0.012   26.380  5.597   1.00 40.27 ? 168 ASN A OD1 1 
ATOM   1219 N  ND2 . ASN A 1 171 ? -1.501  26.532  3.940   1.00 40.05 ? 168 ASN A ND2 1 
ATOM   1220 N  N   . PRO A 1 172 ? 1.250   24.094  7.205   1.00 37.14 ? 169 PRO A N   1 
ATOM   1221 C  CA  . PRO A 1 172 ? 0.866   23.882  8.592   1.00 36.83 ? 169 PRO A CA  1 
ATOM   1222 C  C   . PRO A 1 172 ? -0.511  24.456  8.926   1.00 36.60 ? 169 PRO A C   1 
ATOM   1223 O  O   . PRO A 1 172 ? -1.167  23.915  9.807   1.00 36.94 ? 169 PRO A O   1 
ATOM   1224 C  CB  . PRO A 1 172 ? 1.971   24.595  9.375   1.00 36.85 ? 169 PRO A CB  1 
ATOM   1225 C  CG  . PRO A 1 172 ? 2.552   25.585  8.402   1.00 37.13 ? 169 PRO A CG  1 
ATOM   1226 C  CD  . PRO A 1 172 ? 2.510   24.858  7.103   1.00 37.43 ? 169 PRO A CD  1 
ATOM   1227 N  N   . ASP A 1 173 ? -0.963  25.503  8.222   1.00 36.06 ? 170 ASP A N   1 
ATOM   1228 C  CA  . ASP A 1 173 ? -2.256  26.179  8.543   1.00 35.23 ? 170 ASP A CA  1 
ATOM   1229 C  C   . ASP A 1 173 ? -3.481  25.613  7.824   1.00 34.21 ? 170 ASP A C   1 
ATOM   1230 O  O   . ASP A 1 173 ? -4.620  25.972  8.135   1.00 33.28 ? 170 ASP A O   1 
ATOM   1231 C  CB  . ASP A 1 173 ? -2.192  27.666  8.207   1.00 35.80 ? 170 ASP A CB  1 
ATOM   1232 C  CG  . ASP A 1 173 ? -1.086  28.402  8.944   1.00 38.62 ? 170 ASP A CG  1 
ATOM   1233 O  OD1 . ASP A 1 173 ? -0.489  27.859  9.893   1.00 42.13 ? 170 ASP A OD1 1 
ATOM   1234 O  OD2 . ASP A 1 173 ? -0.811  29.558  8.572   1.00 43.16 ? 170 ASP A OD2 1 
ATOM   1235 N  N   . TYR A 1 174 ? -3.234  24.766  6.832   1.00 33.52 ? 171 TYR A N   1 
ATOM   1236 C  CA  . TYR A 1 174 ? -4.292  24.171  6.021   1.00 33.08 ? 171 TYR A CA  1 
ATOM   1237 C  C   . TYR A 1 174 ? -3.720  23.006  5.260   1.00 32.53 ? 171 TYR A C   1 
ATOM   1238 O  O   . TYR A 1 174 ? -2.738  23.156  4.544   1.00 33.12 ? 171 TYR A O   1 
ATOM   1239 C  CB  . TYR A 1 174 ? -4.865  25.170  5.018   1.00 32.91 ? 171 TYR A CB  1 
ATOM   1240 C  CG  . TYR A 1 174 ? -5.912  24.558  4.123   1.00 34.20 ? 171 TYR A CG  1 
ATOM   1241 C  CD1 . TYR A 1 174 ? -7.262  24.664  4.440   1.00 34.03 ? 171 TYR A CD1 1 
ATOM   1242 C  CD2 . TYR A 1 174 ? -5.558  23.859  2.955   1.00 34.02 ? 171 TYR A CD2 1 
ATOM   1243 C  CE1 . TYR A 1 174 ? -8.242  24.096  3.625   1.00 33.76 ? 171 TYR A CE1 1 
ATOM   1244 C  CE2 . TYR A 1 174 ? -6.528  23.284  2.140   1.00 33.08 ? 171 TYR A CE2 1 
ATOM   1245 C  CZ  . TYR A 1 174 ? -7.870  23.408  2.481   1.00 34.08 ? 171 TYR A CZ  1 
ATOM   1246 O  OH  . TYR A 1 174 ? -8.858  22.853  1.687   1.00 35.44 ? 171 TYR A OH  1 
ATOM   1247 N  N   . PHE A 1 175 ? -4.332  21.845  5.404   1.00 31.57 ? 172 PHE A N   1 
ATOM   1248 C  CA  . PHE A 1 175 ? -3.830  20.675  4.747   1.00 31.22 ? 172 PHE A CA  1 
ATOM   1249 C  C   . PHE A 1 175 ? -5.022  19.823  4.394   1.00 31.87 ? 172 PHE A C   1 
ATOM   1250 O  O   . PHE A 1 175 ? -5.745  19.421  5.271   1.00 32.93 ? 172 PHE A O   1 
ATOM   1251 C  CB  . PHE A 1 175 ? -2.899  19.912  5.668   1.00 29.89 ? 172 PHE A CB  1 
ATOM   1252 C  CG  . PHE A 1 175 ? -2.210  18.765  5.001   1.00 28.72 ? 172 PHE A CG  1 
ATOM   1253 C  CD1 . PHE A 1 175 ? -1.000  18.959  4.327   1.00 27.89 ? 172 PHE A CD1 1 
ATOM   1254 C  CD2 . PHE A 1 175 ? -2.762  17.490  5.035   1.00 26.82 ? 172 PHE A CD2 1 
ATOM   1255 C  CE1 . PHE A 1 175 ? -0.357  17.898  3.692   1.00 27.30 ? 172 PHE A CE1 1 
ATOM   1256 C  CE2 . PHE A 1 175 ? -2.123  16.406  4.428   1.00 26.38 ? 172 PHE A CE2 1 
ATOM   1257 C  CZ  . PHE A 1 175 ? -0.926  16.606  3.739   1.00 26.44 ? 172 PHE A CZ  1 
ATOM   1258 N  N   . SER A 1 176 ? -5.243  19.542  3.119   1.00 31.97 ? 173 SER A N   1 
ATOM   1259 C  CA  . SER A 1 176 ? -6.415  18.786  2.754   1.00 32.19 ? 173 SER A CA  1 
ATOM   1260 C  C   . SER A 1 176 ? -6.125  17.905  1.567   1.00 31.99 ? 173 SER A C   1 
ATOM   1261 O  O   . SER A 1 176 ? -6.251  18.335  0.443   1.00 32.67 ? 173 SER A O   1 
ATOM   1262 C  CB  . SER A 1 176 ? -7.582  19.728  2.458   1.00 32.44 ? 173 SER A CB  1 
ATOM   1263 O  OG  . SER A 1 176 ? -8.744  18.986  2.163   1.00 33.65 ? 173 SER A OG  1 
ATOM   1264 N  N   . LEU A 1 177 ? -5.747  16.669  1.827   1.00 31.56 ? 174 LEU A N   1 
ATOM   1265 C  CA  . LEU A 1 177 ? -5.281  15.792  0.785   1.00 31.79 ? 174 LEU A CA  1 
ATOM   1266 C  C   . LEU A 1 177 ? -6.100  14.528  0.854   1.00 32.00 ? 174 LEU A C   1 
ATOM   1267 O  O   . LEU A 1 177 ? -5.995  13.783  1.827   1.00 32.97 ? 174 LEU A O   1 
ATOM   1268 C  CB  . LEU A 1 177 ? -3.802  15.451  1.033   1.00 31.65 ? 174 LEU A CB  1 
ATOM   1269 C  CG  . LEU A 1 177 ? -3.024  14.830  -0.135  1.00 31.72 ? 174 LEU A CG  1 
ATOM   1270 C  CD1 . LEU A 1 177 ? -2.503  15.945  -0.955  1.00 30.45 ? 174 LEU A CD1 1 
ATOM   1271 C  CD2 . LEU A 1 177 ? -1.857  13.993  0.355   1.00 30.53 ? 174 LEU A CD2 1 
ATOM   1272 N  N   . ASN A 1 178 ? -6.918  14.249  -0.141  1.00 31.60 ? 175 ASN A N   1 
ATOM   1273 C  CA  . ASN A 1 178 ? -7.720  13.044  -0.023  1.00 31.37 ? 175 ASN A CA  1 
ATOM   1274 C  C   . ASN A 1 178 ? -6.920  11.756  -0.263  1.00 31.22 ? 175 ASN A C   1 
ATOM   1275 O  O   . ASN A 1 178 ? -5.721  11.794  -0.569  1.00 31.70 ? 175 ASN A O   1 
ATOM   1276 C  CB  . ASN A 1 178 ? -9.017  13.130  -0.855  1.00 32.04 ? 175 ASN A CB  1 
ATOM   1277 C  CG  . ASN A 1 178 ? -8.776  13.099  -2.365  1.00 30.73 ? 175 ASN A CG  1 
ATOM   1278 O  OD1 . ASN A 1 178 ? -7.868  12.423  -2.876  1.00 29.11 ? 175 ASN A OD1 1 
ATOM   1279 N  ND2 . ASN A 1 178 ? -9.621  13.811  -3.081  1.00 27.75 ? 175 ASN A ND2 1 
ATOM   1280 N  N   . LEU A 1 179 ? -7.573  10.614  -0.106  1.00 30.54 ? 176 LEU A N   1 
ATOM   1281 C  CA  . LEU A 1 179 ? -6.859  9.357   -0.210  1.00 30.21 ? 176 LEU A CA  1 
ATOM   1282 C  C   . LEU A 1 179 ? -6.338  9.105   -1.634  1.00 30.02 ? 176 LEU A C   1 
ATOM   1283 O  O   . LEU A 1 179 ? -5.214  8.627   -1.785  1.00 31.14 ? 176 LEU A O   1 
ATOM   1284 C  CB  . LEU A 1 179 ? -7.693  8.190   0.333   1.00 29.59 ? 176 LEU A CB  1 
ATOM   1285 C  CG  . LEU A 1 179 ? -7.216  6.786   -0.031  1.00 30.76 ? 176 LEU A CG  1 
ATOM   1286 C  CD1 . LEU A 1 179 ? -5.915  6.474   0.693   1.00 32.22 ? 176 LEU A CD1 1 
ATOM   1287 C  CD2 . LEU A 1 179 ? -8.253  5.720   0.256   1.00 29.58 ? 176 LEU A CD2 1 
ATOM   1288 N  N   . ALA A 1 180 ? -7.128  9.413   -2.667  1.00 29.29 ? 177 ALA A N   1 
ATOM   1289 C  CA  . ALA A 1 180 ? -6.651  9.276   -4.053  1.00 28.28 ? 177 ALA A CA  1 
ATOM   1290 C  C   . ALA A 1 180 ? -5.443  10.185  -4.313  1.00 28.68 ? 177 ALA A C   1 
ATOM   1291 O  O   . ALA A 1 180 ? -4.496  9.771   -4.976  1.00 28.46 ? 177 ALA A O   1 
ATOM   1292 C  CB  . ALA A 1 180 ? -7.763  9.570   -5.038  1.00 27.50 ? 177 ALA A CB  1 
ATOM   1293 N  N   . GLN A 1 181 ? -5.454  11.406  -3.780  1.00 29.11 ? 178 GLN A N   1 
ATOM   1294 C  CA  . GLN A 1 181 ? -4.344  12.314  -4.003  1.00 30.89 ? 178 GLN A CA  1 
ATOM   1295 C  C   . GLN A 1 181 ? -3.105  11.800  -3.252  1.00 31.24 ? 178 GLN A C   1 
ATOM   1296 O  O   . GLN A 1 181 ? -1.975  11.885  -3.767  1.00 31.60 ? 178 GLN A O   1 
ATOM   1297 C  CB  . GLN A 1 181 ? -4.689  13.750  -3.597  1.00 31.53 ? 178 GLN A CB  1 
ATOM   1298 C  CG  . GLN A 1 181 ? -5.817  14.420  -4.389  1.00 35.81 ? 178 GLN A CG  1 
ATOM   1299 C  CD  . GLN A 1 181 ? -6.293  15.763  -3.728  1.00 45.90 ? 178 GLN A CD  1 
ATOM   1300 O  OE1 . GLN A 1 181 ? -6.724  15.805  -2.544  1.00 46.97 ? 178 GLN A OE1 1 
ATOM   1301 N  NE2 . GLN A 1 181 ? -6.214  16.872  -4.511  1.00 49.40 ? 178 GLN A NE2 1 
ATOM   1302 N  N   . ALA A 1 182 ? -3.322  11.242  -2.055  1.00 30.57 ? 179 ALA A N   1 
ATOM   1303 C  CA  . ALA A 1 182 ? -2.241  10.664  -1.264  1.00 29.74 ? 179 ALA A CA  1 
ATOM   1304 C  C   . ALA A 1 182 ? -1.629  9.472   -1.949  1.00 29.67 ? 179 ALA A C   1 
ATOM   1305 O  O   . ALA A 1 182 ? -0.408  9.338   -1.971  1.00 30.65 ? 179 ALA A O   1 
ATOM   1306 C  CB  . ALA A 1 182 ? -2.721  10.267  0.130   1.00 29.54 ? 179 ALA A CB  1 
ATOM   1307 N  N   . VAL A 1 183 ? -2.443  8.588   -2.507  1.00 29.19 ? 180 VAL A N   1 
ATOM   1308 C  CA  . VAL A 1 183 ? -1.868  7.443   -3.217  1.00 29.30 ? 180 VAL A CA  1 
ATOM   1309 C  C   . VAL A 1 183 ? -1.065  7.971   -4.405  1.00 29.95 ? 180 VAL A C   1 
ATOM   1310 O  O   . VAL A 1 183 ? 0.047   7.536   -4.650  1.00 29.77 ? 180 VAL A O   1 
ATOM   1311 C  CB  . VAL A 1 183 ? -2.954  6.471   -3.700  1.00 29.00 ? 180 VAL A CB  1 
ATOM   1312 C  CG1 . VAL A 1 183 ? -2.359  5.393   -4.579  1.00 27.41 ? 180 VAL A CG1 1 
ATOM   1313 C  CG2 . VAL A 1 183 ? -3.636  5.845   -2.528  1.00 28.90 ? 180 VAL A CG2 1 
ATOM   1314 N  N   . GLN A 1 184 ? -1.641  8.947   -5.109  1.00 30.85 ? 181 GLN A N   1 
ATOM   1315 C  CA  . GLN A 1 184 ? -0.999  9.595   -6.249  1.00 31.45 ? 181 GLN A CA  1 
ATOM   1316 C  C   . GLN A 1 184 ? 0.345   10.197  -5.883  1.00 30.93 ? 181 GLN A C   1 
ATOM   1317 O  O   . GLN A 1 184 ? 1.332   10.005  -6.590  1.00 31.20 ? 181 GLN A O   1 
ATOM   1318 C  CB  . GLN A 1 184 ? -1.892  10.711  -6.830  1.00 32.08 ? 181 GLN A CB  1 
ATOM   1319 C  CG  . GLN A 1 184 ? -1.307  11.396  -8.055  1.00 35.09 ? 181 GLN A CG  1 
ATOM   1320 C  CD  . GLN A 1 184 ? -1.099  10.404  -9.203  1.00 42.55 ? 181 GLN A CD  1 
ATOM   1321 O  OE1 . GLN A 1 184 ? -0.088  9.687   -9.278  1.00 46.30 ? 181 GLN A OE1 1 
ATOM   1322 N  NE2 . GLN A 1 184 ? -2.073  10.345  -10.099 1.00 45.23 ? 181 GLN A NE2 1 
ATOM   1323 N  N   . VAL A 1 185 ? 0.379   10.953  -4.797  1.00 30.10 ? 182 VAL A N   1 
ATOM   1324 C  CA  . VAL A 1 185 ? 1.625   11.566  -4.385  1.00 30.06 ? 182 VAL A CA  1 
ATOM   1325 C  C   . VAL A 1 185 ? 2.704   10.517  -4.099  1.00 30.31 ? 182 VAL A C   1 
ATOM   1326 O  O   . VAL A 1 185 ? 3.843   10.672  -4.531  1.00 30.26 ? 182 VAL A O   1 
ATOM   1327 C  CB  . VAL A 1 185 ? 1.421   12.483  -3.180  1.00 29.95 ? 182 VAL A CB  1 
ATOM   1328 C  CG1 . VAL A 1 185 ? 2.742   12.784  -2.507  1.00 28.16 ? 182 VAL A CG1 1 
ATOM   1329 C  CG2 . VAL A 1 185 ? 0.716   13.730  -3.626  1.00 28.91 ? 182 VAL A CG2 1 
ATOM   1330 N  N   . VAL A 1 186 ? 2.335   9.450   -3.389  1.00 30.26 ? 183 VAL A N   1 
ATOM   1331 C  CA  . VAL A 1 186 ? 3.288   8.394   -3.017  1.00 29.99 ? 183 VAL A CA  1 
ATOM   1332 C  C   . VAL A 1 186 ? 3.803   7.593   -4.218  1.00 29.86 ? 183 VAL A C   1 
ATOM   1333 O  O   . VAL A 1 186 ? 4.988   7.273   -4.296  1.00 29.49 ? 183 VAL A O   1 
ATOM   1334 C  CB  . VAL A 1 186 ? 2.671   7.452   -1.946  1.00 30.02 ? 183 VAL A CB  1 
ATOM   1335 C  CG1 . VAL A 1 186 ? 3.480   6.205   -1.794  1.00 30.38 ? 183 VAL A CG1 1 
ATOM   1336 C  CG2 . VAL A 1 186 ? 2.573   8.179   -0.611  1.00 29.37 ? 183 VAL A CG2 1 
ATOM   1337 N  N   . CYS A 1 187 ? 2.925   7.263   -5.154  1.00 29.80 ? 184 CYS A N   1 
ATOM   1338 C  CA  . CYS A 1 187 ? 3.364   6.570   -6.369  1.00 30.90 ? 184 CYS A CA  1 
ATOM   1339 C  C   . CYS A 1 187 ? 4.277   7.415   -7.239  1.00 30.34 ? 184 CYS A C   1 
ATOM   1340 O  O   . CYS A 1 187 ? 5.202   6.902   -7.850  1.00 30.31 ? 184 CYS A O   1 
ATOM   1341 C  CB  . CYS A 1 187 ? 2.164   6.243   -7.208  1.00 31.58 ? 184 CYS A CB  1 
ATOM   1342 S  SG  . CYS A 1 187 ? 1.252   4.943   -6.457  1.00 38.53 ? 184 CYS A SG  1 
ATOM   1343 N  N   . TYR A 1 188 ? 3.963   8.708   -7.325  1.00 29.09 ? 185 TYR A N   1 
ATOM   1344 C  CA  . TYR A 1 188 ? 4.808   9.653   -7.985  1.00 28.14 ? 185 TYR A CA  1 
ATOM   1345 C  C   . TYR A 1 188 ? 6.204   9.680   -7.355  1.00 28.22 ? 185 TYR A C   1 
ATOM   1346 O  O   . TYR A 1 188 ? 7.217   9.630   -8.075  1.00 28.09 ? 185 TYR A O   1 
ATOM   1347 C  CB  . TYR A 1 188 ? 4.173   11.049  -7.994  1.00 27.72 ? 185 TYR A CB  1 
ATOM   1348 C  CG  . TYR A 1 188 ? 5.169   12.123  -8.299  1.00 26.82 ? 185 TYR A CG  1 
ATOM   1349 C  CD1 . TYR A 1 188 ? 5.617   12.338  -9.605  1.00 27.26 ? 185 TYR A CD1 1 
ATOM   1350 C  CD2 . TYR A 1 188 ? 5.719   12.899  -7.276  1.00 26.81 ? 185 TYR A CD2 1 
ATOM   1351 C  CE1 . TYR A 1 188 ? 6.566   13.322  -9.889  1.00 26.21 ? 185 TYR A CE1 1 
ATOM   1352 C  CE2 . TYR A 1 188 ? 6.679   13.875  -7.548  1.00 26.57 ? 185 TYR A CE2 1 
ATOM   1353 C  CZ  . TYR A 1 188 ? 7.093   14.079  -8.857  1.00 27.04 ? 185 TYR A CZ  1 
ATOM   1354 O  OH  . TYR A 1 188 ? 8.028   15.051  -9.123  1.00 28.92 ? 185 TYR A OH  1 
ATOM   1355 N  N   . GLU A 1 189 ? 6.273   9.775   -6.029  1.00 28.12 ? 186 GLU A N   1 
ATOM   1356 C  CA  . GLU A 1 189 ? 7.573   9.825   -5.381  1.00 28.70 ? 186 GLU A CA  1 
ATOM   1357 C  C   . GLU A 1 189 ? 8.392   8.598   -5.730  1.00 28.89 ? 186 GLU A C   1 
ATOM   1358 O  O   . GLU A 1 189 ? 9.561   8.724   -6.103  1.00 28.53 ? 186 GLU A O   1 
ATOM   1359 C  CB  . GLU A 1 189 ? 7.468   9.919   -3.876  1.00 28.68 ? 186 GLU A CB  1 
ATOM   1360 C  CG  . GLU A 1 189 ? 8.821   10.123  -3.233  1.00 29.68 ? 186 GLU A CG  1 
ATOM   1361 C  CD  . GLU A 1 189 ? 9.444   11.459  -3.624  1.00 31.38 ? 186 GLU A CD  1 
ATOM   1362 O  OE1 . GLU A 1 189 ? 8.683   12.455  -3.625  1.00 31.22 ? 186 GLU A OE1 1 
ATOM   1363 O  OE2 . GLU A 1 189 ? 10.671  11.521  -3.919  1.00 30.34 ? 186 GLU A OE2 1 
ATOM   1364 N  N   . ILE A 1 190 ? 7.760   7.424   -5.612  1.00 29.46 ? 187 ILE A N   1 
ATOM   1365 C  CA  . ILE A 1 190 ? 8.419   6.153   -5.905  1.00 29.83 ? 187 ILE A CA  1 
ATOM   1366 C  C   . ILE A 1 190 ? 9.007   6.206   -7.295  1.00 30.42 ? 187 ILE A C   1 
ATOM   1367 O  O   . ILE A 1 190 ? 10.212  6.007   -7.474  1.00 31.21 ? 187 ILE A O   1 
ATOM   1368 C  CB  . ILE A 1 190 ? 7.460   4.934   -5.776  1.00 29.65 ? 187 ILE A CB  1 
ATOM   1369 C  CG1 . ILE A 1 190 ? 7.075   4.719   -4.307  1.00 28.66 ? 187 ILE A CG1 1 
ATOM   1370 C  CG2 . ILE A 1 190 ? 8.116   3.666   -6.323  1.00 28.46 ? 187 ILE A CG2 1 
ATOM   1371 C  CD1 . ILE A 1 190 ? 5.878   3.792   -4.126  1.00 28.85 ? 187 ILE A CD1 1 
ATOM   1372 N  N   . PHE A 1 191 ? 8.171   6.512   -8.279  1.00 30.69 ? 188 PHE A N   1 
ATOM   1373 C  CA  . PHE A 1 191 ? 8.647   6.532   -9.647  1.00 30.99 ? 188 PHE A CA  1 
ATOM   1374 C  C   . PHE A 1 191 ? 9.684   7.594   -9.858  1.00 30.79 ? 188 PHE A C   1 
ATOM   1375 O  O   . PHE A 1 191 ? 10.632  7.379   -10.606 1.00 30.95 ? 188 PHE A O   1 
ATOM   1376 C  CB  . PHE A 1 191 ? 7.524   6.708   -10.671 1.00 31.65 ? 188 PHE A CB  1 
ATOM   1377 C  CG  . PHE A 1 191 ? 7.989   6.477   -12.077 1.00 32.69 ? 188 PHE A CG  1 
ATOM   1378 C  CD1 . PHE A 1 191 ? 7.992   5.185   -12.620 1.00 33.35 ? 188 PHE A CD1 1 
ATOM   1379 C  CD2 . PHE A 1 191 ? 8.506   7.545   -12.846 1.00 33.21 ? 188 PHE A CD2 1 
ATOM   1380 C  CE1 . PHE A 1 191 ? 8.482   4.966   -13.945 1.00 31.91 ? 188 PHE A CE1 1 
ATOM   1381 C  CE2 . PHE A 1 191 ? 9.012   7.337   -14.143 1.00 31.05 ? 188 PHE A CE2 1 
ATOM   1382 C  CZ  . PHE A 1 191 ? 8.994   6.043   -14.694 1.00 29.28 ? 188 PHE A CZ  1 
ATOM   1383 N  N   . SER A 1 192 ? 9.517   8.730   -9.192  1.00 30.40 ? 189 SER A N   1 
ATOM   1384 C  CA  . SER A 1 192 ? 10.407  9.844   -9.408  1.00 30.82 ? 189 SER A CA  1 
ATOM   1385 C  C   . SER A 1 192 ? 11.837  9.487   -9.011  1.00 31.39 ? 189 SER A C   1 
ATOM   1386 O  O   . SER A 1 192 ? 12.770  10.233  -9.279  1.00 30.90 ? 189 SER A O   1 
ATOM   1387 C  CB  . SER A 1 192 ? 9.941   11.059  -8.623  1.00 30.74 ? 189 SER A CB  1 
ATOM   1388 O  OG  . SER A 1 192 ? 10.419  10.996  -7.294  1.00 32.46 ? 189 SER A OG  1 
ATOM   1389 N  N   . GLN A 1 193 ? 12.017  8.346   -8.363  1.00 31.63 ? 190 GLN A N   1 
ATOM   1390 C  CA  . GLN A 1 193 ? 13.338  8.018   -7.889  1.00 32.41 ? 190 GLN A CA  1 
ATOM   1391 C  C   . GLN A 1 193 ? 13.950  6.833   -8.627  1.00 32.82 ? 190 GLN A C   1 
ATOM   1392 O  O   . GLN A 1 193 ? 15.018  6.386   -8.262  1.00 32.82 ? 190 GLN A O   1 
ATOM   1393 C  CB  . GLN A 1 193 ? 13.343  7.851   -6.362  1.00 31.82 ? 190 GLN A CB  1 
ATOM   1394 C  CG  . GLN A 1 193 ? 13.184  9.205   -5.626  1.00 34.17 ? 190 GLN A CG  1 
ATOM   1395 C  CD  . GLN A 1 193 ? 13.441  9.137   -4.114  1.00 37.31 ? 190 GLN A CD  1 
ATOM   1396 O  OE1 . GLN A 1 193 ? 14.223  8.315   -3.642  1.00 40.37 ? 190 GLN A OE1 1 
ATOM   1397 N  NE2 . GLN A 1 193 ? 12.780  10.003  -3.353  1.00 36.74 ? 190 GLN A NE2 1 
ATOM   1398 N  N   . THR A 1 194 ? 13.299  6.346   -9.681  1.00 33.57 ? 191 THR A N   1 
ATOM   1399 C  CA  . THR A 1 194 ? 13.773  5.143   -10.359 1.00 35.04 ? 191 THR A CA  1 
ATOM   1400 C  C   . THR A 1 194 ? 15.018  5.378   -11.229 1.00 36.94 ? 191 THR A C   1 
ATOM   1401 O  O   . THR A 1 194 ? 15.627  4.424   -11.728 1.00 37.00 ? 191 THR A O   1 
ATOM   1402 C  CB  . THR A 1 194 ? 12.660  4.388   -11.145 1.00 34.66 ? 191 THR A CB  1 
ATOM   1403 O  OG1 . THR A 1 194 ? 12.024  5.272   -12.075 1.00 35.47 ? 191 THR A OG1 1 
ATOM   1404 C  CG2 . THR A 1 194 ? 11.599  3.824   -10.201 1.00 34.01 ? 191 THR A CG2 1 
ATOM   1405 N  N   . ASP A 1 195 ? 15.421  6.636   -11.376 1.00 39.03 ? 192 ASP A N   1 
ATOM   1406 C  CA  . ASP A 1 195 ? 16.704  6.966   -11.999 1.00 42.15 ? 192 ASP A CA  1 
ATOM   1407 C  C   . ASP A 1 195 ? 17.921  6.800   -11.046 1.00 43.19 ? 192 ASP A C   1 
ATOM   1408 O  O   . ASP A 1 195 ? 19.038  7.172   -11.403 1.00 43.97 ? 192 ASP A O   1 
ATOM   1409 C  CB  . ASP A 1 195 ? 16.665  8.400   -12.530 1.00 42.67 ? 192 ASP A CB  1 
ATOM   1410 C  CG  . ASP A 1 195 ? 16.608  9.440   -11.393 1.00 46.38 ? 192 ASP A CG  1 
ATOM   1411 O  OD1 . ASP A 1 195 ? 15.944  9.191   -10.340 1.00 47.12 ? 192 ASP A OD1 1 
ATOM   1412 O  OD2 . ASP A 1 195 ? 17.249  10.505  -11.550 1.00 50.62 ? 192 ASP A OD2 1 
ATOM   1413 N  N   . SER A 1 196 ? 17.718  6.257   -9.850  1.00 44.48 ? 193 SER A N   1 
ATOM   1414 C  CA  . SER A 1 196 ? 18.823  6.078   -8.902  1.00 46.42 ? 193 SER A CA  1 
ATOM   1415 C  C   . SER A 1 196 ? 19.685  4.878   -9.262  1.00 47.91 ? 193 SER A C   1 
ATOM   1416 O  O   . SER A 1 196 ? 19.151  3.816   -9.589  1.00 48.16 ? 193 SER A O   1 
ATOM   1417 C  CB  . SER A 1 196 ? 18.308  5.869   -7.481  1.00 46.44 ? 193 SER A CB  1 
ATOM   1418 O  OG  . SER A 1 196 ? 17.458  6.918   -7.087  1.00 45.93 ? 193 SER A OG  1 
ATOM   1419 N  N   . PRO A 1 197 ? 21.020  5.034   -9.195  1.00 49.37 ? 194 PRO A N   1 
ATOM   1420 C  CA  . PRO A 1 197 ? 21.867  3.857   -9.430  1.00 50.46 ? 194 PRO A CA  1 
ATOM   1421 C  C   . PRO A 1 197 ? 21.770  2.840   -8.272  1.00 51.89 ? 194 PRO A C   1 
ATOM   1422 O  O   . PRO A 1 197 ? 21.629  3.233   -7.109  1.00 52.00 ? 194 PRO A O   1 
ATOM   1423 C  CB  . PRO A 1 197 ? 23.270  4.452   -9.584  1.00 50.27 ? 194 PRO A CB  1 
ATOM   1424 C  CG  . PRO A 1 197 ? 23.215  5.799   -8.917  1.00 49.94 ? 194 PRO A CG  1 
ATOM   1425 C  CD  . PRO A 1 197 ? 21.794  6.268   -8.944  1.00 49.27 ? 194 PRO A CD  1 
HETATM 1426 N  N   . MSE A 1 198 ? 21.805  1.549   -8.609  1.00 53.81 ? 195 MSE A N   1 
HETATM 1427 C  CA  . MSE A 1 198 ? 21.629  0.449   -7.645  1.00 55.75 ? 195 MSE A CA  1 
HETATM 1428 C  C   . MSE A 1 198 ? 22.786  -0.571  -7.688  1.00 57.36 ? 195 MSE A C   1 
HETATM 1429 O  O   . MSE A 1 198 ? 23.121  -1.111  -8.752  1.00 57.65 ? 195 MSE A O   1 
HETATM 1430 C  CB  . MSE A 1 198 ? 20.312  -0.292  -7.914  1.00 55.43 ? 195 MSE A CB  1 
HETATM 1431 C  CG  . MSE A 1 198 ? 19.044  0.565   -7.911  1.00 55.55 ? 195 MSE A CG  1 
HETATM 1432 SE SE  . MSE A 1 198 ? 18.177  0.731   -6.166  0.75 53.41 ? 195 MSE A SE  1 
HETATM 1433 C  CE  . MSE A 1 198 ? 19.287  2.143   -5.422  1.00 54.40 ? 195 MSE A CE  1 
ATOM   1434 N  N   . THR A 1 199 ? 23.385  -0.845  -6.529  1.00 59.26 ? 196 THR A N   1 
ATOM   1435 C  CA  . THR A 1 199 ? 24.455  -1.851  -6.420  1.00 60.65 ? 196 THR A CA  1 
ATOM   1436 C  C   . THR A 1 199 ? 23.860  -3.261  -6.379  1.00 61.67 ? 196 THR A C   1 
ATOM   1437 O  O   . THR A 1 199 ? 22.937  -3.524  -5.607  1.00 61.75 ? 196 THR A O   1 
ATOM   1438 C  CB  . THR A 1 199 ? 25.313  -1.588  -5.181  1.00 60.33 ? 196 THR A CB  1 
ATOM   1439 N  N   . HIS A 1 200 ? 24.377  -4.153  -7.225  1.00 63.10 ? 197 HIS A N   1 
ATOM   1440 C  CA  . HIS A 1 200 ? 23.978  -5.570  -7.233  1.00 64.27 ? 197 HIS A CA  1 
ATOM   1441 C  C   . HIS A 1 200 ? 25.000  -6.437  -6.452  1.00 65.21 ? 197 HIS A C   1 
ATOM   1442 O  O   . HIS A 1 200 ? 26.068  -6.778  -6.972  1.00 65.17 ? 197 HIS A O   1 
ATOM   1443 C  CB  . HIS A 1 200 ? 23.789  -6.068  -8.676  1.00 63.78 ? 197 HIS A CB  1 
ATOM   1444 N  N   . LEU A 1 201 ? 24.659  -6.769  -5.200  1.00 66.51 ? 198 LEU A N   1 
ATOM   1445 C  CA  . LEU A 1 201 ? 25.568  -7.435  -4.228  1.00 67.59 ? 198 LEU A CA  1 
ATOM   1446 C  C   . LEU A 1 201 ? 25.051  -8.828  -3.778  1.00 68.26 ? 198 LEU A C   1 
ATOM   1447 O  O   . LEU A 1 201 ? 24.520  -9.576  -4.606  1.00 68.38 ? 198 LEU A O   1 
ATOM   1448 C  CB  . LEU A 1 201 ? 25.798  -6.518  -3.002  1.00 67.73 ? 198 LEU A CB  1 
ATOM   1449 C  CG  . LEU A 1 201 ? 26.844  -5.387  -2.884  1.00 67.97 ? 198 LEU A CG  1 
ATOM   1450 C  CD1 . LEU A 1 201 ? 26.969  -4.489  -4.130  1.00 67.98 ? 198 LEU A CD1 1 
ATOM   1451 C  CD2 . LEU A 1 201 ? 26.558  -4.538  -1.630  1.00 67.07 ? 198 LEU A CD2 1 
ATOM   1452 N  N   . GLN A 1 202 ? 25.200  -9.164  -2.484  1.00 69.13 ? 199 GLN A N   1 
ATOM   1453 C  CA  . GLN A 1 202 ? 24.750  -10.471 -1.909  1.00 69.89 ? 199 GLN A CA  1 
ATOM   1454 C  C   . GLN A 1 202 ? 24.121  -10.443 -0.482  1.00 70.14 ? 199 GLN A C   1 
ATOM   1455 O  O   . GLN A 1 202 ? 24.840  -10.571 0.516   1.00 70.34 ? 199 GLN A O   1 
ATOM   1456 C  CB  . GLN A 1 202 ? 25.899  -11.490 -1.927  1.00 69.86 ? 199 GLN A CB  1 
ATOM   1457 C  CG  . GLN A 1 202 ? 26.400  -11.829 -3.313  1.00 70.95 ? 199 GLN A CG  1 
ATOM   1458 C  CD  . GLN A 1 202 ? 26.393  -13.319 -3.585  1.00 72.50 ? 199 GLN A CD  1 
ATOM   1459 O  OE1 . GLN A 1 202 ? 27.175  -14.072 -3.001  1.00 73.03 ? 199 GLN A OE1 1 
ATOM   1460 N  NE2 . GLN A 1 202 ? 25.508  -13.754 -4.483  1.00 73.03 ? 199 GLN A NE2 1 
ATOM   1461 N  N   . GLN A 1 203 ? 22.790  -10.314 -0.395  1.00 70.45 ? 200 GLN A N   1 
ATOM   1462 C  CA  . GLN A 1 203 ? 22.065  -10.269 0.900   1.00 70.60 ? 200 GLN A CA  1 
ATOM   1463 C  C   . GLN A 1 203 ? 21.840  -11.661 1.501   1.00 70.67 ? 200 GLN A C   1 
ATOM   1464 O  O   . GLN A 1 203 ? 22.667  -12.565 1.341   1.00 70.81 ? 200 GLN A O   1 
ATOM   1465 C  CB  . GLN A 1 203 ? 20.714  -9.505  0.774   1.00 70.29 ? 200 GLN A CB  1 
ATOM   1466 N  N   . HIS A 1 206 ? 20.186  -11.353 4.256   1.00 55.80 ? 203 HIS A N   1 
ATOM   1467 C  CA  . HIS A 1 206 ? 18.747  -11.568 4.388   1.00 55.88 ? 203 HIS A CA  1 
ATOM   1468 C  C   . HIS A 1 206 ? 18.121  -10.953 5.629   1.00 54.92 ? 203 HIS A C   1 
ATOM   1469 O  O   . HIS A 1 206 ? 18.460  -11.306 6.769   1.00 55.05 ? 203 HIS A O   1 
ATOM   1470 C  CB  . HIS A 1 206 ? 18.385  -13.052 4.318   1.00 56.56 ? 203 HIS A CB  1 
ATOM   1471 C  CG  . HIS A 1 206 ? 18.543  -13.633 2.951   1.00 59.83 ? 203 HIS A CG  1 
ATOM   1472 N  ND1 . HIS A 1 206 ? 18.439  -12.871 1.802   1.00 62.36 ? 203 HIS A ND1 1 
ATOM   1473 C  CD2 . HIS A 1 206 ? 18.801  -14.899 2.541   1.00 62.53 ? 203 HIS A CD2 1 
ATOM   1474 C  CE1 . HIS A 1 206 ? 18.629  -13.641 0.744   1.00 62.97 ? 203 HIS A CE1 1 
ATOM   1475 N  NE2 . HIS A 1 206 ? 18.853  -14.877 1.164   1.00 63.61 ? 203 HIS A NE2 1 
ATOM   1476 N  N   . ALA A 1 207 ? 17.197  -10.031 5.366   1.00 53.56 ? 204 ALA A N   1 
ATOM   1477 C  CA  . ALA A 1 207 ? 16.325  -9.446  6.368   1.00 51.80 ? 204 ALA A CA  1 
ATOM   1478 C  C   . ALA A 1 207 ? 15.125  -10.359 6.594   1.00 50.62 ? 204 ALA A C   1 
ATOM   1479 O  O   . ALA A 1 207 ? 14.686  -11.089 5.703   1.00 50.08 ? 204 ALA A O   1 
ATOM   1480 C  CB  . ALA A 1 207 ? 15.870  -8.062  5.922   1.00 51.77 ? 204 ALA A CB  1 
ATOM   1481 N  N   . ALA A 1 208 ? 14.603  -10.313 7.805   1.00 49.38 ? 205 ALA A N   1 
ATOM   1482 C  CA  . ALA A 1 208 ? 13.484  -11.143 8.186   1.00 48.10 ? 205 ALA A CA  1 
ATOM   1483 C  C   . ALA A 1 208 ? 12.188  -10.527 7.678   1.00 47.06 ? 205 ALA A C   1 
ATOM   1484 O  O   . ALA A 1 208 ? 12.038  -9.306  7.699   1.00 47.29 ? 205 ALA A O   1 
ATOM   1485 C  CB  . ALA A 1 208 ? 13.446  -11.276 9.695   1.00 48.12 ? 205 ALA A CB  1 
ATOM   1486 N  N   . THR A 1 209 ? 11.246  -11.366 7.242   1.00 45.53 ? 206 THR A N   1 
ATOM   1487 C  CA  . THR A 1 209 ? 9.946   -10.879 6.810   1.00 43.73 ? 206 THR A CA  1 
ATOM   1488 C  C   . THR A 1 209 ? 9.084   -10.598 8.028   1.00 43.40 ? 206 THR A C   1 
ATOM   1489 O  O   . THR A 1 209 ? 9.472   -10.880 9.160   1.00 43.49 ? 206 THR A O   1 
ATOM   1490 C  CB  . THR A 1 209 ? 9.207   -11.862 5.898   1.00 43.41 ? 206 THR A CB  1 
ATOM   1491 O  OG1 . THR A 1 209 ? 8.842   -13.016 6.644   1.00 42.90 ? 206 THR A OG1 1 
ATOM   1492 C  CG2 . THR A 1 209 ? 10.056  -12.267 4.715   1.00 42.65 ? 206 THR A CG2 1 
ATOM   1493 N  N   . HIS A 1 210 ? 7.909   -10.027 7.787   1.00 42.54 ? 207 HIS A N   1 
ATOM   1494 C  CA  . HIS A 1 210 ? 7.009   -9.655  8.859   1.00 41.61 ? 207 HIS A CA  1 
ATOM   1495 C  C   . HIS A 1 210 ? 6.457   -10.890 9.611   1.00 40.97 ? 207 HIS A C   1 
ATOM   1496 O  O   . HIS A 1 210 ? 6.338   -10.861 10.836  1.00 40.24 ? 207 HIS A O   1 
ATOM   1497 C  CB  . HIS A 1 210 ? 5.900   -8.731  8.312   1.00 41.11 ? 207 HIS A CB  1 
ATOM   1498 C  CG  . HIS A 1 210 ? 4.785   -8.462  9.284   1.00 41.79 ? 207 HIS A CG  1 
ATOM   1499 N  ND1 . HIS A 1 210 ? 4.836   -7.450  10.225  1.00 42.62 ? 207 HIS A ND1 1 
ATOM   1500 C  CD2 . HIS A 1 210 ? 3.581   -9.065  9.450   1.00 40.66 ? 207 HIS A CD2 1 
ATOM   1501 C  CE1 . HIS A 1 210 ? 3.721   -7.448  10.933  1.00 41.83 ? 207 HIS A CE1 1 
ATOM   1502 N  NE2 . HIS A 1 210 ? 2.942   -8.415  10.480  1.00 42.39 ? 207 HIS A NE2 1 
ATOM   1503 N  N   . GLU A 1 211 ? 6.116   -11.947 8.865   1.00 40.58 ? 208 GLU A N   1 
ATOM   1504 C  CA  . GLU A 1 211 ? 5.690   -13.236 9.419   1.00 41.01 ? 208 GLU A CA  1 
ATOM   1505 C  C   . GLU A 1 211 ? 6.768   -13.817 10.324  1.00 40.46 ? 208 GLU A C   1 
ATOM   1506 O  O   . GLU A 1 211 ? 6.493   -14.257 11.441  1.00 40.44 ? 208 GLU A O   1 
ATOM   1507 C  CB  . GLU A 1 211 ? 5.495   -14.206 8.288   1.00 41.37 ? 208 GLU A CB  1 
ATOM   1508 C  CG  . GLU A 1 211 ? 4.540   -15.318 8.575   1.00 45.37 ? 208 GLU A CG  1 
ATOM   1509 C  CD  . GLU A 1 211 ? 3.857   -15.809 7.292   1.00 51.42 ? 208 GLU A CD  1 
ATOM   1510 O  OE1 . GLU A 1 211 ? 4.431   -15.609 6.186   1.00 54.03 ? 208 GLU A OE1 1 
ATOM   1511 O  OE2 . GLU A 1 211 ? 2.739   -16.377 7.380   1.00 53.40 ? 208 GLU A OE2 1 
ATOM   1512 N  N   . GLN A 1 212 ? 8.001   -13.796 9.830   1.00 39.74 ? 209 GLN A N   1 
ATOM   1513 C  CA  . GLN A 1 212 ? 9.132   -14.280 10.598  1.00 39.38 ? 209 GLN A CA  1 
ATOM   1514 C  C   . GLN A 1 212 ? 9.371   -13.449 11.847  1.00 39.59 ? 209 GLN A C   1 
ATOM   1515 O  O   . GLN A 1 212 ? 9.681   -14.002 12.907  1.00 40.14 ? 209 GLN A O   1 
ATOM   1516 C  CB  . GLN A 1 212 ? 10.388  -14.338 9.747   1.00 38.91 ? 209 GLN A CB  1 
ATOM   1517 C  CG  . GLN A 1 212 ? 10.404  -15.458 8.723   1.00 36.49 ? 209 GLN A CG  1 
ATOM   1518 C  CD  . GLN A 1 212 ? 11.505  -15.222 7.729   1.00 36.86 ? 209 GLN A CD  1 
ATOM   1519 O  OE1 . GLN A 1 212 ? 11.915  -14.076 7.524   1.00 36.48 ? 209 GLN A OE1 1 
ATOM   1520 N  NE2 . GLN A 1 212 ? 12.017  -16.285 7.122   1.00 36.28 ? 209 GLN A NE2 1 
ATOM   1521 N  N   . ILE A 1 213 ? 9.218   -12.130 11.730  1.00 39.13 ? 210 ILE A N   1 
ATOM   1522 C  CA  . ILE A 1 213 ? 9.350   -11.228 12.890  1.00 38.42 ? 210 ILE A CA  1 
ATOM   1523 C  C   . ILE A 1 213 ? 8.254   -11.484 13.954  1.00 38.49 ? 210 ILE A C   1 
ATOM   1524 O  O   . ILE A 1 213 ? 8.540   -11.443 15.157  1.00 38.82 ? 210 ILE A O   1 
ATOM   1525 C  CB  . ILE A 1 213 ? 9.466   -9.739  12.442  1.00 38.03 ? 210 ILE A CB  1 
ATOM   1526 C  CG1 . ILE A 1 213 ? 10.870  -9.476  11.914  1.00 38.42 ? 210 ILE A CG1 1 
ATOM   1527 C  CG2 . ILE A 1 213 ? 9.226   -8.776  13.574  1.00 36.09 ? 210 ILE A CG2 1 
ATOM   1528 C  CD1 . ILE A 1 213 ? 10.904  -8.688  10.640  1.00 40.70 ? 210 ILE A CD1 1 
ATOM   1529 N  N   . LYS A 1 214 ? 7.027   -11.772 13.513  1.00 38.26 ? 211 LYS A N   1 
ATOM   1530 C  CA  . LYS A 1 214 ? 5.936   -12.164 14.411  1.00 38.52 ? 211 LYS A CA  1 
ATOM   1531 C  C   . LYS A 1 214 ? 6.276   -13.449 15.195  1.00 38.42 ? 211 LYS A C   1 
ATOM   1532 O  O   . LYS A 1 214 ? 6.145   -13.484 16.429  1.00 37.94 ? 211 LYS A O   1 
ATOM   1533 C  CB  . LYS A 1 214 ? 4.652   -12.377 13.621  1.00 38.66 ? 211 LYS A CB  1 
ATOM   1534 C  CG  . LYS A 1 214 ? 3.675   -11.262 13.725  1.00 40.12 ? 211 LYS A CG  1 
ATOM   1535 C  CD  . LYS A 1 214 ? 2.404   -11.599 12.930  1.00 43.06 ? 211 LYS A CD  1 
ATOM   1536 C  CE  . LYS A 1 214 ? 1.468   -12.554 13.679  1.00 43.53 ? 211 LYS A CE  1 
ATOM   1537 N  NZ  . LYS A 1 214 ? 0.069   -12.416 13.191  1.00 42.53 ? 211 LYS A NZ  1 
ATOM   1538 N  N   . GLY A 1 215 ? 6.718   -14.485 14.465  1.00 38.06 ? 212 GLY A N   1 
ATOM   1539 C  CA  . GLY A 1 215 ? 7.187   -15.733 15.056  1.00 37.88 ? 212 GLY A CA  1 
ATOM   1540 C  C   . GLY A 1 215 ? 8.209   -15.506 16.162  1.00 37.84 ? 212 GLY A C   1 
ATOM   1541 O  O   . GLY A 1 215 ? 8.011   -15.985 17.272  1.00 38.25 ? 212 GLY A O   1 
HETATM 1542 N  N   . MSE A 1 216 ? 9.271   -14.753 15.868  1.00 37.14 ? 213 MSE A N   1 
HETATM 1543 C  CA  . MSE A 1 216 ? 10.355  -14.503 16.814  1.00 37.46 ? 213 MSE A CA  1 
HETATM 1544 C  C   . MSE A 1 216 ? 9.874   -13.785 18.062  1.00 37.69 ? 213 MSE A C   1 
HETATM 1545 O  O   . MSE A 1 216 ? 10.316  -14.090 19.175  1.00 37.53 ? 213 MSE A O   1 
HETATM 1546 C  CB  . MSE A 1 216 ? 11.476  -13.676 16.173  1.00 37.65 ? 213 MSE A CB  1 
HETATM 1547 C  CG  . MSE A 1 216 ? 12.286  -14.428 15.143  1.00 39.22 ? 213 MSE A CG  1 
HETATM 1548 SE SE  . MSE A 1 216 ? 13.895  -13.455 14.545  0.75 44.08 ? 213 MSE A SE  1 
HETATM 1549 C  CE  . MSE A 1 216 ? 13.129  -12.332 13.130  1.00 41.84 ? 213 MSE A CE  1 
ATOM   1550 N  N   . LEU A 1 217 ? 8.980   -12.809 17.881  1.00 37.91 ? 214 LEU A N   1 
ATOM   1551 C  CA  . LEU A 1 217 ? 8.472   -12.049 19.036  1.00 37.69 ? 214 LEU A CA  1 
ATOM   1552 C  C   . LEU A 1 217 ? 7.630   -12.961 19.911  1.00 36.81 ? 214 LEU A C   1 
ATOM   1553 O  O   . LEU A 1 217 ? 7.632   -12.810 21.135  1.00 36.55 ? 214 LEU A O   1 
ATOM   1554 C  CB  . LEU A 1 217 ? 7.663   -10.812 18.622  1.00 37.71 ? 214 LEU A CB  1 
ATOM   1555 C  CG  . LEU A 1 217 ? 8.415   -9.602  18.068  1.00 38.55 ? 214 LEU A CG  1 
ATOM   1556 C  CD1 . LEU A 1 217 ? 7.552   -8.933  16.992  1.00 37.09 ? 214 LEU A CD1 1 
ATOM   1557 C  CD2 . LEU A 1 217 ? 8.788   -8.625  19.176  1.00 37.54 ? 214 LEU A CD2 1 
ATOM   1558 N  N   . ALA A 1 218 ? 6.933   -13.913 19.281  1.00 35.58 ? 215 ALA A N   1 
ATOM   1559 C  CA  . ALA A 1 218 ? 6.105   -14.854 20.029  1.00 35.25 ? 215 ALA A CA  1 
ATOM   1560 C  C   . ALA A 1 218 ? 6.890   -16.104 20.484  1.00 35.13 ? 215 ALA A C   1 
ATOM   1561 O  O   . ALA A 1 218 ? 6.308   -17.014 21.058  1.00 35.21 ? 215 ALA A O   1 
ATOM   1562 C  CB  . ALA A 1 218 ? 4.866   -15.235 19.230  1.00 34.07 ? 215 ALA A CB  1 
ATOM   1563 N  N   . HIS A 1 219 ? 8.203   -16.147 20.211  1.00 35.03 ? 216 HIS A N   1 
ATOM   1564 C  CA  . HIS A 1 219 ? 9.064   -17.323 20.538  1.00 34.71 ? 216 HIS A CA  1 
ATOM   1565 C  C   . HIS A 1 219 ? 8.632   -18.607 19.844  1.00 34.42 ? 216 HIS A C   1 
ATOM   1566 O  O   . HIS A 1 219 ? 8.710   -19.682 20.424  1.00 34.16 ? 216 HIS A O   1 
ATOM   1567 C  CB  . HIS A 1 219 ? 9.178   -17.532 22.056  1.00 33.49 ? 216 HIS A CB  1 
ATOM   1568 C  CG  . HIS A 1 219 ? 9.577   -16.293 22.777  1.00 33.90 ? 216 HIS A CG  1 
ATOM   1569 N  ND1 . HIS A 1 219 ? 10.769  -15.645 22.526  1.00 36.34 ? 216 HIS A ND1 1 
ATOM   1570 C  CD2 . HIS A 1 219 ? 8.923   -15.535 23.687  1.00 34.67 ? 216 HIS A CD2 1 
ATOM   1571 C  CE1 . HIS A 1 219 ? 10.843  -14.553 23.268  1.00 35.26 ? 216 HIS A CE1 1 
ATOM   1572 N  NE2 . HIS A 1 219 ? 9.737   -14.466 23.987  1.00 34.92 ? 216 HIS A NE2 1 
HETATM 1573 N  N   . MSE A 1 220 ? 8.208   -18.474 18.594  1.00 34.87 ? 217 MSE A N   1 
HETATM 1574 C  CA  . MSE A 1 220 ? 7.681   -19.588 17.805  1.00 35.66 ? 217 MSE A CA  1 
HETATM 1575 C  C   . MSE A 1 220 ? 8.659   -20.060 16.754  1.00 35.93 ? 217 MSE A C   1 
HETATM 1576 O  O   . MSE A 1 220 ? 8.336   -20.929 15.946  1.00 36.18 ? 217 MSE A O   1 
HETATM 1577 C  CB  . MSE A 1 220 ? 6.413   -19.167 17.076  1.00 35.89 ? 217 MSE A CB  1 
HETATM 1578 C  CG  . MSE A 1 220 ? 5.360   -18.509 17.934  1.00 37.90 ? 217 MSE A CG  1 
HETATM 1579 SE SE  . MSE A 1 220 ? 4.309   -19.865 18.803  0.75 40.35 ? 217 MSE A SE  1 
HETATM 1580 C  CE  . MSE A 1 220 ? 2.617   -18.866 18.933  1.00 36.46 ? 217 MSE A CE  1 
ATOM   1581 N  N   . GLU A 1 221 ? 9.848   -19.477 16.732  1.00 36.68 ? 218 GLU A N   1 
ATOM   1582 C  CA  . GLU A 1 221 ? 10.887  -19.937 15.816  1.00 37.53 ? 218 GLU A CA  1 
ATOM   1583 C  C   . GLU A 1 221 ? 11.308  -21.360 16.164  1.00 37.80 ? 218 GLU A C   1 
ATOM   1584 O  O   . GLU A 1 221 ? 11.148  -21.790 17.306  1.00 38.32 ? 218 GLU A O   1 
ATOM   1585 C  CB  . GLU A 1 221 ? 12.096  -19.006 15.874  1.00 37.44 ? 218 GLU A CB  1 
ATOM   1586 C  CG  . GLU A 1 221 ? 13.009  -19.245 17.087  1.00 39.10 ? 218 GLU A CG  1 
ATOM   1587 C  CD  . GLU A 1 221 ? 12.583  -18.490 18.358  1.00 40.96 ? 218 GLU A CD  1 
ATOM   1588 O  OE1 . GLU A 1 221 ? 11.499  -17.815 18.356  1.00 39.12 ? 218 GLU A OE1 1 
ATOM   1589 O  OE2 . GLU A 1 221 ? 13.360  -18.585 19.352  1.00 39.40 ? 218 GLU A OE2 1 
ATOM   1590 N  N   . SER A 1 222 ? 11.834  -22.090 15.187  1.00 38.55 ? 219 SER A N   1 
ATOM   1591 C  CA  . SER A 1 222 ? 12.475  -23.368 15.470  1.00 39.10 ? 219 SER A CA  1 
ATOM   1592 C  C   . SER A 1 222 ? 13.976  -23.346 15.165  1.00 39.67 ? 219 SER A C   1 
ATOM   1593 O  O   . SER A 1 222 ? 14.390  -23.095 14.039  1.00 39.74 ? 219 SER A O   1 
ATOM   1594 C  CB  . SER A 1 222 ? 11.780  -24.539 14.771  1.00 38.77 ? 219 SER A CB  1 
ATOM   1595 O  OG  . SER A 1 222 ? 12.264  -25.775 15.301  1.00 39.52 ? 219 SER A OG  1 
ATOM   1596 N  N   . VAL A 1 223 ? 14.769  -23.586 16.208  1.00 40.41 ? 220 VAL A N   1 
ATOM   1597 C  CA  . VAL A 1 223 ? 16.212  -23.792 16.119  1.00 40.84 ? 220 VAL A CA  1 
ATOM   1598 C  C   . VAL A 1 223 ? 16.517  -25.240 15.699  1.00 41.37 ? 220 VAL A C   1 
ATOM   1599 O  O   . VAL A 1 223 ? 16.006  -25.735 14.681  1.00 41.65 ? 220 VAL A O   1 
ATOM   1600 C  CB  . VAL A 1 223 ? 16.882  -23.466 17.473  1.00 40.30 ? 220 VAL A CB  1 
HETATM 1601 O  O   . HOH B 2 .   ? -7.681  1.924   8.172   1.00 26.14 ? 221 HOH A O   1 
HETATM 1602 O  O   . HOH B 2 .   ? -7.257  -2.295  14.032  1.00 48.49 ? 222 HOH A O   1 
HETATM 1603 O  O   . HOH B 2 .   ? -6.851  21.855  7.210   1.00 32.29 ? 223 HOH A O   1 
HETATM 1604 O  O   . HOH B 2 .   ? -13.175 9.558   -0.963  1.00 30.94 ? 224 HOH A O   1 
HETATM 1605 O  O   . HOH B 2 .   ? -11.487 8.892   -5.859  1.00 42.82 ? 225 HOH A O   1 
HETATM 1606 O  O   . HOH B 2 .   ? 15.443  -6.393  -8.079  1.00 43.30 ? 226 HOH A O   1 
HETATM 1607 O  O   . HOH B 2 .   ? 15.154  -3.876  -11.473 1.00 46.74 ? 227 HOH A O   1 
HETATM 1608 O  O   . HOH B 2 .   ? 5.811   1.846   13.322  1.00 46.96 ? 228 HOH A O   1 
HETATM 1609 O  O   . HOH B 2 .   ? -3.659  6.234   5.741   1.00 42.63 ? 229 HOH A O   1 
HETATM 1610 O  O   . HOH B 2 .   ? -0.297  -3.428  18.636  1.00 44.72 ? 230 HOH A O   1 
HETATM 1611 O  O   . HOH B 2 .   ? 16.961  9.530   2.775   1.00 54.28 ? 231 HOH A O   1 
HETATM 1612 O  O   . HOH B 2 .   ? -3.406  6.708   8.988   1.00 38.69 ? 232 HOH A O   1 
HETATM 1613 O  O   . HOH B 2 .   ? -20.890 -0.083  -8.537  1.00 37.31 ? 233 HOH A O   1 
HETATM 1614 O  O   . HOH B 2 .   ? -2.650  29.157  4.345   1.00 33.74 ? 234 HOH A O   1 
HETATM 1615 O  O   . HOH B 2 .   ? 12.999  -1.868  11.076  1.00 40.60 ? 235 HOH A O   1 
HETATM 1616 O  O   . HOH B 2 .   ? 7.356   -5.341  6.741   1.00 29.62 ? 236 HOH A O   1 
HETATM 1617 O  O   . HOH B 2 .   ? 16.931  2.411   -10.284 1.00 41.18 ? 237 HOH A O   1 
HETATM 1618 O  O   . HOH B 2 .   ? -10.299 10.291  -2.369  1.00 31.37 ? 238 HOH A O   1 
HETATM 1619 O  O   . HOH B 2 .   ? -7.440  -13.256 4.253   1.00 53.51 ? 239 HOH A O   1 
HETATM 1620 O  O   . HOH B 2 .   ? -9.850  7.628   -12.809 1.00 30.90 ? 240 HOH A O   1 
HETATM 1621 O  O   . HOH B 2 .   ? 1.713   -7.020  13.610  1.00 31.81 ? 241 HOH A O   1 
HETATM 1622 O  O   . HOH B 2 .   ? 12.257  4.522   -14.877 1.00 36.97 ? 242 HOH A O   1 
HETATM 1623 O  O   . HOH B 2 .   ? -1.540  -7.874  -6.304  1.00 44.70 ? 243 HOH A O   1 
HETATM 1624 O  O   . HOH B 2 .   ? -27.608 3.985   -4.865  1.00 41.50 ? 244 HOH A O   1 
HETATM 1625 O  O   . HOH B 2 .   ? -6.079  7.809   -10.399 1.00 42.22 ? 245 HOH A O   1 
HETATM 1626 O  O   . HOH B 2 .   ? 7.754   -14.752 5.626   1.00 72.81 ? 246 HOH A O   1 
HETATM 1627 O  O   . HOH B 2 .   ? -7.837  2.592   2.391   1.00 31.47 ? 247 HOH A O   1 
HETATM 1628 O  O   . HOH B 2 .   ? -11.380 9.795   -12.584 1.00 42.76 ? 248 HOH A O   1 
HETATM 1629 O  O   . HOH B 2 .   ? 13.905  4.501   9.321   1.00 50.82 ? 249 HOH A O   1 
HETATM 1630 O  O   . HOH B 2 .   ? -19.971 -2.950  2.156   1.00 35.13 ? 250 HOH A O   1 
HETATM 1631 O  O   . HOH B 2 .   ? -17.912 -4.937  3.988   1.00 39.68 ? 251 HOH A O   1 
HETATM 1632 O  O   . HOH B 2 .   ? -17.034 -3.907  1.669   1.00 34.49 ? 252 HOH A O   1 
HETATM 1633 O  O   . HOH B 2 .   ? -17.155 7.805   -8.635  1.00 34.63 ? 253 HOH A O   1 
HETATM 1634 O  O   . HOH B 2 .   ? 11.618  12.477  6.126   1.00 44.64 ? 254 HOH A O   1 
HETATM 1635 O  O   . HOH B 2 .   ? -25.071 -1.535  -6.276  1.00 40.92 ? 255 HOH A O   1 
HETATM 1636 O  O   . HOH B 2 .   ? -2.842  -5.823  -8.329  1.00 36.39 ? 256 HOH A O   1 
HETATM 1637 O  O   . HOH B 2 .   ? 9.278   -4.088  -16.399 1.00 45.70 ? 257 HOH A O   1 
HETATM 1638 O  O   . HOH B 2 .   ? -0.142  12.849  5.983   1.00 43.68 ? 258 HOH A O   1 
HETATM 1639 O  O   . HOH B 2 .   ? -16.066 -11.939 1.562   1.00 34.96 ? 259 HOH A O   1 
HETATM 1640 O  O   . HOH B 2 .   ? -5.746  -6.012  10.119  1.00 30.69 ? 260 HOH A O   1 
HETATM 1641 O  O   . HOH B 2 .   ? -2.975  -7.451  11.239  1.00 27.45 ? 261 HOH A O   1 
HETATM 1642 O  O   . HOH B 2 .   ? 4.655   -8.190  -9.012  1.00 47.28 ? 262 HOH A O   1 
HETATM 1643 O  O   . HOH B 2 .   ? -14.547 12.187  6.206   1.00 36.24 ? 263 HOH A O   1 
HETATM 1644 O  O   . HOH B 2 .   ? 8.416   14.216  0.590   1.00 31.93 ? 264 HOH A O   1 
HETATM 1645 O  O   . HOH B 2 .   ? 6.091   15.716  2.080   1.00 32.81 ? 265 HOH A O   1 
HETATM 1646 O  O   . HOH B 2 .   ? 9.914   19.642  3.197   1.00 45.62 ? 266 HOH A O   1 
HETATM 1647 O  O   . HOH B 2 .   ? 0.690   19.923  7.570   1.00 39.60 ? 267 HOH A O   1 
HETATM 1648 O  O   . HOH B 2 .   ? -9.758  -1.866  1.952   1.00 30.15 ? 268 HOH A O   1 
HETATM 1649 O  O   . HOH B 2 .   ? 14.227  11.601  13.830  1.00 40.81 ? 269 HOH A O   1 
HETATM 1650 O  O   . HOH B 2 .   ? -3.330  3.028   22.506  1.00 33.34 ? 270 HOH A O   1 
HETATM 1651 O  O   . HOH B 2 .   ? 4.528   -7.717  -4.640  1.00 43.57 ? 271 HOH A O   1 
HETATM 1652 O  O   . HOH B 2 .   ? -3.599  -5.336  12.116  1.00 26.85 ? 272 HOH A O   1 
HETATM 1653 O  O   . HOH B 2 .   ? -7.609  -12.624 -3.093  1.00 48.55 ? 273 HOH A O   1 
# 
